data_2LD3
#
_entry.id   2LD3
#
_entity_poly.entity_id   1
_entity_poly.type   'polypeptide(L)'
_entity_poly.pdbx_seq_one_letter_code
;QGPGSLVKVGTLKKRLDKFNEVVSALKDGKPEVNRQIKNLEISIDALMAKIKSTMMTREQIQKEYDALVKSSEDLLSALQ
KKKQQEEE
;
_entity_poly.pdbx_strand_id   A
#
# COMPACT_ATOMS: atom_id res chain seq x y z
N GLN A 1 24.25 0.90 13.20
CA GLN A 1 23.36 0.99 12.05
C GLN A 1 21.90 0.84 12.47
N GLY A 2 21.02 1.60 11.83
CA GLY A 2 19.61 1.54 12.16
C GLY A 2 18.72 1.70 10.93
N PRO A 3 17.43 1.39 11.06
CA PRO A 3 16.48 1.51 9.95
C PRO A 3 16.51 2.88 9.30
N GLY A 4 16.17 3.90 10.08
CA GLY A 4 16.18 5.26 9.57
C GLY A 4 14.97 5.54 8.68
N SER A 5 15.12 5.31 7.38
CA SER A 5 14.04 5.54 6.44
C SER A 5 13.11 4.34 6.36
N LEU A 6 13.64 3.16 6.70
CA LEU A 6 12.86 1.93 6.66
C LEU A 6 11.60 2.06 7.51
N VAL A 7 11.69 2.83 8.59
CA VAL A 7 10.55 3.04 9.48
C VAL A 7 9.32 3.52 8.72
N LYS A 8 9.52 4.49 7.83
CA LYS A 8 8.41 5.02 7.04
C LYS A 8 7.78 3.92 6.19
N VAL A 9 8.62 3.14 5.54
CA VAL A 9 8.15 2.04 4.71
C VAL A 9 7.29 1.08 5.52
N GLY A 10 7.74 0.76 6.72
CA GLY A 10 6.99 -0.12 7.58
C GLY A 10 5.64 0.46 7.97
N THR A 11 5.61 1.77 8.19
CA THR A 11 4.39 2.46 8.56
C THR A 11 3.31 2.22 7.50
N LEU A 12 3.69 2.41 6.24
CA LEU A 12 2.75 2.21 5.13
C LEU A 12 2.28 0.76 5.12
N LYS A 13 3.20 -0.17 5.37
CA LYS A 13 2.85 -1.59 5.41
C LYS A 13 1.69 -1.79 6.37
N LYS A 14 1.73 -1.06 7.47
CA LYS A 14 0.68 -1.14 8.47
C LYS A 14 -0.62 -0.60 7.88
N ARG A 15 -0.51 0.49 7.11
CA ARG A 15 -1.68 1.07 6.46
C ARG A 15 -2.28 0.08 5.48
N LEU A 16 -1.42 -0.73 4.87
CA LEU A 16 -1.86 -1.74 3.92
C LEU A 16 -2.75 -2.76 4.61
N ASP A 17 -2.29 -3.27 5.75
CA ASP A 17 -3.06 -4.25 6.51
C ASP A 17 -4.42 -3.66 6.89
N LYS A 18 -4.43 -2.37 7.20
CA LYS A 18 -5.66 -1.68 7.57
C LYS A 18 -6.66 -1.77 6.43
N PHE A 19 -6.19 -1.56 5.20
CA PHE A 19 -7.05 -1.62 4.03
C PHE A 19 -7.63 -3.02 3.88
N ASN A 20 -6.80 -4.03 4.13
CA ASN A 20 -7.23 -5.41 4.03
C ASN A 20 -8.44 -5.67 4.91
N GLU A 21 -8.38 -5.18 6.14
CA GLU A 21 -9.48 -5.35 7.10
C GLU A 21 -10.76 -4.73 6.55
N VAL A 22 -10.68 -3.45 6.21
CA VAL A 22 -11.84 -2.73 5.66
C VAL A 22 -12.39 -3.44 4.42
N VAL A 23 -11.48 -3.98 3.61
CA VAL A 23 -11.87 -4.68 2.40
C VAL A 23 -12.43 -6.06 2.73
N SER A 24 -11.90 -6.67 3.79
CA SER A 24 -12.34 -7.99 4.21
C SER A 24 -13.81 -7.95 4.63
N ALA A 25 -14.22 -6.82 5.19
CA ALA A 25 -15.59 -6.63 5.64
C ALA A 25 -16.51 -6.22 4.49
N LEU A 26 -15.94 -6.06 3.30
CA LEU A 26 -16.71 -5.67 2.12
C LEU A 26 -17.24 -6.89 1.39
N LYS A 27 -16.34 -7.79 1.00
CA LYS A 27 -16.71 -9.02 0.28
C LYS A 27 -17.09 -8.73 -1.17
N ASP A 28 -16.97 -7.47 -1.58
CA ASP A 28 -17.29 -7.07 -2.95
C ASP A 28 -16.05 -6.56 -3.68
N GLY A 29 -15.91 -6.96 -4.94
CA GLY A 29 -14.76 -6.53 -5.72
C GLY A 29 -13.45 -6.94 -5.08
N LYS A 30 -13.33 -8.22 -4.75
CA LYS A 30 -12.11 -8.74 -4.13
C LYS A 30 -10.95 -8.79 -5.11
N PRO A 31 -11.19 -9.26 -6.35
CA PRO A 31 -10.14 -9.38 -7.37
C PRO A 31 -9.38 -8.06 -7.58
N GLU A 32 -10.13 -6.97 -7.75
CA GLU A 32 -9.53 -5.66 -7.98
C GLU A 32 -8.76 -5.19 -6.75
N VAL A 33 -9.29 -5.46 -5.57
CA VAL A 33 -8.65 -5.04 -4.32
C VAL A 33 -7.39 -5.87 -4.04
N ASN A 34 -7.55 -7.18 -3.95
CA ASN A 34 -6.42 -8.05 -3.68
C ASN A 34 -5.33 -7.89 -4.74
N ARG A 35 -5.74 -7.48 -5.94
CA ARG A 35 -4.79 -7.28 -7.05
C ARG A 35 -3.95 -6.03 -6.85
N GLN A 36 -4.61 -4.93 -6.49
CA GLN A 36 -3.92 -3.67 -6.27
C GLN A 36 -3.18 -3.73 -4.95
N ILE A 37 -3.90 -4.19 -3.94
CA ILE A 37 -3.34 -4.34 -2.61
C ILE A 37 -2.13 -5.26 -2.65
N LYS A 38 -2.14 -6.22 -3.58
CA LYS A 38 -1.04 -7.16 -3.71
C LYS A 38 0.22 -6.49 -4.26
N ASN A 39 0.09 -5.83 -5.41
CA ASN A 39 1.24 -5.17 -6.03
C ASN A 39 1.81 -4.10 -5.11
N LEU A 40 0.98 -3.56 -4.22
CA LEU A 40 1.43 -2.55 -3.29
C LEU A 40 2.22 -3.19 -2.15
N GLU A 41 1.67 -4.27 -1.60
CA GLU A 41 2.35 -4.99 -0.53
C GLU A 41 3.73 -5.40 -1.01
N ILE A 42 3.80 -5.79 -2.27
CA ILE A 42 5.04 -6.20 -2.90
C ILE A 42 5.94 -4.98 -3.10
N SER A 43 5.33 -3.87 -3.52
CA SER A 43 6.07 -2.63 -3.74
C SER A 43 6.81 -2.22 -2.48
N ILE A 44 6.07 -2.08 -1.39
CA ILE A 44 6.65 -1.69 -0.11
C ILE A 44 7.72 -2.71 0.32
N ASP A 45 7.38 -3.98 0.23
CA ASP A 45 8.30 -5.05 0.60
C ASP A 45 9.55 -4.99 -0.28
N ALA A 46 9.36 -4.58 -1.54
CA ALA A 46 10.48 -4.47 -2.47
C ALA A 46 11.51 -3.49 -1.95
N LEU A 47 11.05 -2.31 -1.54
CA LEU A 47 11.93 -1.29 -1.00
C LEU A 47 12.73 -1.85 0.17
N MET A 48 12.03 -2.41 1.15
CA MET A 48 12.66 -2.98 2.32
C MET A 48 13.87 -3.84 1.94
N ALA A 49 13.65 -4.79 1.05
CA ALA A 49 14.73 -5.65 0.58
C ALA A 49 15.81 -4.84 -0.12
N LYS A 50 15.41 -3.69 -0.66
CA LYS A 50 16.33 -2.80 -1.37
C LYS A 50 17.10 -1.95 -0.36
N ILE A 51 16.48 -1.67 0.77
CA ILE A 51 17.10 -0.85 1.80
C ILE A 51 18.22 -1.61 2.50
N LYS A 52 18.01 -2.91 2.71
CA LYS A 52 19.00 -3.74 3.37
C LYS A 52 19.92 -4.44 2.37
N SER A 53 19.41 -4.68 1.16
CA SER A 53 20.20 -5.35 0.13
C SER A 53 20.69 -4.36 -0.92
N THR A 54 20.79 -3.10 -0.53
CA THR A 54 21.27 -2.04 -1.43
C THR A 54 21.20 -0.68 -0.75
N MET A 55 22.10 0.22 -1.14
CA MET A 55 22.13 1.56 -0.57
C MET A 55 21.14 2.48 -1.28
N MET A 56 19.86 2.28 -1.01
CA MET A 56 18.82 3.09 -1.62
C MET A 56 18.78 4.48 -0.98
N THR A 57 18.60 5.50 -1.81
CA THR A 57 18.53 6.87 -1.33
C THR A 57 17.18 7.17 -0.72
N ARG A 58 17.17 7.90 0.40
CA ARG A 58 15.93 8.26 1.07
C ARG A 58 14.98 8.97 0.11
N GLU A 59 15.54 9.77 -0.79
CA GLU A 59 14.75 10.49 -1.77
C GLU A 59 13.92 9.53 -2.60
N GLN A 60 14.54 8.44 -3.04
CA GLN A 60 13.88 7.43 -3.84
C GLN A 60 12.73 6.81 -3.05
N ILE A 61 12.91 6.72 -1.72
CA ILE A 61 11.89 6.15 -0.86
C ILE A 61 10.72 7.12 -0.69
N GLN A 62 11.04 8.41 -0.64
CA GLN A 62 10.02 9.44 -0.48
C GLN A 62 9.03 9.40 -1.65
N LYS A 63 9.56 9.42 -2.87
CA LYS A 63 8.72 9.37 -4.06
C LYS A 63 7.97 8.06 -4.12
N GLU A 64 8.67 6.96 -3.89
CA GLU A 64 8.03 5.65 -3.90
C GLU A 64 6.89 5.65 -2.90
N TYR A 65 7.09 6.37 -1.80
CA TYR A 65 6.07 6.49 -0.78
C TYR A 65 4.87 7.21 -1.39
N ASP A 66 5.16 8.17 -2.26
CA ASP A 66 4.11 8.91 -2.95
C ASP A 66 3.39 8.01 -3.94
N ALA A 67 4.16 7.13 -4.59
CA ALA A 67 3.57 6.19 -5.54
C ALA A 67 2.53 5.33 -4.84
N LEU A 68 2.83 4.99 -3.59
CA LEU A 68 1.92 4.19 -2.79
C LEU A 68 0.75 5.04 -2.30
N VAL A 69 1.01 6.33 -2.09
CA VAL A 69 -0.03 7.25 -1.64
C VAL A 69 -1.04 7.50 -2.75
N LYS A 70 -0.57 7.49 -3.99
CA LYS A 70 -1.44 7.70 -5.14
C LYS A 70 -2.31 6.47 -5.38
N SER A 71 -1.67 5.31 -5.40
CA SER A 71 -2.38 4.06 -5.61
C SER A 71 -3.28 3.76 -4.41
N SER A 72 -2.76 3.99 -3.21
CA SER A 72 -3.52 3.75 -1.99
C SER A 72 -4.72 4.68 -1.91
N GLU A 73 -4.47 5.96 -2.16
CA GLU A 73 -5.54 6.96 -2.13
C GLU A 73 -6.69 6.56 -3.03
N ASP A 74 -6.35 6.10 -4.24
CA ASP A 74 -7.37 5.67 -5.19
C ASP A 74 -8.12 4.45 -4.68
N LEU A 75 -7.40 3.59 -3.96
CA LEU A 75 -8.01 2.38 -3.41
C LEU A 75 -9.14 2.73 -2.44
N LEU A 76 -8.88 3.69 -1.57
CA LEU A 76 -9.90 4.13 -0.60
C LEU A 76 -11.10 4.67 -1.34
N SER A 77 -10.85 5.61 -2.25
CA SER A 77 -11.91 6.22 -3.03
C SER A 77 -12.71 5.15 -3.77
N ALA A 78 -11.99 4.16 -4.31
CA ALA A 78 -12.62 3.07 -5.03
C ALA A 78 -13.47 2.23 -4.10
N LEU A 79 -12.95 1.99 -2.90
CA LEU A 79 -13.66 1.20 -1.89
C LEU A 79 -14.95 1.90 -1.48
N GLN A 80 -14.86 3.21 -1.26
CA GLN A 80 -16.01 4.00 -0.87
C GLN A 80 -17.14 3.85 -1.87
N LYS A 81 -16.82 4.04 -3.14
CA LYS A 81 -17.82 3.90 -4.20
C LYS A 81 -18.35 2.46 -4.22
N LYS A 82 -17.49 1.53 -3.80
CA LYS A 82 -17.85 0.11 -3.77
C LYS A 82 -18.89 -0.16 -2.69
N LYS A 83 -18.58 0.21 -1.45
CA LYS A 83 -19.49 -0.04 -0.34
C LYS A 83 -20.82 0.70 -0.54
N GLN A 84 -20.73 1.98 -0.90
CA GLN A 84 -21.92 2.79 -1.12
C GLN A 84 -22.75 2.23 -2.28
N GLN A 85 -22.07 1.63 -3.25
CA GLN A 85 -22.74 1.05 -4.41
C GLN A 85 -23.56 -0.15 -4.00
N GLU A 86 -23.01 -0.96 -3.10
CA GLU A 86 -23.70 -2.17 -2.62
C GLU A 86 -24.02 -3.11 -3.78
N GLU A 87 -23.19 -3.07 -4.82
CA GLU A 87 -23.39 -3.92 -5.99
C GLU A 87 -22.11 -4.03 -6.81
N GLU A 88 -21.73 -5.26 -7.15
CA GLU A 88 -20.51 -5.49 -7.92
C GLU A 88 -20.73 -5.12 -9.39
N GLN A 1 24.17 0.05 10.86
CA GLN A 1 23.01 -0.39 10.11
C GLN A 1 21.72 -0.09 10.86
N GLY A 2 21.62 1.12 11.39
CA GLY A 2 20.43 1.51 12.13
C GLY A 2 19.25 1.80 11.23
N PRO A 3 18.02 1.49 11.67
CA PRO A 3 16.80 1.73 10.88
C PRO A 3 16.69 3.17 10.40
N GLY A 4 16.46 3.34 9.10
CA GLY A 4 16.34 4.67 8.54
C GLY A 4 15.02 4.87 7.81
N SER A 5 15.01 4.57 6.51
CA SER A 5 13.82 4.73 5.70
C SER A 5 12.82 3.58 5.97
N LEU A 6 13.32 2.49 6.53
CA LEU A 6 12.49 1.33 6.84
C LEU A 6 11.28 1.73 7.69
N VAL A 7 11.47 2.74 8.54
CA VAL A 7 10.40 3.21 9.40
C VAL A 7 9.16 3.60 8.60
N LYS A 8 9.35 4.40 7.57
CA LYS A 8 8.25 4.84 6.71
C LYS A 8 7.70 3.66 5.90
N VAL A 9 8.61 2.87 5.36
CA VAL A 9 8.23 1.70 4.57
C VAL A 9 7.35 0.77 5.41
N GLY A 10 7.72 0.61 6.67
CA GLY A 10 6.96 -0.23 7.57
C GLY A 10 5.58 0.34 7.82
N THR A 11 5.50 1.66 7.98
CA THR A 11 4.23 2.32 8.22
C THR A 11 3.28 2.09 7.05
N LEU A 12 3.86 1.97 5.85
CA LEU A 12 3.05 1.72 4.65
C LEU A 12 2.47 0.32 4.72
N LYS A 13 3.31 -0.66 4.99
CA LYS A 13 2.84 -2.04 5.11
C LYS A 13 1.69 -2.09 6.11
N LYS A 14 1.76 -1.22 7.10
CA LYS A 14 0.72 -1.12 8.11
C LYS A 14 -0.55 -0.55 7.49
N ARG A 15 -0.36 0.43 6.60
CA ARG A 15 -1.49 1.04 5.91
C ARG A 15 -2.17 0.00 5.03
N LEU A 16 -1.38 -0.94 4.51
CA LEU A 16 -1.89 -2.00 3.68
C LEU A 16 -2.81 -2.91 4.48
N ASP A 17 -2.35 -3.28 5.67
CA ASP A 17 -3.13 -4.15 6.56
C ASP A 17 -4.47 -3.49 6.87
N LYS A 18 -4.44 -2.16 7.01
CA LYS A 18 -5.65 -1.40 7.29
C LYS A 18 -6.67 -1.59 6.16
N PHE A 19 -6.20 -1.42 4.92
CA PHE A 19 -7.06 -1.59 3.76
C PHE A 19 -7.60 -3.01 3.70
N ASN A 20 -6.75 -3.98 4.07
CA ASN A 20 -7.13 -5.38 4.07
C ASN A 20 -8.35 -5.59 4.97
N GLU A 21 -8.31 -4.97 6.14
CA GLU A 21 -9.41 -5.09 7.10
C GLU A 21 -10.71 -4.58 6.47
N VAL A 22 -10.64 -3.37 5.91
CA VAL A 22 -11.80 -2.78 5.26
C VAL A 22 -12.30 -3.68 4.15
N VAL A 23 -11.37 -4.31 3.44
CA VAL A 23 -11.71 -5.22 2.35
C VAL A 23 -12.38 -6.48 2.89
N SER A 24 -11.86 -6.99 3.99
CA SER A 24 -12.41 -8.19 4.61
C SER A 24 -13.87 -7.98 4.97
N ALA A 25 -14.20 -6.76 5.36
CA ALA A 25 -15.57 -6.42 5.74
C ALA A 25 -16.39 -6.01 4.51
N LEU A 26 -15.71 -5.71 3.41
CA LEU A 26 -16.39 -5.31 2.18
C LEU A 26 -17.03 -6.52 1.49
N LYS A 27 -16.26 -7.58 1.30
CA LYS A 27 -16.74 -8.79 0.65
C LYS A 27 -17.05 -8.56 -0.83
N ASP A 28 -16.64 -7.40 -1.34
CA ASP A 28 -16.88 -7.06 -2.74
C ASP A 28 -15.60 -6.55 -3.41
N GLY A 29 -15.50 -6.74 -4.71
CA GLY A 29 -14.33 -6.31 -5.44
C GLY A 29 -13.05 -6.90 -4.89
N LYS A 30 -13.14 -8.13 -4.40
CA LYS A 30 -11.99 -8.82 -3.83
C LYS A 30 -10.82 -8.86 -4.81
N PRO A 31 -11.03 -9.40 -6.01
CA PRO A 31 -9.97 -9.49 -7.03
C PRO A 31 -9.37 -8.14 -7.40
N GLU A 32 -10.23 -7.14 -7.54
CA GLU A 32 -9.77 -5.79 -7.90
C GLU A 32 -8.89 -5.19 -6.80
N VAL A 33 -9.39 -5.22 -5.58
CA VAL A 33 -8.65 -4.67 -4.45
C VAL A 33 -7.41 -5.50 -4.12
N ASN A 34 -7.58 -6.81 -3.99
CA ASN A 34 -6.45 -7.67 -3.67
C ASN A 34 -5.39 -7.61 -4.77
N ARG A 35 -5.80 -7.26 -5.99
CA ARG A 35 -4.88 -7.18 -7.12
C ARG A 35 -4.00 -5.93 -7.00
N GLN A 36 -4.63 -4.79 -6.72
CA GLN A 36 -3.90 -3.54 -6.58
C GLN A 36 -3.16 -3.53 -5.25
N ILE A 37 -3.90 -3.91 -4.21
CA ILE A 37 -3.36 -3.99 -2.87
C ILE A 37 -2.16 -4.93 -2.83
N LYS A 38 -2.19 -5.95 -3.68
CA LYS A 38 -1.09 -6.90 -3.76
C LYS A 38 0.15 -6.25 -4.36
N ASN A 39 -0.02 -5.64 -5.54
CA ASN A 39 1.09 -4.96 -6.20
C ASN A 39 1.76 -3.95 -5.27
N LEU A 40 0.98 -3.40 -4.34
CA LEU A 40 1.49 -2.41 -3.40
C LEU A 40 2.29 -3.08 -2.30
N GLU A 41 1.74 -4.14 -1.70
CA GLU A 41 2.44 -4.85 -0.65
C GLU A 41 3.79 -5.32 -1.17
N ILE A 42 3.83 -5.60 -2.47
CA ILE A 42 5.05 -6.02 -3.14
C ILE A 42 6.02 -4.85 -3.26
N SER A 43 5.47 -3.69 -3.65
CA SER A 43 6.28 -2.49 -3.79
C SER A 43 6.98 -2.13 -2.49
N ILE A 44 6.19 -2.04 -1.41
CA ILE A 44 6.74 -1.71 -0.10
C ILE A 44 7.80 -2.71 0.31
N ASP A 45 7.47 -3.99 0.25
CA ASP A 45 8.41 -5.05 0.59
C ASP A 45 9.66 -4.94 -0.26
N ALA A 46 9.49 -4.52 -1.50
CA ALA A 46 10.61 -4.35 -2.41
C ALA A 46 11.63 -3.38 -1.82
N LEU A 47 11.14 -2.23 -1.38
CA LEU A 47 12.00 -1.22 -0.78
C LEU A 47 12.79 -1.81 0.37
N MET A 48 12.07 -2.43 1.32
CA MET A 48 12.70 -3.04 2.48
C MET A 48 13.93 -3.86 2.09
N ALA A 49 13.75 -4.76 1.13
CA ALA A 49 14.84 -5.59 0.66
C ALA A 49 15.92 -4.73 0.01
N LYS A 50 15.52 -3.56 -0.49
CA LYS A 50 16.45 -2.64 -1.13
C LYS A 50 17.18 -1.81 -0.09
N ILE A 51 16.53 -1.59 1.05
CA ILE A 51 17.11 -0.80 2.12
C ILE A 51 18.24 -1.55 2.81
N LYS A 52 18.03 -2.84 3.04
CA LYS A 52 19.03 -3.67 3.71
C LYS A 52 19.96 -4.35 2.71
N SER A 53 19.45 -4.63 1.52
CA SER A 53 20.25 -5.31 0.49
C SER A 53 20.78 -4.33 -0.54
N THR A 54 20.85 -3.06 -0.17
CA THR A 54 21.33 -2.01 -1.06
C THR A 54 21.25 -0.64 -0.39
N MET A 55 22.08 0.30 -0.85
CA MET A 55 22.10 1.64 -0.30
C MET A 55 21.18 2.56 -1.09
N MET A 56 19.89 2.51 -0.79
CA MET A 56 18.91 3.34 -1.47
C MET A 56 18.79 4.71 -0.81
N THR A 57 18.63 5.74 -1.62
CA THR A 57 18.51 7.11 -1.11
C THR A 57 17.10 7.35 -0.58
N ARG A 58 17.01 8.06 0.55
CA ARG A 58 15.72 8.37 1.16
C ARG A 58 14.79 9.04 0.15
N GLU A 59 15.37 9.81 -0.77
CA GLU A 59 14.60 10.51 -1.79
C GLU A 59 13.81 9.51 -2.63
N GLN A 60 14.49 8.47 -3.11
CA GLN A 60 13.86 7.44 -3.91
C GLN A 60 12.76 6.73 -3.11
N ILE A 61 12.98 6.62 -1.81
CA ILE A 61 12.01 5.98 -0.93
C ILE A 61 10.77 6.85 -0.76
N GLN A 62 10.97 8.16 -0.76
CA GLN A 62 9.88 9.12 -0.60
C GLN A 62 8.93 9.06 -1.81
N LYS A 63 9.51 9.05 -3.01
CA LYS A 63 8.71 9.01 -4.22
C LYS A 63 7.94 7.69 -4.31
N GLU A 64 8.64 6.58 -4.14
CA GLU A 64 7.97 5.28 -4.17
C GLU A 64 6.87 5.27 -3.14
N TYR A 65 7.10 5.98 -2.03
CA TYR A 65 6.11 6.09 -0.98
C TYR A 65 4.91 6.83 -1.54
N ASP A 66 5.19 7.81 -2.40
CA ASP A 66 4.13 8.59 -3.04
C ASP A 66 3.36 7.72 -4.01
N ALA A 67 4.08 6.83 -4.70
CA ALA A 67 3.44 5.94 -5.65
C ALA A 67 2.39 5.10 -4.95
N LEU A 68 2.72 4.69 -3.73
CA LEU A 68 1.80 3.90 -2.92
C LEU A 68 0.71 4.79 -2.36
N VAL A 69 1.02 6.06 -2.14
CA VAL A 69 0.06 7.02 -1.61
C VAL A 69 -0.99 7.34 -2.68
N LYS A 70 -0.56 7.42 -3.93
CA LYS A 70 -1.46 7.71 -5.04
C LYS A 70 -2.42 6.54 -5.25
N SER A 71 -1.86 5.34 -5.32
CA SER A 71 -2.67 4.14 -5.50
C SER A 71 -3.52 3.89 -4.26
N SER A 72 -2.98 4.21 -3.10
CA SER A 72 -3.70 4.04 -1.84
C SER A 72 -4.90 4.97 -1.78
N GLU A 73 -4.68 6.24 -2.13
CA GLU A 73 -5.76 7.23 -2.13
C GLU A 73 -6.92 6.75 -3.00
N ASP A 74 -6.59 6.31 -4.21
CA ASP A 74 -7.60 5.82 -5.14
C ASP A 74 -8.31 4.59 -4.58
N LEU A 75 -7.59 3.80 -3.79
CA LEU A 75 -8.14 2.60 -3.18
C LEU A 75 -9.27 2.95 -2.22
N LEU A 76 -9.06 3.99 -1.43
CA LEU A 76 -10.06 4.42 -0.46
C LEU A 76 -11.31 4.92 -1.20
N SER A 77 -11.09 5.80 -2.16
CA SER A 77 -12.19 6.35 -2.95
C SER A 77 -12.95 5.24 -3.68
N ALA A 78 -12.22 4.25 -4.17
CA ALA A 78 -12.83 3.14 -4.88
C ALA A 78 -13.60 2.23 -3.93
N LEU A 79 -12.93 1.79 -2.86
CA LEU A 79 -13.56 0.93 -1.87
C LEU A 79 -14.80 1.60 -1.26
N GLN A 80 -14.74 2.92 -1.12
CA GLN A 80 -15.85 3.68 -0.55
C GLN A 80 -17.06 3.63 -1.47
N LYS A 81 -16.86 3.96 -2.74
CA LYS A 81 -17.95 3.94 -3.71
C LYS A 81 -18.56 2.54 -3.77
N LYS A 82 -17.73 1.54 -3.48
CA LYS A 82 -18.18 0.15 -3.50
C LYS A 82 -19.18 -0.15 -2.38
N LYS A 83 -18.75 0.08 -1.15
CA LYS A 83 -19.62 -0.19 0.01
C LYS A 83 -20.89 0.65 -0.02
N GLN A 84 -20.76 1.93 -0.38
CA GLN A 84 -21.91 2.81 -0.42
C GLN A 84 -22.91 2.38 -1.50
N GLN A 85 -22.39 1.87 -2.62
CA GLN A 85 -23.26 1.42 -3.71
C GLN A 85 -23.92 0.09 -3.36
N GLU A 86 -23.10 -0.90 -2.99
CA GLU A 86 -23.61 -2.23 -2.63
C GLU A 86 -24.63 -2.73 -3.65
N GLU A 87 -25.30 -3.82 -3.32
CA GLU A 87 -26.30 -4.40 -4.20
C GLU A 87 -27.65 -3.73 -3.99
N GLU A 88 -28.10 -3.69 -2.74
CA GLU A 88 -29.38 -3.07 -2.41
C GLU A 88 -29.19 -1.98 -1.35
N GLN A 1 23.11 -0.05 5.51
CA GLN A 1 22.86 1.15 4.72
C GLN A 1 21.45 1.67 4.97
N GLY A 2 21.32 2.99 5.11
CA GLY A 2 20.03 3.60 5.33
C GLY A 2 19.35 3.07 6.59
N PRO A 3 19.95 3.26 7.78
CA PRO A 3 19.39 2.79 9.04
C PRO A 3 18.03 3.41 9.32
N GLY A 4 17.95 4.74 9.21
CA GLY A 4 16.69 5.43 9.46
C GLY A 4 15.87 5.59 8.19
N SER A 5 15.02 4.60 7.92
CA SER A 5 14.18 4.64 6.73
C SER A 5 13.28 3.42 6.67
N LEU A 6 13.82 2.26 7.06
CA LEU A 6 13.07 1.01 7.05
C LEU A 6 11.78 1.14 7.86
N VAL A 7 11.83 1.96 8.91
CA VAL A 7 10.67 2.17 9.77
C VAL A 7 9.49 2.73 8.97
N LYS A 8 9.76 3.73 8.13
CA LYS A 8 8.72 4.34 7.31
C LYS A 8 8.05 3.30 6.43
N VAL A 9 8.86 2.45 5.82
CA VAL A 9 8.35 1.40 4.94
C VAL A 9 7.36 0.51 5.69
N GLY A 10 7.73 0.13 6.92
CA GLY A 10 6.85 -0.70 7.72
C GLY A 10 5.54 0.00 8.02
N THR A 11 5.60 1.31 8.24
CA THR A 11 4.42 2.09 8.51
C THR A 11 3.40 1.95 7.39
N LEU A 12 3.88 2.08 6.16
CA LEU A 12 3.01 1.94 5.00
C LEU A 12 2.40 0.55 4.96
N LYS A 13 3.21 -0.46 5.28
CA LYS A 13 2.72 -1.83 5.30
C LYS A 13 1.50 -1.92 6.21
N LYS A 14 1.55 -1.15 7.29
CA LYS A 14 0.44 -1.10 8.24
C LYS A 14 -0.77 -0.46 7.59
N ARG A 15 -0.52 0.56 6.78
CA ARG A 15 -1.60 1.25 6.08
C ARG A 15 -2.28 0.28 5.12
N LEU A 16 -1.49 -0.61 4.53
CA LEU A 16 -2.02 -1.59 3.60
C LEU A 16 -3.00 -2.52 4.32
N ASP A 17 -2.58 -3.06 5.46
CA ASP A 17 -3.43 -3.94 6.24
C ASP A 17 -4.73 -3.23 6.61
N LYS A 18 -4.63 -1.94 6.89
CA LYS A 18 -5.78 -1.13 7.25
C LYS A 18 -6.80 -1.16 6.11
N PHE A 19 -6.31 -1.00 4.88
CA PHE A 19 -7.19 -1.02 3.72
C PHE A 19 -7.87 -2.37 3.59
N ASN A 20 -7.13 -3.43 3.91
CA ASN A 20 -7.66 -4.79 3.84
C ASN A 20 -8.89 -4.92 4.75
N GLU A 21 -8.80 -4.33 5.94
CA GLU A 21 -9.91 -4.37 6.89
C GLU A 21 -11.14 -3.69 6.31
N VAL A 22 -10.98 -2.45 5.90
CA VAL A 22 -12.07 -1.68 5.32
C VAL A 22 -12.67 -2.42 4.13
N VAL A 23 -11.80 -3.07 3.36
CA VAL A 23 -12.23 -3.83 2.18
C VAL A 23 -12.90 -5.13 2.61
N SER A 24 -12.40 -5.71 3.70
CA SER A 24 -12.96 -6.96 4.22
C SER A 24 -14.43 -6.78 4.56
N ALA A 25 -14.77 -5.59 5.03
CA ALA A 25 -16.16 -5.28 5.38
C ALA A 25 -17.07 -5.44 4.17
N LEU A 26 -16.52 -5.19 2.99
CA LEU A 26 -17.29 -5.31 1.75
C LEU A 26 -16.68 -6.38 0.85
N LYS A 27 -17.01 -7.64 1.14
CA LYS A 27 -16.51 -8.78 0.36
C LYS A 27 -16.72 -8.54 -1.14
N ASP A 28 -17.73 -7.76 -1.48
CA ASP A 28 -18.03 -7.47 -2.88
C ASP A 28 -16.84 -6.82 -3.56
N GLY A 29 -16.06 -7.61 -4.30
CA GLY A 29 -14.91 -7.09 -5.00
C GLY A 29 -13.63 -7.26 -4.20
N LYS A 30 -13.48 -8.42 -3.55
CA LYS A 30 -12.30 -8.71 -2.75
C LYS A 30 -11.08 -8.95 -3.65
N PRO A 31 -11.21 -9.82 -4.67
CA PRO A 31 -10.11 -10.13 -5.58
C PRO A 31 -9.49 -8.88 -6.21
N GLU A 32 -10.33 -7.92 -6.57
CA GLU A 32 -9.87 -6.68 -7.18
C GLU A 32 -8.92 -5.94 -6.23
N VAL A 33 -9.37 -5.76 -5.00
CA VAL A 33 -8.56 -5.07 -3.98
C VAL A 33 -7.32 -5.87 -3.64
N ASN A 34 -7.52 -7.13 -3.25
CA ASN A 34 -6.41 -7.99 -2.90
C ASN A 34 -5.37 -8.04 -4.01
N ARG A 35 -5.83 -7.82 -5.24
CA ARG A 35 -4.94 -7.84 -6.41
C ARG A 35 -4.03 -6.62 -6.46
N GLN A 36 -4.64 -5.44 -6.39
CA GLN A 36 -3.88 -4.20 -6.41
C GLN A 36 -3.10 -4.06 -5.13
N ILE A 37 -3.78 -4.36 -4.04
CA ILE A 37 -3.19 -4.33 -2.73
C ILE A 37 -1.99 -5.27 -2.65
N LYS A 38 -2.04 -6.35 -3.43
CA LYS A 38 -0.95 -7.34 -3.45
C LYS A 38 0.30 -6.76 -4.11
N ASN A 39 0.15 -6.27 -5.34
CA ASN A 39 1.29 -5.72 -6.07
C ASN A 39 1.90 -4.55 -5.31
N LEU A 40 1.08 -3.88 -4.51
CA LEU A 40 1.55 -2.74 -3.72
C LEU A 40 2.30 -3.24 -2.49
N GLU A 41 1.78 -4.30 -1.87
CA GLU A 41 2.42 -4.87 -0.71
C GLU A 41 3.80 -5.38 -1.12
N ILE A 42 3.88 -5.91 -2.33
CA ILE A 42 5.13 -6.40 -2.88
C ILE A 42 6.06 -5.25 -3.16
N SER A 43 5.49 -4.15 -3.67
CA SER A 43 6.29 -2.97 -3.97
C SER A 43 7.03 -2.48 -2.73
N ILE A 44 6.30 -2.43 -1.61
CA ILE A 44 6.89 -2.01 -0.34
C ILE A 44 8.01 -2.96 0.06
N ASP A 45 7.70 -4.26 0.05
CA ASP A 45 8.68 -5.28 0.40
C ASP A 45 9.88 -5.19 -0.53
N ALA A 46 9.62 -4.82 -1.79
CA ALA A 46 10.68 -4.68 -2.77
C ALA A 46 11.72 -3.68 -2.28
N LEU A 47 11.24 -2.51 -1.83
CA LEU A 47 12.11 -1.48 -1.32
C LEU A 47 12.97 -2.05 -0.19
N MET A 48 12.32 -2.67 0.78
CA MET A 48 13.01 -3.26 1.93
C MET A 48 14.24 -4.04 1.47
N ALA A 49 14.03 -4.99 0.56
CA ALA A 49 15.13 -5.79 0.05
C ALA A 49 16.15 -4.91 -0.66
N LYS A 50 15.70 -3.75 -1.15
CA LYS A 50 16.58 -2.82 -1.84
C LYS A 50 17.33 -1.96 -0.83
N ILE A 51 16.71 -1.73 0.32
CA ILE A 51 17.33 -0.92 1.37
C ILE A 51 18.50 -1.66 2.00
N LYS A 52 18.37 -2.97 2.14
CA LYS A 52 19.40 -3.79 2.76
C LYS A 52 20.34 -4.40 1.71
N SER A 53 20.09 -4.11 0.43
CA SER A 53 20.93 -4.66 -0.64
C SER A 53 21.33 -3.59 -1.65
N THR A 54 21.26 -2.33 -1.23
CA THR A 54 21.63 -1.21 -2.10
C THR A 54 21.95 0.03 -1.27
N MET A 55 22.04 1.17 -1.93
CA MET A 55 22.33 2.43 -1.26
C MET A 55 21.27 3.48 -1.59
N MET A 56 20.04 3.01 -1.79
CA MET A 56 18.92 3.88 -2.12
C MET A 56 18.73 4.95 -1.04
N THR A 57 18.77 6.21 -1.45
CA THR A 57 18.59 7.33 -0.53
C THR A 57 17.17 7.35 0.01
N ARG A 58 17.03 7.77 1.26
CA ARG A 58 15.72 7.85 1.90
C ARG A 58 14.77 8.72 1.07
N GLU A 59 15.33 9.70 0.37
CA GLU A 59 14.54 10.59 -0.46
C GLU A 59 13.80 9.80 -1.53
N GLN A 60 14.51 8.87 -2.16
CA GLN A 60 13.91 8.03 -3.19
C GLN A 60 12.76 7.21 -2.61
N ILE A 61 12.91 6.84 -1.35
CA ILE A 61 11.88 6.07 -0.65
C ILE A 61 10.69 6.96 -0.33
N GLN A 62 10.96 8.22 -0.05
CA GLN A 62 9.91 9.18 0.28
C GLN A 62 8.95 9.35 -0.90
N LYS A 63 9.51 9.49 -2.09
CA LYS A 63 8.70 9.64 -3.29
C LYS A 63 7.93 8.36 -3.58
N GLU A 64 8.63 7.23 -3.55
CA GLU A 64 7.97 5.95 -3.78
C GLU A 64 6.83 5.79 -2.79
N TYR A 65 7.04 6.31 -1.58
CA TYR A 65 6.02 6.27 -0.55
C TYR A 65 4.83 7.09 -1.03
N ASP A 66 5.13 8.20 -1.72
CA ASP A 66 4.09 9.05 -2.26
C ASP A 66 3.36 8.34 -3.40
N ALA A 67 4.11 7.59 -4.20
CA ALA A 67 3.51 6.84 -5.30
C ALA A 67 2.49 5.86 -4.77
N LEU A 68 2.76 5.33 -3.58
CA LEU A 68 1.87 4.39 -2.92
C LEU A 68 0.69 5.14 -2.31
N VAL A 69 0.93 6.37 -1.88
CA VAL A 69 -0.11 7.19 -1.28
C VAL A 69 -1.15 7.59 -2.34
N LYS A 70 -0.68 7.84 -3.55
CA LYS A 70 -1.57 8.23 -4.64
C LYS A 70 -2.39 7.03 -5.12
N SER A 71 -1.70 5.91 -5.35
CA SER A 71 -2.35 4.70 -5.80
C SER A 71 -3.28 4.15 -4.71
N SER A 72 -2.80 4.21 -3.47
CA SER A 72 -3.59 3.73 -2.34
C SER A 72 -4.85 4.56 -2.16
N GLU A 73 -4.69 5.88 -2.15
CA GLU A 73 -5.83 6.78 -1.99
C GLU A 73 -6.90 6.49 -3.03
N ASP A 74 -6.46 6.25 -4.27
CA ASP A 74 -7.38 5.95 -5.35
C ASP A 74 -8.01 4.57 -5.17
N LEU A 75 -7.29 3.69 -4.48
CA LEU A 75 -7.78 2.33 -4.24
C LEU A 75 -8.95 2.35 -3.26
N LEU A 76 -8.79 3.03 -2.14
CA LEU A 76 -9.85 3.13 -1.14
C LEU A 76 -11.06 3.80 -1.74
N SER A 77 -10.84 4.97 -2.34
CA SER A 77 -11.92 5.71 -2.96
C SER A 77 -12.65 4.87 -4.00
N ALA A 78 -11.91 4.00 -4.68
CA ALA A 78 -12.50 3.12 -5.69
C ALA A 78 -13.41 2.08 -5.06
N LEU A 79 -12.88 1.35 -4.08
CA LEU A 79 -13.66 0.31 -3.41
C LEU A 79 -14.77 0.92 -2.56
N GLN A 80 -14.55 2.14 -2.07
CA GLN A 80 -15.54 2.82 -1.25
C GLN A 80 -16.81 3.09 -2.05
N LYS A 81 -16.64 3.74 -3.21
CA LYS A 81 -17.77 4.05 -4.07
C LYS A 81 -18.36 2.78 -4.66
N LYS A 82 -17.51 1.77 -4.84
CA LYS A 82 -17.93 0.48 -5.38
C LYS A 82 -18.75 -0.31 -4.36
N LYS A 83 -18.41 -0.13 -3.08
CA LYS A 83 -19.11 -0.82 -2.01
C LYS A 83 -20.48 -0.17 -1.75
N GLN A 84 -20.52 1.15 -1.75
CA GLN A 84 -21.76 1.87 -1.51
C GLN A 84 -22.73 1.69 -2.68
N GLN A 85 -22.17 1.67 -3.89
CA GLN A 85 -22.99 1.50 -5.10
C GLN A 85 -23.37 0.04 -5.29
N GLU A 86 -22.45 -0.86 -4.99
CA GLU A 86 -22.69 -2.29 -5.14
C GLU A 86 -22.94 -2.65 -6.61
N GLU A 87 -24.19 -2.50 -7.04
CA GLU A 87 -24.56 -2.81 -8.42
C GLU A 87 -24.24 -4.26 -8.77
N GLU A 88 -24.05 -5.08 -7.76
CA GLU A 88 -23.74 -6.50 -7.97
C GLU A 88 -24.85 -7.19 -8.75
N GLN A 1 22.73 6.58 8.02
CA GLN A 1 23.26 5.35 8.57
C GLN A 1 22.27 4.71 9.53
N GLY A 2 22.18 3.38 9.48
CA GLY A 2 21.26 2.67 10.36
C GLY A 2 19.83 2.68 9.85
N PRO A 3 18.86 2.27 10.68
CA PRO A 3 17.44 2.24 10.29
C PRO A 3 16.86 3.63 10.12
N GLY A 4 17.16 4.26 8.99
CA GLY A 4 16.65 5.59 8.72
C GLY A 4 15.87 5.66 7.43
N SER A 5 14.99 4.68 7.22
CA SER A 5 14.17 4.64 6.00
C SER A 5 13.20 3.46 6.05
N LEU A 6 13.68 2.32 6.56
CA LEU A 6 12.87 1.12 6.66
C LEU A 6 11.63 1.37 7.51
N VAL A 7 11.76 2.24 8.51
CA VAL A 7 10.65 2.56 9.40
C VAL A 7 9.48 3.17 8.62
N LYS A 8 9.79 4.15 7.76
CA LYS A 8 8.75 4.80 6.97
C LYS A 8 8.03 3.78 6.08
N VAL A 9 8.82 2.98 5.37
CA VAL A 9 8.28 1.95 4.50
C VAL A 9 7.39 1.00 5.29
N GLY A 10 7.83 0.66 6.50
CA GLY A 10 7.05 -0.22 7.35
C GLY A 10 5.74 0.41 7.74
N THR A 11 5.78 1.72 7.98
CA THR A 11 4.57 2.47 8.36
C THR A 11 3.51 2.28 7.29
N LEU A 12 3.92 2.38 6.03
CA LEU A 12 2.99 2.21 4.92
C LEU A 12 2.44 0.80 4.92
N LYS A 13 3.30 -0.17 5.22
CA LYS A 13 2.89 -1.56 5.29
C LYS A 13 1.71 -1.69 6.24
N LYS A 14 1.75 -0.90 7.32
CA LYS A 14 0.68 -0.90 8.30
C LYS A 14 -0.59 -0.33 7.66
N ARG A 15 -0.43 0.75 6.90
CA ARG A 15 -1.57 1.37 6.22
C ARG A 15 -2.17 0.40 5.20
N LEU A 16 -1.30 -0.46 4.65
CA LEU A 16 -1.73 -1.45 3.68
C LEU A 16 -2.69 -2.44 4.33
N ASP A 17 -2.29 -2.99 5.46
CA ASP A 17 -3.12 -3.93 6.20
C ASP A 17 -4.44 -3.28 6.58
N LYS A 18 -4.40 -1.99 6.86
CA LYS A 18 -5.59 -1.24 7.23
C LYS A 18 -6.61 -1.28 6.09
N PHE A 19 -6.12 -1.05 4.87
CA PHE A 19 -6.98 -1.07 3.70
C PHE A 19 -7.64 -2.44 3.55
N ASN A 20 -6.84 -3.49 3.73
CA ASN A 20 -7.35 -4.86 3.62
C ASN A 20 -8.49 -5.08 4.59
N GLU A 21 -8.40 -4.48 5.78
CA GLU A 21 -9.42 -4.61 6.79
C GLU A 21 -10.75 -4.05 6.28
N VAL A 22 -10.71 -2.79 5.84
CA VAL A 22 -11.90 -2.14 5.31
C VAL A 22 -12.45 -2.92 4.13
N VAL A 23 -11.56 -3.46 3.32
CA VAL A 23 -11.94 -4.25 2.15
C VAL A 23 -12.62 -5.55 2.58
N SER A 24 -12.05 -6.22 3.58
CA SER A 24 -12.61 -7.46 4.08
C SER A 24 -14.06 -7.28 4.49
N ALA A 25 -14.34 -6.14 5.12
CA ALA A 25 -15.70 -5.84 5.57
C ALA A 25 -16.67 -5.78 4.39
N LEU A 26 -16.14 -5.43 3.22
CA LEU A 26 -16.97 -5.34 2.02
C LEU A 26 -17.40 -6.72 1.53
N LYS A 27 -16.48 -7.68 1.61
CA LYS A 27 -16.77 -9.05 1.19
C LYS A 27 -17.07 -9.12 -0.31
N ASP A 28 -16.75 -8.04 -1.02
CA ASP A 28 -16.98 -7.97 -2.46
C ASP A 28 -15.80 -7.33 -3.17
N GLY A 29 -15.66 -7.59 -4.47
CA GLY A 29 -14.57 -7.03 -5.24
C GLY A 29 -13.22 -7.42 -4.67
N LYS A 30 -13.14 -8.60 -4.06
CA LYS A 30 -11.91 -9.10 -3.47
C LYS A 30 -10.76 -9.10 -4.49
N PRO A 31 -10.96 -9.71 -5.68
CA PRO A 31 -9.92 -9.79 -6.71
C PRO A 31 -9.35 -8.43 -7.11
N GLU A 32 -10.23 -7.47 -7.39
CA GLU A 32 -9.80 -6.14 -7.79
C GLU A 32 -8.94 -5.47 -6.71
N VAL A 33 -9.44 -5.47 -5.48
CA VAL A 33 -8.71 -4.88 -4.36
C VAL A 33 -7.43 -5.66 -4.09
N ASN A 34 -7.57 -6.96 -3.84
CA ASN A 34 -6.42 -7.80 -3.57
C ASN A 34 -5.35 -7.66 -4.64
N ARG A 35 -5.78 -7.36 -5.87
CA ARG A 35 -4.85 -7.20 -6.99
C ARG A 35 -4.03 -5.92 -6.87
N GLN A 36 -4.70 -4.81 -6.63
CA GLN A 36 -4.01 -3.53 -6.50
C GLN A 36 -3.26 -3.51 -5.19
N ILE A 37 -3.94 -3.95 -4.15
CA ILE A 37 -3.37 -4.03 -2.82
C ILE A 37 -2.12 -4.90 -2.83
N LYS A 38 -2.09 -5.89 -3.73
CA LYS A 38 -0.93 -6.77 -3.85
C LYS A 38 0.25 -5.99 -4.41
N ASN A 39 0.02 -5.30 -5.52
CA ASN A 39 1.08 -4.51 -6.15
C ASN A 39 1.75 -3.60 -5.13
N LEU A 40 0.94 -3.03 -4.23
CA LEU A 40 1.46 -2.16 -3.20
C LEU A 40 2.26 -2.96 -2.18
N GLU A 41 1.71 -4.10 -1.79
CA GLU A 41 2.39 -4.97 -0.84
C GLU A 41 3.77 -5.33 -1.39
N ILE A 42 3.82 -5.50 -2.70
CA ILE A 42 5.06 -5.81 -3.40
C ILE A 42 5.97 -4.59 -3.41
N SER A 43 5.38 -3.43 -3.65
CA SER A 43 6.14 -2.17 -3.68
C SER A 43 6.84 -1.95 -2.35
N ILE A 44 6.08 -2.02 -1.26
CA ILE A 44 6.63 -1.84 0.07
C ILE A 44 7.68 -2.90 0.38
N ASP A 45 7.31 -4.17 0.20
CA ASP A 45 8.22 -5.27 0.43
C ASP A 45 9.48 -5.11 -0.40
N ALA A 46 9.32 -4.56 -1.60
CA ALA A 46 10.44 -4.35 -2.50
C ALA A 46 11.47 -3.41 -1.88
N LEU A 47 10.99 -2.28 -1.36
CA LEU A 47 11.87 -1.30 -0.73
C LEU A 47 12.69 -1.95 0.37
N MET A 48 12.01 -2.55 1.35
CA MET A 48 12.70 -3.20 2.48
C MET A 48 13.86 -4.06 1.98
N ALA A 49 13.57 -4.97 1.06
CA ALA A 49 14.60 -5.83 0.50
C ALA A 49 15.67 -5.02 -0.21
N LYS A 50 15.30 -3.82 -0.66
CA LYS A 50 16.24 -2.94 -1.34
C LYS A 50 17.08 -2.18 -0.34
N ILE A 51 16.51 -1.92 0.83
CA ILE A 51 17.20 -1.20 1.88
C ILE A 51 18.29 -2.04 2.51
N LYS A 52 18.04 -3.35 2.58
CA LYS A 52 18.99 -4.28 3.18
C LYS A 52 19.98 -4.83 2.15
N SER A 53 19.59 -4.82 0.87
CA SER A 53 20.47 -5.34 -0.18
C SER A 53 20.89 -4.25 -1.17
N THR A 54 20.77 -3.00 -0.74
CA THR A 54 21.15 -1.86 -1.58
C THR A 54 21.32 -0.60 -0.73
N MET A 55 21.93 0.42 -1.31
CA MET A 55 22.14 1.69 -0.61
C MET A 55 21.21 2.77 -1.17
N MET A 56 19.95 2.39 -1.38
CA MET A 56 18.96 3.32 -1.91
C MET A 56 18.89 4.59 -1.07
N THR A 57 18.70 5.73 -1.74
CA THR A 57 18.62 7.02 -1.06
C THR A 57 17.24 7.22 -0.44
N ARG A 58 17.19 7.94 0.66
CA ARG A 58 15.93 8.21 1.34
C ARG A 58 14.97 8.93 0.41
N GLU A 59 15.51 9.73 -0.50
CA GLU A 59 14.70 10.48 -1.45
C GLU A 59 13.87 9.51 -2.29
N GLN A 60 14.50 8.45 -2.78
CA GLN A 60 13.82 7.45 -3.59
C GLN A 60 12.71 6.78 -2.79
N ILE A 61 12.94 6.62 -1.49
CA ILE A 61 11.96 6.01 -0.61
C ILE A 61 10.78 6.95 -0.39
N GLN A 62 11.06 8.24 -0.36
CA GLN A 62 10.01 9.25 -0.16
C GLN A 62 9.02 9.23 -1.30
N LYS A 63 9.52 9.30 -2.53
CA LYS A 63 8.67 9.30 -3.71
C LYS A 63 7.87 8.00 -3.78
N GLU A 64 8.54 6.87 -3.60
CA GLU A 64 7.86 5.59 -3.62
C GLU A 64 6.74 5.60 -2.59
N TYR A 65 6.97 6.31 -1.50
CA TYR A 65 5.96 6.45 -0.47
C TYR A 65 4.77 7.19 -1.04
N ASP A 66 5.06 8.18 -1.89
CA ASP A 66 4.02 8.95 -2.55
C ASP A 66 3.29 8.09 -3.57
N ALA A 67 4.03 7.23 -4.26
CA ALA A 67 3.43 6.35 -5.24
C ALA A 67 2.40 5.45 -4.58
N LEU A 68 2.67 5.09 -3.32
CA LEU A 68 1.77 4.25 -2.56
C LEU A 68 0.61 5.09 -2.04
N VAL A 69 0.87 6.37 -1.78
CA VAL A 69 -0.17 7.27 -1.28
C VAL A 69 -1.20 7.54 -2.38
N LYS A 70 -0.74 7.66 -3.61
CA LYS A 70 -1.63 7.93 -4.74
C LYS A 70 -2.43 6.69 -5.08
N SER A 71 -1.75 5.55 -5.16
CA SER A 71 -2.41 4.29 -5.49
C SER A 71 -3.31 3.84 -4.34
N SER A 72 -2.89 4.09 -3.11
CA SER A 72 -3.66 3.70 -1.94
C SER A 72 -4.92 4.55 -1.81
N GLU A 73 -4.76 5.87 -1.87
CA GLU A 73 -5.89 6.78 -1.76
C GLU A 73 -6.95 6.45 -2.80
N ASP A 74 -6.50 6.19 -4.02
CA ASP A 74 -7.42 5.86 -5.10
C ASP A 74 -8.02 4.46 -4.91
N LEU A 75 -7.28 3.60 -4.23
CA LEU A 75 -7.75 2.24 -3.97
C LEU A 75 -8.93 2.22 -3.01
N LEU A 76 -8.78 2.91 -1.89
CA LEU A 76 -9.87 2.99 -0.90
C LEU A 76 -11.07 3.68 -1.50
N SER A 77 -10.78 4.75 -2.24
CA SER A 77 -11.84 5.53 -2.89
C SER A 77 -12.68 4.64 -3.80
N ALA A 78 -12.03 3.71 -4.50
CA ALA A 78 -12.72 2.80 -5.40
C ALA A 78 -13.62 1.85 -4.64
N LEU A 79 -13.05 1.14 -3.67
CA LEU A 79 -13.81 0.19 -2.87
C LEU A 79 -14.88 0.91 -2.06
N GLN A 80 -14.65 2.18 -1.76
CA GLN A 80 -15.60 2.99 -1.00
C GLN A 80 -16.84 3.25 -1.84
N LYS A 81 -16.63 3.52 -3.12
CA LYS A 81 -17.73 3.78 -4.04
C LYS A 81 -18.60 2.54 -4.17
N LYS A 82 -17.94 1.39 -4.30
CA LYS A 82 -18.64 0.12 -4.43
C LYS A 82 -19.56 -0.12 -3.25
N LYS A 83 -19.04 0.08 -2.04
CA LYS A 83 -19.82 -0.12 -0.83
C LYS A 83 -20.81 1.03 -0.61
N GLN A 84 -20.45 2.22 -1.11
CA GLN A 84 -21.31 3.38 -0.97
C GLN A 84 -22.55 3.25 -1.86
N GLN A 85 -22.34 2.77 -3.08
CA GLN A 85 -23.44 2.59 -4.04
C GLN A 85 -24.24 1.35 -3.72
N GLU A 86 -23.59 0.35 -3.12
CA GLU A 86 -24.25 -0.90 -2.77
C GLU A 86 -24.83 -0.83 -1.36
N GLU A 87 -25.51 0.26 -1.04
CA GLU A 87 -26.11 0.44 0.27
C GLU A 87 -27.18 1.54 0.22
N GLU A 88 -26.74 2.76 -0.05
CA GLU A 88 -27.66 3.89 -0.13
C GLU A 88 -27.96 4.24 -1.59
N GLN A 1 24.42 -1.70 5.90
CA GLN A 1 23.54 -1.03 6.86
C GLN A 1 23.02 0.28 6.29
N GLY A 2 21.77 0.61 6.63
CA GLY A 2 21.17 1.84 6.15
C GLY A 2 19.78 2.07 6.70
N PRO A 3 19.63 2.09 8.04
CA PRO A 3 18.32 2.30 8.69
C PRO A 3 17.89 3.76 8.64
N GLY A 4 16.73 4.04 9.25
CA GLY A 4 16.22 5.40 9.27
C GLY A 4 14.96 5.56 8.45
N SER A 5 14.95 4.97 7.26
CA SER A 5 13.79 5.05 6.38
C SER A 5 13.00 3.74 6.39
N LEU A 6 13.66 2.65 6.79
CA LEU A 6 13.01 1.35 6.84
C LEU A 6 11.73 1.39 7.67
N VAL A 7 11.73 2.23 8.70
CA VAL A 7 10.56 2.36 9.57
C VAL A 7 9.35 2.86 8.80
N LYS A 8 9.52 3.96 8.08
CA LYS A 8 8.42 4.53 7.29
C LYS A 8 7.79 3.48 6.39
N VAL A 9 8.64 2.71 5.72
CA VAL A 9 8.17 1.67 4.82
C VAL A 9 7.33 0.64 5.58
N GLY A 10 7.85 0.18 6.71
CA GLY A 10 7.13 -0.79 7.51
C GLY A 10 5.82 -0.24 8.04
N THR A 11 5.84 1.03 8.44
CA THR A 11 4.65 1.68 8.96
C THR A 11 3.52 1.62 7.92
N LEU A 12 3.87 1.85 6.67
CA LEU A 12 2.91 1.80 5.58
C LEU A 12 2.35 0.39 5.43
N LYS A 13 3.25 -0.60 5.54
CA LYS A 13 2.83 -1.99 5.43
C LYS A 13 1.69 -2.25 6.41
N LYS A 14 1.81 -1.65 7.59
CA LYS A 14 0.78 -1.78 8.61
C LYS A 14 -0.51 -1.12 8.12
N ARG A 15 -0.36 0.05 7.50
CA ARG A 15 -1.51 0.76 6.96
C ARG A 15 -2.16 -0.06 5.87
N LEU A 16 -1.35 -0.83 5.15
CA LEU A 16 -1.84 -1.69 4.09
C LEU A 16 -2.81 -2.72 4.64
N ASP A 17 -2.39 -3.41 5.69
CA ASP A 17 -3.23 -4.41 6.34
C ASP A 17 -4.54 -3.79 6.81
N LYS A 18 -4.45 -2.56 7.31
CA LYS A 18 -5.63 -1.83 7.78
C LYS A 18 -6.65 -1.70 6.64
N PHE A 19 -6.16 -1.34 5.46
CA PHE A 19 -7.03 -1.20 4.29
C PHE A 19 -7.74 -2.51 3.99
N ASN A 20 -7.00 -3.60 4.06
CA ASN A 20 -7.56 -4.93 3.80
C ASN A 20 -8.74 -5.19 4.72
N GLU A 21 -8.60 -4.78 5.98
CA GLU A 21 -9.66 -4.97 6.97
C GLU A 21 -10.93 -4.26 6.51
N VAL A 22 -10.79 -2.98 6.19
CA VAL A 22 -11.91 -2.17 5.72
C VAL A 22 -12.51 -2.77 4.46
N VAL A 23 -11.66 -3.29 3.60
CA VAL A 23 -12.09 -3.90 2.34
C VAL A 23 -12.86 -5.19 2.62
N SER A 24 -12.35 -6.00 3.53
CA SER A 24 -13.00 -7.26 3.88
C SER A 24 -14.38 -6.99 4.47
N ALA A 25 -14.54 -5.83 5.11
CA ALA A 25 -15.82 -5.45 5.71
C ALA A 25 -16.91 -5.36 4.64
N LEU A 26 -16.51 -4.98 3.43
CA LEU A 26 -17.45 -4.84 2.33
C LEU A 26 -17.17 -5.88 1.23
N LYS A 27 -17.61 -7.11 1.47
CA LYS A 27 -17.41 -8.19 0.51
C LYS A 27 -17.75 -7.74 -0.91
N ASP A 28 -16.74 -7.39 -1.68
CA ASP A 28 -16.93 -6.93 -3.05
C ASP A 28 -15.61 -6.55 -3.69
N GLY A 29 -15.49 -6.78 -5.00
CA GLY A 29 -14.26 -6.46 -5.71
C GLY A 29 -13.02 -7.01 -5.04
N LYS A 30 -13.12 -8.26 -4.57
CA LYS A 30 -12.01 -8.91 -3.89
C LYS A 30 -10.77 -9.01 -4.79
N PRO A 31 -10.93 -9.53 -6.03
CA PRO A 31 -9.81 -9.68 -6.97
C PRO A 31 -9.20 -8.35 -7.38
N GLU A 32 -10.05 -7.37 -7.66
CA GLU A 32 -9.58 -6.06 -8.08
C GLU A 32 -8.80 -5.36 -6.96
N VAL A 33 -9.39 -5.32 -5.78
CA VAL A 33 -8.73 -4.70 -4.64
C VAL A 33 -7.46 -5.44 -4.28
N ASN A 34 -7.57 -6.74 -4.03
CA ASN A 34 -6.41 -7.56 -3.69
C ASN A 34 -5.30 -7.38 -4.71
N ARG A 35 -5.68 -7.10 -5.95
CA ARG A 35 -4.71 -6.89 -7.01
C ARG A 35 -3.92 -5.62 -6.75
N GLN A 36 -4.61 -4.56 -6.36
CA GLN A 36 -3.97 -3.29 -6.07
C GLN A 36 -3.16 -3.38 -4.78
N ILE A 37 -3.81 -3.91 -3.74
CA ILE A 37 -3.15 -4.09 -2.44
C ILE A 37 -1.89 -4.93 -2.60
N LYS A 38 -1.99 -5.98 -3.42
CA LYS A 38 -0.87 -6.87 -3.65
C LYS A 38 0.31 -6.10 -4.23
N ASN A 39 0.06 -5.35 -5.31
CA ASN A 39 1.12 -4.55 -5.93
C ASN A 39 1.83 -3.69 -4.90
N LEU A 40 1.05 -3.13 -3.97
CA LEU A 40 1.62 -2.29 -2.92
C LEU A 40 2.45 -3.12 -1.97
N GLU A 41 1.94 -4.27 -1.57
CA GLU A 41 2.67 -5.16 -0.68
C GLU A 41 4.02 -5.49 -1.30
N ILE A 42 4.01 -5.63 -2.62
CA ILE A 42 5.21 -5.92 -3.38
C ILE A 42 6.12 -4.69 -3.41
N SER A 43 5.52 -3.52 -3.62
CA SER A 43 6.27 -2.27 -3.66
C SER A 43 7.00 -2.04 -2.34
N ILE A 44 6.25 -2.11 -1.24
CA ILE A 44 6.82 -1.92 0.09
C ILE A 44 7.94 -2.92 0.35
N ASP A 45 7.65 -4.20 0.11
CA ASP A 45 8.63 -5.26 0.33
C ASP A 45 9.86 -5.03 -0.53
N ALA A 46 9.66 -4.53 -1.75
CA ALA A 46 10.77 -4.27 -2.66
C ALA A 46 11.77 -3.30 -2.03
N LEU A 47 11.25 -2.19 -1.51
CA LEU A 47 12.11 -1.20 -0.86
C LEU A 47 12.92 -1.83 0.25
N MET A 48 12.23 -2.48 1.19
CA MET A 48 12.88 -3.14 2.32
C MET A 48 14.10 -3.94 1.87
N ALA A 49 13.89 -4.84 0.91
CA ALA A 49 14.98 -5.65 0.40
C ALA A 49 16.05 -4.77 -0.23
N LYS A 50 15.66 -3.60 -0.69
CA LYS A 50 16.59 -2.66 -1.30
C LYS A 50 17.34 -1.86 -0.24
N ILE A 51 16.69 -1.66 0.90
CA ILE A 51 17.27 -0.90 1.99
C ILE A 51 18.37 -1.70 2.69
N LYS A 52 18.18 -3.02 2.76
CA LYS A 52 19.14 -3.90 3.43
C LYS A 52 20.17 -4.46 2.45
N SER A 53 20.10 -4.09 1.17
CA SER A 53 21.05 -4.60 0.19
C SER A 53 21.34 -3.57 -0.90
N THR A 54 21.10 -2.31 -0.60
CA THR A 54 21.36 -1.23 -1.55
C THR A 54 21.43 0.12 -0.84
N MET A 55 22.07 1.09 -1.48
CA MET A 55 22.19 2.42 -0.92
C MET A 55 21.13 3.35 -1.49
N MET A 56 19.91 2.83 -1.58
CA MET A 56 18.78 3.60 -2.12
C MET A 56 18.68 4.97 -1.45
N THR A 57 18.58 6.01 -2.27
CA THR A 57 18.47 7.37 -1.77
C THR A 57 17.10 7.60 -1.14
N ARG A 58 17.07 8.29 -0.01
CA ARG A 58 15.81 8.57 0.68
C ARG A 58 14.81 9.22 -0.29
N GLU A 59 15.33 9.96 -1.26
CA GLU A 59 14.48 10.61 -2.25
C GLU A 59 13.65 9.59 -3.00
N GLN A 60 14.28 8.49 -3.38
CA GLN A 60 13.60 7.42 -4.10
C GLN A 60 12.59 6.73 -3.19
N ILE A 61 12.93 6.64 -1.91
CA ILE A 61 12.06 6.01 -0.93
C ILE A 61 10.82 6.87 -0.68
N GLN A 62 11.02 8.18 -0.65
CA GLN A 62 9.92 9.11 -0.42
C GLN A 62 8.93 9.06 -1.57
N LYS A 63 9.44 8.97 -2.79
CA LYS A 63 8.60 8.91 -3.99
C LYS A 63 7.83 7.60 -4.01
N GLU A 64 8.52 6.48 -3.79
CA GLU A 64 7.87 5.18 -3.77
C GLU A 64 6.76 5.21 -2.74
N TYR A 65 7.00 5.94 -1.65
CA TYR A 65 6.01 6.08 -0.61
C TYR A 65 4.81 6.82 -1.18
N ASP A 66 5.10 7.79 -2.05
CA ASP A 66 4.05 8.56 -2.70
C ASP A 66 3.31 7.68 -3.69
N ALA A 67 4.04 6.79 -4.37
CA ALA A 67 3.43 5.89 -5.32
C ALA A 67 2.40 5.02 -4.61
N LEU A 68 2.69 4.70 -3.36
CA LEU A 68 1.80 3.89 -2.54
C LEU A 68 0.63 4.73 -2.05
N VAL A 69 0.89 6.02 -1.83
CA VAL A 69 -0.14 6.94 -1.37
C VAL A 69 -1.17 7.19 -2.48
N LYS A 70 -0.68 7.25 -3.71
CA LYS A 70 -1.56 7.47 -4.85
C LYS A 70 -2.39 6.23 -5.15
N SER A 71 -1.74 5.07 -5.07
CA SER A 71 -2.42 3.80 -5.32
C SER A 71 -3.32 3.44 -4.14
N SER A 72 -2.86 3.78 -2.93
CA SER A 72 -3.63 3.50 -1.74
C SER A 72 -4.89 4.35 -1.68
N GLU A 73 -4.72 5.66 -1.87
CA GLU A 73 -5.85 6.59 -1.85
C GLU A 73 -6.85 6.21 -2.94
N ASP A 74 -6.34 5.81 -4.10
CA ASP A 74 -7.19 5.41 -5.22
C ASP A 74 -7.96 4.15 -4.86
N LEU A 75 -7.34 3.29 -4.06
CA LEU A 75 -7.98 2.04 -3.64
C LEU A 75 -9.20 2.33 -2.78
N LEU A 76 -9.06 3.26 -1.85
CA LEU A 76 -10.17 3.64 -0.98
C LEU A 76 -11.31 4.20 -1.80
N SER A 77 -10.97 5.04 -2.76
CA SER A 77 -11.96 5.65 -3.64
C SER A 77 -12.80 4.58 -4.31
N ALA A 78 -12.14 3.55 -4.84
CA ALA A 78 -12.83 2.46 -5.49
C ALA A 78 -13.74 1.73 -4.50
N LEU A 79 -13.24 1.55 -3.28
CA LEU A 79 -13.99 0.88 -2.23
C LEU A 79 -15.31 1.61 -1.99
N GLN A 80 -15.23 2.93 -1.81
CA GLN A 80 -16.41 3.75 -1.57
C GLN A 80 -17.42 3.56 -2.69
N LYS A 81 -16.94 3.52 -3.93
CA LYS A 81 -17.81 3.34 -5.08
C LYS A 81 -18.58 2.02 -4.97
N LYS A 82 -17.90 0.99 -4.47
CA LYS A 82 -18.51 -0.32 -4.31
C LYS A 82 -19.68 -0.26 -3.33
N LYS A 83 -19.46 0.40 -2.21
CA LYS A 83 -20.48 0.54 -1.18
C LYS A 83 -21.67 1.34 -1.67
N GLN A 84 -21.40 2.53 -2.18
CA GLN A 84 -22.46 3.41 -2.67
C GLN A 84 -23.18 2.78 -3.86
N GLN A 85 -22.45 2.01 -4.65
CA GLN A 85 -23.04 1.37 -5.83
C GLN A 85 -23.81 0.11 -5.44
N GLU A 86 -23.26 -0.64 -4.49
CA GLU A 86 -23.91 -1.87 -4.02
C GLU A 86 -25.19 -1.56 -3.25
N GLU A 87 -25.06 -0.76 -2.20
CA GLU A 87 -26.20 -0.40 -1.38
C GLU A 87 -26.84 -1.62 -0.74
N GLU A 88 -26.79 -1.67 0.58
CA GLU A 88 -27.35 -2.80 1.32
C GLU A 88 -27.39 -2.51 2.81
N GLN A 1 24.69 6.59 6.60
CA GLN A 1 24.93 5.35 7.33
C GLN A 1 23.97 5.21 8.50
N GLY A 2 23.09 4.22 8.44
CA GLY A 2 22.13 4.01 9.50
C GLY A 2 20.70 4.04 9.00
N PRO A 3 19.73 3.56 9.81
CA PRO A 3 18.31 3.55 9.44
C PRO A 3 17.71 4.94 9.42
N GLY A 4 16.88 5.22 8.42
CA GLY A 4 16.25 6.52 8.31
C GLY A 4 15.27 6.58 7.15
N SER A 5 14.45 5.55 7.01
CA SER A 5 13.47 5.49 5.93
C SER A 5 12.63 4.23 6.03
N LEU A 6 13.27 3.12 6.41
CA LEU A 6 12.59 1.85 6.54
C LEU A 6 11.39 1.96 7.47
N VAL A 7 11.50 2.83 8.47
CA VAL A 7 10.42 3.03 9.42
C VAL A 7 9.14 3.49 8.73
N LYS A 8 9.27 4.46 7.84
CA LYS A 8 8.12 4.98 7.10
C LYS A 8 7.51 3.89 6.25
N VAL A 9 8.36 3.09 5.62
CA VAL A 9 7.91 1.99 4.78
C VAL A 9 7.02 1.04 5.57
N GLY A 10 7.47 0.71 6.79
CA GLY A 10 6.70 -0.17 7.64
C GLY A 10 5.35 0.41 7.99
N THR A 11 5.32 1.73 8.20
CA THR A 11 4.09 2.42 8.53
C THR A 11 3.04 2.19 7.44
N LEU A 12 3.47 2.30 6.19
CA LEU A 12 2.58 2.09 5.05
C LEU A 12 2.06 0.66 5.06
N LYS A 13 2.95 -0.28 5.36
CA LYS A 13 2.57 -1.69 5.42
C LYS A 13 1.39 -1.84 6.36
N LYS A 14 1.43 -1.08 7.45
CA LYS A 14 0.35 -1.10 8.42
C LYS A 14 -0.92 -0.56 7.79
N ARG A 15 -0.78 0.49 6.98
CA ARG A 15 -1.92 1.07 6.28
C ARG A 15 -2.50 0.05 5.32
N LEU A 16 -1.64 -0.80 4.78
CA LEU A 16 -2.06 -1.84 3.85
C LEU A 16 -3.01 -2.81 4.54
N ASP A 17 -2.62 -3.28 5.72
CA ASP A 17 -3.44 -4.20 6.49
C ASP A 17 -4.78 -3.56 6.82
N LYS A 18 -4.76 -2.25 7.09
CA LYS A 18 -5.98 -1.51 7.40
C LYS A 18 -6.99 -1.65 6.27
N PHE A 19 -6.53 -1.39 5.05
CA PHE A 19 -7.38 -1.48 3.87
C PHE A 19 -7.95 -2.90 3.73
N ASN A 20 -7.10 -3.90 3.91
CA ASN A 20 -7.51 -5.29 3.81
C ASN A 20 -8.73 -5.56 4.69
N GLU A 21 -8.69 -5.03 5.92
CA GLU A 21 -9.80 -5.23 6.85
C GLU A 21 -11.08 -4.61 6.29
N VAL A 22 -11.00 -3.35 5.93
CA VAL A 22 -12.16 -2.64 5.37
C VAL A 22 -12.66 -3.35 4.12
N VAL A 23 -11.74 -3.86 3.31
CA VAL A 23 -12.09 -4.55 2.08
C VAL A 23 -12.73 -5.91 2.38
N SER A 24 -12.18 -6.60 3.38
CA SER A 24 -12.70 -7.91 3.77
C SER A 24 -14.16 -7.82 4.16
N ALA A 25 -14.51 -6.74 4.84
CA ALA A 25 -15.89 -6.53 5.29
C ALA A 25 -16.82 -6.23 4.11
N LEU A 26 -16.23 -5.81 3.00
CA LEU A 26 -17.02 -5.48 1.80
C LEU A 26 -17.48 -6.74 1.09
N LYS A 27 -16.59 -7.73 0.99
CA LYS A 27 -16.91 -8.99 0.33
C LYS A 27 -17.21 -8.79 -1.16
N ASP A 28 -16.87 -7.62 -1.67
CA ASP A 28 -17.11 -7.30 -3.08
C ASP A 28 -15.86 -6.71 -3.72
N GLY A 29 -15.66 -7.00 -5.00
CA GLY A 29 -14.50 -6.49 -5.70
C GLY A 29 -13.20 -6.90 -5.03
N LYS A 30 -13.23 -8.04 -4.34
CA LYS A 30 -12.06 -8.56 -3.65
C LYS A 30 -10.91 -8.86 -4.61
N PRO A 31 -11.17 -9.59 -5.71
CA PRO A 31 -10.12 -9.95 -6.68
C PRO A 31 -9.38 -8.72 -7.22
N GLU A 32 -10.12 -7.69 -7.58
CA GLU A 32 -9.52 -6.47 -8.13
C GLU A 32 -8.75 -5.71 -7.05
N VAL A 33 -9.40 -5.45 -5.92
CA VAL A 33 -8.76 -4.73 -4.84
C VAL A 33 -7.55 -5.49 -4.32
N ASN A 34 -7.75 -6.75 -3.92
CA ASN A 34 -6.67 -7.58 -3.41
C ASN A 34 -5.47 -7.60 -4.36
N ARG A 35 -5.74 -7.73 -5.66
CA ARG A 35 -4.67 -7.75 -6.63
C ARG A 35 -3.88 -6.45 -6.61
N GLN A 36 -4.57 -5.34 -6.37
CA GLN A 36 -3.92 -4.03 -6.30
C GLN A 36 -3.15 -3.91 -4.99
N ILE A 37 -3.82 -4.25 -3.90
CA ILE A 37 -3.20 -4.18 -2.57
C ILE A 37 -1.96 -5.06 -2.54
N LYS A 38 -2.04 -6.21 -3.20
CA LYS A 38 -0.93 -7.14 -3.27
C LYS A 38 0.27 -6.49 -3.95
N ASN A 39 0.06 -5.96 -5.15
CA ASN A 39 1.14 -5.31 -5.90
C ASN A 39 1.85 -4.27 -5.03
N LEU A 40 1.08 -3.59 -4.18
CA LEU A 40 1.65 -2.58 -3.30
C LEU A 40 2.44 -3.23 -2.17
N GLU A 41 1.86 -4.26 -1.56
CA GLU A 41 2.55 -4.95 -0.48
C GLU A 41 3.90 -5.47 -1.00
N ILE A 42 3.92 -5.82 -2.28
CA ILE A 42 5.12 -6.29 -2.94
C ILE A 42 6.10 -5.15 -3.13
N SER A 43 5.58 -4.00 -3.57
CA SER A 43 6.40 -2.82 -3.80
C SER A 43 7.10 -2.41 -2.50
N ILE A 44 6.33 -2.37 -1.42
CA ILE A 44 6.86 -1.99 -0.11
C ILE A 44 7.98 -2.93 0.30
N ASP A 45 7.69 -4.23 0.31
CA ASP A 45 8.69 -5.24 0.67
C ASP A 45 9.90 -5.14 -0.23
N ALA A 46 9.68 -4.77 -1.50
CA ALA A 46 10.77 -4.63 -2.45
C ALA A 46 11.78 -3.62 -1.94
N LEU A 47 11.29 -2.45 -1.54
CA LEU A 47 12.16 -1.41 -1.02
C LEU A 47 12.97 -1.94 0.16
N MET A 48 12.28 -2.49 1.16
CA MET A 48 12.93 -3.03 2.34
C MET A 48 14.14 -3.89 1.96
N ALA A 49 13.92 -4.87 1.10
CA ALA A 49 14.99 -5.75 0.66
C ALA A 49 16.06 -4.96 -0.07
N LYS A 50 15.66 -3.81 -0.63
CA LYS A 50 16.60 -2.95 -1.35
C LYS A 50 17.36 -2.07 -0.39
N ILE A 51 16.73 -1.74 0.73
CA ILE A 51 17.35 -0.89 1.73
C ILE A 51 18.45 -1.63 2.49
N LYS A 52 18.26 -2.94 2.67
CA LYS A 52 19.22 -3.76 3.39
C LYS A 52 20.20 -4.45 2.43
N SER A 53 20.07 -4.21 1.14
CA SER A 53 20.96 -4.84 0.17
C SER A 53 21.39 -3.88 -0.93
N THR A 54 21.30 -2.58 -0.64
CA THR A 54 21.70 -1.56 -1.61
C THR A 54 21.98 -0.23 -0.90
N MET A 55 22.35 0.78 -1.68
CA MET A 55 22.64 2.11 -1.13
C MET A 55 21.64 3.13 -1.66
N MET A 56 20.39 2.71 -1.80
CA MET A 56 19.34 3.59 -2.30
C MET A 56 19.22 4.84 -1.45
N THR A 57 18.88 5.96 -2.09
CA THR A 57 18.74 7.23 -1.39
C THR A 57 17.35 7.36 -0.79
N ARG A 58 17.27 7.96 0.40
CA ARG A 58 16.00 8.14 1.09
C ARG A 58 15.01 8.89 0.18
N GLU A 59 15.54 9.74 -0.69
CA GLU A 59 14.71 10.50 -1.61
C GLU A 59 13.90 9.56 -2.50
N GLN A 60 14.57 8.56 -3.06
CA GLN A 60 13.92 7.59 -3.92
C GLN A 60 12.82 6.84 -3.15
N ILE A 61 13.07 6.63 -1.87
CA ILE A 61 12.10 5.93 -1.01
C ILE A 61 10.89 6.80 -0.76
N GLN A 62 11.12 8.11 -0.67
CA GLN A 62 10.04 9.06 -0.42
C GLN A 62 9.08 9.10 -1.60
N LYS A 63 9.63 9.11 -2.81
CA LYS A 63 8.80 9.16 -4.02
C LYS A 63 8.02 7.86 -4.18
N GLU A 64 8.70 6.73 -4.09
CA GLU A 64 8.03 5.44 -4.21
C GLU A 64 6.93 5.37 -3.16
N TYR A 65 7.19 5.98 -2.01
CA TYR A 65 6.21 6.03 -0.94
C TYR A 65 5.02 6.84 -1.43
N ASP A 66 5.30 7.87 -2.22
CA ASP A 66 4.25 8.71 -2.78
C ASP A 66 3.45 7.93 -3.82
N ALA A 67 4.15 7.09 -4.59
CA ALA A 67 3.47 6.27 -5.59
C ALA A 67 2.43 5.38 -4.92
N LEU A 68 2.78 4.90 -3.73
CA LEU A 68 1.89 4.06 -2.96
C LEU A 68 0.79 4.90 -2.33
N VAL A 69 1.11 6.15 -2.02
CA VAL A 69 0.14 7.06 -1.42
C VAL A 69 -0.94 7.43 -2.43
N LYS A 70 -0.54 7.54 -3.69
CA LYS A 70 -1.48 7.88 -4.75
C LYS A 70 -2.41 6.70 -5.05
N SER A 71 -1.81 5.53 -5.22
CA SER A 71 -2.59 4.31 -5.49
C SER A 71 -3.42 3.93 -4.27
N SER A 72 -2.85 4.13 -3.09
CA SER A 72 -3.53 3.80 -1.84
C SER A 72 -4.74 4.70 -1.64
N GLU A 73 -4.53 6.00 -1.76
CA GLU A 73 -5.62 6.97 -1.59
C GLU A 73 -6.74 6.69 -2.58
N ASP A 74 -6.37 6.27 -3.78
CA ASP A 74 -7.33 5.97 -4.82
C ASP A 74 -8.11 4.70 -4.48
N LEU A 75 -7.46 3.78 -3.78
CA LEU A 75 -8.09 2.52 -3.39
C LEU A 75 -9.21 2.76 -2.39
N LEU A 76 -8.92 3.54 -1.35
CA LEU A 76 -9.92 3.86 -0.33
C LEU A 76 -11.10 4.58 -0.97
N SER A 77 -10.79 5.60 -1.76
CA SER A 77 -11.81 6.37 -2.44
C SER A 77 -12.69 5.47 -3.29
N ALA A 78 -12.07 4.53 -3.98
CA ALA A 78 -12.80 3.60 -4.84
C ALA A 78 -13.74 2.74 -4.00
N LEU A 79 -13.19 2.11 -2.96
CA LEU A 79 -13.97 1.26 -2.08
C LEU A 79 -15.14 2.04 -1.47
N GLN A 80 -14.86 3.28 -1.05
CA GLN A 80 -15.88 4.12 -0.46
C GLN A 80 -17.07 4.28 -1.41
N LYS A 81 -16.78 4.49 -2.68
CA LYS A 81 -17.83 4.63 -3.68
C LYS A 81 -18.57 3.31 -3.84
N LYS A 82 -17.85 2.21 -3.61
CA LYS A 82 -18.44 0.88 -3.71
C LYS A 82 -19.42 0.60 -2.59
N LYS A 83 -18.96 0.78 -1.34
CA LYS A 83 -19.82 0.53 -0.19
C LYS A 83 -21.04 1.44 -0.21
N GLN A 84 -20.84 2.73 -0.48
CA GLN A 84 -21.94 3.68 -0.52
C GLN A 84 -22.97 3.27 -1.57
N GLN A 85 -22.49 2.84 -2.74
CA GLN A 85 -23.36 2.41 -3.82
C GLN A 85 -24.06 1.10 -3.45
N GLU A 86 -23.32 0.23 -2.75
CA GLU A 86 -23.85 -1.07 -2.33
C GLU A 86 -24.60 -1.77 -3.45
N GLU A 87 -24.22 -1.49 -4.70
CA GLU A 87 -24.86 -2.10 -5.85
C GLU A 87 -26.34 -1.76 -5.91
N GLU A 88 -26.73 -1.06 -6.96
CA GLU A 88 -28.11 -0.66 -7.14
C GLU A 88 -28.33 -0.15 -8.56
N GLN A 1 23.32 3.59 8.33
CA GLN A 1 23.55 2.27 7.75
C GLN A 1 22.61 1.23 8.34
N GLY A 2 21.64 0.79 7.54
CA GLY A 2 20.68 -0.19 8.00
C GLY A 2 19.31 0.41 8.28
N PRO A 3 18.98 0.64 9.56
CA PRO A 3 17.68 1.22 9.95
C PRO A 3 17.58 2.70 9.60
N GLY A 4 16.36 3.22 9.59
CA GLY A 4 16.16 4.62 9.27
C GLY A 4 14.94 4.84 8.39
N SER A 5 15.04 4.42 7.13
CA SER A 5 13.95 4.58 6.18
C SER A 5 13.06 3.33 6.15
N LEU A 6 13.63 2.20 6.53
CA LEU A 6 12.89 0.93 6.54
C LEU A 6 11.62 1.05 7.38
N VAL A 7 11.69 1.86 8.43
CA VAL A 7 10.56 2.06 9.32
C VAL A 7 9.38 2.71 8.59
N LYS A 8 9.67 3.77 7.82
CA LYS A 8 8.63 4.47 7.07
C LYS A 8 7.90 3.51 6.14
N VAL A 9 8.66 2.76 5.37
CA VAL A 9 8.08 1.79 4.44
C VAL A 9 7.20 0.80 5.19
N GLY A 10 7.65 0.40 6.37
CA GLY A 10 6.89 -0.52 7.18
C GLY A 10 5.59 0.09 7.65
N THR A 11 5.64 1.39 7.96
CA THR A 11 4.46 2.11 8.41
C THR A 11 3.35 2.00 7.36
N LEU A 12 3.72 2.24 6.10
CA LEU A 12 2.76 2.15 5.01
C LEU A 12 2.22 0.74 4.92
N LYS A 13 3.09 -0.25 5.14
CA LYS A 13 2.68 -1.64 5.10
C LYS A 13 1.53 -1.84 6.08
N LYS A 14 1.60 -1.16 7.21
CA LYS A 14 0.55 -1.22 8.22
C LYS A 14 -0.73 -0.64 7.65
N ARG A 15 -0.59 0.48 6.93
CA ARG A 15 -1.75 1.12 6.32
C ARG A 15 -2.37 0.20 5.28
N LEU A 16 -1.52 -0.64 4.67
CA LEU A 16 -1.98 -1.59 3.67
C LEU A 16 -2.94 -2.59 4.31
N ASP A 17 -2.51 -3.20 5.40
CA ASP A 17 -3.34 -4.17 6.11
C ASP A 17 -4.65 -3.53 6.54
N LYS A 18 -4.58 -2.26 6.90
CA LYS A 18 -5.76 -1.51 7.31
C LYS A 18 -6.79 -1.49 6.20
N PHE A 19 -6.32 -1.24 4.98
CA PHE A 19 -7.20 -1.19 3.81
C PHE A 19 -7.88 -2.55 3.61
N ASN A 20 -7.09 -3.62 3.76
CA ASN A 20 -7.62 -4.97 3.60
C ASN A 20 -8.82 -5.19 4.51
N GLU A 21 -8.70 -4.75 5.76
CA GLU A 21 -9.78 -4.89 6.73
C GLU A 21 -11.04 -4.19 6.22
N VAL A 22 -10.89 -2.91 5.90
CA VAL A 22 -12.00 -2.11 5.40
C VAL A 22 -12.61 -2.77 4.17
N VAL A 23 -11.75 -3.36 3.33
CA VAL A 23 -12.20 -4.04 2.13
C VAL A 23 -12.95 -5.32 2.48
N SER A 24 -12.43 -6.04 3.47
CA SER A 24 -13.06 -7.28 3.91
C SER A 24 -14.45 -6.99 4.48
N ALA A 25 -14.65 -5.76 4.92
CA ALA A 25 -15.92 -5.35 5.50
C ALA A 25 -17.05 -5.41 4.46
N LEU A 26 -16.74 -5.02 3.23
CA LEU A 26 -17.74 -5.04 2.17
C LEU A 26 -17.77 -6.39 1.45
N LYS A 27 -16.61 -7.02 1.33
CA LYS A 27 -16.50 -8.32 0.68
C LYS A 27 -16.82 -8.23 -0.81
N ASP A 28 -16.94 -7.02 -1.33
CA ASP A 28 -17.25 -6.81 -2.75
C ASP A 28 -16.01 -6.40 -3.53
N GLY A 29 -15.43 -7.33 -4.27
CA GLY A 29 -14.24 -7.05 -5.05
C GLY A 29 -12.98 -7.54 -4.38
N LYS A 30 -12.95 -8.82 -4.04
CA LYS A 30 -11.79 -9.42 -3.38
C LYS A 30 -10.58 -9.46 -4.32
N PRO A 31 -10.71 -10.11 -5.49
CA PRO A 31 -9.61 -10.21 -6.46
C PRO A 31 -9.05 -8.86 -6.89
N GLU A 32 -9.93 -7.94 -7.28
CA GLU A 32 -9.51 -6.61 -7.71
C GLU A 32 -8.67 -5.93 -6.64
N VAL A 33 -9.19 -5.91 -5.41
CA VAL A 33 -8.50 -5.28 -4.30
C VAL A 33 -7.20 -6.02 -4.00
N ASN A 34 -7.30 -7.31 -3.75
CA ASN A 34 -6.12 -8.12 -3.46
C ASN A 34 -5.07 -8.00 -4.56
N ARG A 35 -5.53 -7.67 -5.77
CA ARG A 35 -4.63 -7.53 -6.92
C ARG A 35 -3.79 -6.26 -6.81
N GLN A 36 -4.45 -5.14 -6.55
CA GLN A 36 -3.76 -3.86 -6.42
C GLN A 36 -3.06 -3.78 -5.08
N ILE A 37 -3.78 -4.19 -4.05
CA ILE A 37 -3.26 -4.21 -2.71
C ILE A 37 -2.00 -5.06 -2.63
N LYS A 38 -1.97 -6.14 -3.41
CA LYS A 38 -0.82 -7.03 -3.45
C LYS A 38 0.37 -6.34 -4.10
N ASN A 39 0.15 -5.79 -5.30
CA ASN A 39 1.23 -5.11 -6.02
C ASN A 39 1.91 -4.08 -5.12
N LEU A 40 1.13 -3.46 -4.24
CA LEU A 40 1.68 -2.47 -3.32
C LEU A 40 2.43 -3.17 -2.19
N GLU A 41 1.85 -4.24 -1.67
CA GLU A 41 2.50 -5.00 -0.60
C GLU A 41 3.87 -5.45 -1.09
N ILE A 42 3.93 -5.79 -2.37
CA ILE A 42 5.16 -6.22 -3.02
C ILE A 42 6.13 -5.05 -3.11
N SER A 43 5.59 -3.88 -3.44
CA SER A 43 6.40 -2.68 -3.55
C SER A 43 7.14 -2.39 -2.23
N ILE A 44 6.41 -2.50 -1.13
CA ILE A 44 6.99 -2.28 0.19
C ILE A 44 8.12 -3.26 0.44
N ASP A 45 7.84 -4.55 0.23
CA ASP A 45 8.83 -5.59 0.42
C ASP A 45 10.05 -5.31 -0.44
N ALA A 46 9.83 -4.69 -1.59
CA ALA A 46 10.91 -4.35 -2.51
C ALA A 46 11.87 -3.37 -1.87
N LEU A 47 11.33 -2.29 -1.30
CA LEU A 47 12.15 -1.28 -0.65
C LEU A 47 13.02 -1.89 0.43
N MET A 48 12.40 -2.57 1.39
CA MET A 48 13.15 -3.21 2.48
C MET A 48 14.35 -3.98 1.94
N ALA A 49 14.10 -4.84 0.95
CA ALA A 49 15.17 -5.63 0.34
C ALA A 49 16.17 -4.72 -0.35
N LYS A 50 15.72 -3.53 -0.74
CA LYS A 50 16.59 -2.56 -1.41
C LYS A 50 17.41 -1.78 -0.40
N ILE A 51 16.85 -1.62 0.79
CA ILE A 51 17.52 -0.89 1.86
C ILE A 51 18.68 -1.69 2.44
N LYS A 52 18.48 -2.99 2.55
CA LYS A 52 19.50 -3.88 3.09
C LYS A 52 20.38 -4.48 2.00
N SER A 53 19.82 -4.61 0.80
CA SER A 53 20.57 -5.18 -0.32
C SER A 53 20.98 -4.10 -1.32
N THR A 54 21.09 -2.87 -0.84
CA THR A 54 21.49 -1.74 -1.67
C THR A 54 21.40 -0.44 -0.89
N MET A 55 22.18 0.55 -1.31
CA MET A 55 22.19 1.85 -0.65
C MET A 55 21.50 2.91 -1.50
N MET A 56 20.19 2.79 -1.64
CA MET A 56 19.40 3.74 -2.43
C MET A 56 19.30 5.08 -1.72
N THR A 57 18.73 6.06 -2.40
CA THR A 57 18.58 7.39 -1.83
C THR A 57 17.26 7.51 -1.07
N ARG A 58 17.30 8.23 0.05
CA ARG A 58 16.11 8.43 0.88
C ARG A 58 15.00 9.10 0.08
N GLU A 59 15.39 9.92 -0.90
CA GLU A 59 14.43 10.62 -1.74
C GLU A 59 13.52 9.64 -2.45
N GLN A 60 14.09 8.53 -2.91
CA GLN A 60 13.32 7.50 -3.60
C GLN A 60 12.30 6.88 -2.66
N ILE A 61 12.68 6.75 -1.39
CA ILE A 61 11.79 6.17 -0.39
C ILE A 61 10.60 7.08 -0.12
N GLN A 62 10.84 8.38 -0.13
CA GLN A 62 9.79 9.37 0.10
C GLN A 62 8.77 9.35 -1.03
N LYS A 63 9.26 9.47 -2.26
CA LYS A 63 8.38 9.47 -3.43
C LYS A 63 7.69 8.13 -3.58
N GLU A 64 8.44 7.05 -3.44
CA GLU A 64 7.86 5.71 -3.54
C GLU A 64 6.73 5.59 -2.52
N TYR A 65 6.93 6.22 -1.37
CA TYR A 65 5.91 6.22 -0.33
C TYR A 65 4.68 6.94 -0.87
N ASP A 66 4.93 8.01 -1.63
CA ASP A 66 3.85 8.79 -2.23
C ASP A 66 3.18 7.97 -3.33
N ALA A 67 3.97 7.17 -4.06
CA ALA A 67 3.43 6.35 -5.12
C ALA A 67 2.38 5.41 -4.55
N LEU A 68 2.65 4.90 -3.36
CA LEU A 68 1.73 4.00 -2.67
C LEU A 68 0.55 4.80 -2.11
N VAL A 69 0.82 6.05 -1.74
CA VAL A 69 -0.23 6.91 -1.21
C VAL A 69 -1.21 7.28 -2.30
N LYS A 70 -0.70 7.53 -3.51
CA LYS A 70 -1.55 7.89 -4.64
C LYS A 70 -2.45 6.72 -5.02
N SER A 71 -1.83 5.54 -5.16
CA SER A 71 -2.58 4.35 -5.52
C SER A 71 -3.50 3.93 -4.38
N SER A 72 -3.01 4.09 -3.15
CA SER A 72 -3.78 3.73 -1.98
C SER A 72 -5.01 4.64 -1.84
N GLU A 73 -4.78 5.94 -1.92
CA GLU A 73 -5.87 6.91 -1.81
C GLU A 73 -6.97 6.61 -2.82
N ASP A 74 -6.56 6.31 -4.05
CA ASP A 74 -7.49 5.99 -5.12
C ASP A 74 -8.21 4.68 -4.83
N LEU A 75 -7.54 3.78 -4.11
CA LEU A 75 -8.12 2.49 -3.78
C LEU A 75 -9.28 2.64 -2.80
N LEU A 76 -9.07 3.40 -1.74
CA LEU A 76 -10.11 3.62 -0.75
C LEU A 76 -11.31 4.30 -1.38
N SER A 77 -11.04 5.40 -2.07
CA SER A 77 -12.09 6.16 -2.75
C SER A 77 -12.81 5.27 -3.77
N ALA A 78 -12.05 4.43 -4.44
CA ALA A 78 -12.61 3.52 -5.44
C ALA A 78 -13.47 2.45 -4.78
N LEU A 79 -13.04 2.01 -3.61
CA LEU A 79 -13.77 0.98 -2.88
C LEU A 79 -15.08 1.53 -2.32
N GLN A 80 -15.03 2.75 -1.81
CA GLN A 80 -16.22 3.40 -1.25
C GLN A 80 -17.30 3.54 -2.31
N LYS A 81 -16.94 4.14 -3.43
CA LYS A 81 -17.88 4.33 -4.54
C LYS A 81 -18.30 2.98 -5.10
N LYS A 82 -17.42 1.99 -4.99
CA LYS A 82 -17.69 0.65 -5.48
C LYS A 82 -18.80 -0.02 -4.67
N LYS A 83 -18.85 0.28 -3.38
CA LYS A 83 -19.87 -0.31 -2.50
C LYS A 83 -21.23 0.34 -2.74
N GLN A 84 -21.25 1.67 -2.64
CA GLN A 84 -22.49 2.41 -2.85
C GLN A 84 -23.03 2.18 -4.25
N GLN A 85 -22.12 1.86 -5.18
CA GLN A 85 -22.50 1.62 -6.56
C GLN A 85 -23.08 0.22 -6.73
N GLU A 86 -22.33 -0.78 -6.27
CA GLU A 86 -22.77 -2.17 -6.37
C GLU A 86 -22.99 -2.55 -7.84
N GLU A 87 -24.20 -2.29 -8.35
CA GLU A 87 -24.53 -2.60 -9.73
C GLU A 87 -25.70 -1.75 -10.20
N GLU A 88 -25.40 -0.68 -10.90
CA GLU A 88 -26.44 0.21 -11.41
C GLU A 88 -27.15 -0.42 -12.60
N GLN A 1 23.65 1.96 5.41
CA GLN A 1 22.28 1.49 5.58
C GLN A 1 21.86 1.56 7.06
N GLY A 2 20.77 2.27 7.32
CA GLY A 2 20.28 2.40 8.68
C GLY A 2 18.80 2.72 8.74
N PRO A 3 18.25 2.91 9.94
CA PRO A 3 16.83 3.23 10.12
C PRO A 3 16.48 4.63 9.64
N GLY A 4 15.29 5.09 10.00
CA GLY A 4 14.86 6.42 9.59
C GLY A 4 13.90 6.39 8.41
N SER A 5 14.20 5.54 7.43
CA SER A 5 13.36 5.41 6.25
C SER A 5 12.63 4.07 6.24
N LEU A 6 13.30 3.04 6.74
CA LEU A 6 12.72 1.71 6.80
C LEU A 6 11.47 1.68 7.67
N VAL A 7 11.46 2.52 8.70
CA VAL A 7 10.32 2.60 9.61
C VAL A 7 9.05 3.02 8.88
N LYS A 8 9.16 4.07 8.07
CA LYS A 8 8.01 4.57 7.31
C LYS A 8 7.47 3.49 6.38
N VAL A 9 8.39 2.71 5.81
CA VAL A 9 8.01 1.63 4.91
C VAL A 9 7.10 0.64 5.62
N GLY A 10 7.54 0.19 6.80
CA GLY A 10 6.74 -0.74 7.57
C GLY A 10 5.38 -0.15 7.93
N THR A 11 5.38 1.13 8.29
CA THR A 11 4.14 1.81 8.64
C THR A 11 3.15 1.71 7.49
N LEU A 12 3.66 1.81 6.26
CA LEU A 12 2.80 1.71 5.09
C LEU A 12 2.21 0.31 5.01
N LYS A 13 3.03 -0.70 5.28
CA LYS A 13 2.56 -2.07 5.28
C LYS A 13 1.35 -2.18 6.19
N LYS A 14 1.39 -1.40 7.27
CA LYS A 14 0.29 -1.35 8.22
C LYS A 14 -0.96 -0.82 7.53
N ARG A 15 -0.78 0.25 6.75
CA ARG A 15 -1.89 0.84 6.02
C ARG A 15 -2.53 -0.20 5.10
N LEU A 16 -1.70 -1.07 4.52
CA LEU A 16 -2.18 -2.11 3.64
C LEU A 16 -3.14 -3.05 4.38
N ASP A 17 -2.69 -3.54 5.53
CA ASP A 17 -3.51 -4.44 6.34
C ASP A 17 -4.83 -3.76 6.71
N LYS A 18 -4.75 -2.45 6.96
CA LYS A 18 -5.94 -1.68 7.32
C LYS A 18 -6.98 -1.76 6.20
N PHE A 19 -6.51 -1.65 4.96
CA PHE A 19 -7.41 -1.72 3.81
C PHE A 19 -8.04 -3.10 3.71
N ASN A 20 -7.25 -4.14 3.97
CA ASN A 20 -7.75 -5.51 3.92
C ASN A 20 -8.95 -5.68 4.83
N GLU A 21 -8.86 -5.13 6.04
CA GLU A 21 -9.95 -5.23 7.00
C GLU A 21 -11.19 -4.54 6.49
N VAL A 22 -11.04 -3.27 6.11
CA VAL A 22 -12.15 -2.48 5.58
C VAL A 22 -12.77 -3.15 4.36
N VAL A 23 -11.91 -3.73 3.53
CA VAL A 23 -12.37 -4.41 2.31
C VAL A 23 -13.01 -5.75 2.65
N SER A 24 -12.45 -6.42 3.66
CA SER A 24 -12.97 -7.72 4.08
C SER A 24 -14.43 -7.59 4.53
N ALA A 25 -14.75 -6.46 5.13
CA ALA A 25 -16.10 -6.21 5.61
C ALA A 25 -17.06 -5.92 4.45
N LEU A 26 -16.50 -5.51 3.32
CA LEU A 26 -17.30 -5.20 2.14
C LEU A 26 -17.86 -6.47 1.52
N LYS A 27 -17.03 -7.51 1.46
CA LYS A 27 -17.44 -8.79 0.88
C LYS A 27 -17.78 -8.66 -0.60
N ASP A 28 -17.39 -7.55 -1.20
CA ASP A 28 -17.64 -7.32 -2.62
C ASP A 28 -16.38 -6.86 -3.33
N GLY A 29 -16.12 -7.43 -4.51
CA GLY A 29 -14.95 -7.06 -5.27
C GLY A 29 -13.66 -7.33 -4.51
N LYS A 30 -13.46 -8.57 -4.09
CA LYS A 30 -12.27 -8.95 -3.36
C LYS A 30 -11.06 -9.09 -4.27
N PRO A 31 -11.23 -9.77 -5.43
CA PRO A 31 -10.14 -9.98 -6.39
C PRO A 31 -9.47 -8.67 -6.79
N GLU A 32 -10.27 -7.64 -7.04
CA GLU A 32 -9.75 -6.34 -7.43
C GLU A 32 -8.83 -5.76 -6.36
N VAL A 33 -9.32 -5.76 -5.12
CA VAL A 33 -8.54 -5.25 -4.00
C VAL A 33 -7.32 -6.11 -3.73
N ASN A 34 -7.54 -7.39 -3.54
CA ASN A 34 -6.44 -8.32 -3.27
C ASN A 34 -5.36 -8.22 -4.35
N ARG A 35 -5.76 -7.88 -5.56
CA ARG A 35 -4.81 -7.76 -6.68
C ARG A 35 -3.95 -6.51 -6.56
N GLN A 36 -4.59 -5.37 -6.30
CA GLN A 36 -3.87 -4.11 -6.19
C GLN A 36 -3.11 -4.09 -4.87
N ILE A 37 -3.77 -4.59 -3.85
CA ILE A 37 -3.19 -4.67 -2.53
C ILE A 37 -1.96 -5.57 -2.55
N LYS A 38 -1.99 -6.58 -3.43
CA LYS A 38 -0.87 -7.51 -3.55
C LYS A 38 0.36 -6.83 -4.17
N ASN A 39 0.18 -6.25 -5.35
CA ASN A 39 1.28 -5.57 -6.03
C ASN A 39 1.85 -4.45 -5.18
N LEU A 40 1.03 -3.91 -4.29
CA LEU A 40 1.47 -2.83 -3.41
C LEU A 40 2.31 -3.38 -2.27
N GLU A 41 1.83 -4.45 -1.64
CA GLU A 41 2.57 -5.07 -0.54
C GLU A 41 3.96 -5.48 -1.04
N ILE A 42 4.01 -5.85 -2.31
CA ILE A 42 5.26 -6.23 -2.94
C ILE A 42 6.14 -5.00 -3.14
N SER A 43 5.52 -3.90 -3.56
CA SER A 43 6.24 -2.65 -3.78
C SER A 43 6.96 -2.22 -2.51
N ILE A 44 6.22 -2.26 -1.40
CA ILE A 44 6.79 -1.89 -0.11
C ILE A 44 7.95 -2.81 0.24
N ASP A 45 7.73 -4.11 0.12
CA ASP A 45 8.76 -5.09 0.40
C ASP A 45 9.95 -4.88 -0.54
N ALA A 46 9.66 -4.43 -1.76
CA ALA A 46 10.72 -4.17 -2.73
C ALA A 46 11.71 -3.17 -2.18
N LEU A 47 11.19 -2.05 -1.66
CA LEU A 47 12.03 -1.03 -1.07
C LEU A 47 12.90 -1.62 0.02
N MET A 48 12.27 -2.30 0.98
CA MET A 48 12.98 -2.94 2.09
C MET A 48 14.20 -3.68 1.60
N ALA A 49 14.00 -4.61 0.67
CA ALA A 49 15.10 -5.39 0.12
C ALA A 49 16.10 -4.47 -0.58
N LYS A 50 15.63 -3.30 -1.00
CA LYS A 50 16.48 -2.33 -1.67
C LYS A 50 17.25 -1.51 -0.65
N ILE A 51 16.67 -1.35 0.53
CA ILE A 51 17.29 -0.58 1.59
C ILE A 51 18.46 -1.33 2.21
N LYS A 52 18.28 -2.63 2.42
CA LYS A 52 19.31 -3.46 3.03
C LYS A 52 20.22 -4.09 1.98
N SER A 53 19.68 -4.35 0.79
CA SER A 53 20.47 -4.96 -0.28
C SER A 53 20.91 -3.94 -1.31
N THR A 54 21.00 -2.69 -0.90
CA THR A 54 21.42 -1.61 -1.78
C THR A 54 21.37 -0.26 -1.06
N MET A 55 22.25 0.65 -1.45
CA MET A 55 22.31 1.98 -0.84
C MET A 55 21.17 2.86 -1.33
N MET A 56 19.95 2.45 -1.04
CA MET A 56 18.77 3.20 -1.46
C MET A 56 18.76 4.59 -0.82
N THR A 57 18.64 5.61 -1.66
CA THR A 57 18.62 6.98 -1.18
C THR A 57 17.25 7.34 -0.61
N ARG A 58 17.25 8.01 0.55
CA ARG A 58 16.01 8.40 1.20
C ARG A 58 15.12 9.17 0.23
N GLU A 59 15.73 9.94 -0.65
CA GLU A 59 14.99 10.73 -1.64
C GLU A 59 14.12 9.82 -2.49
N GLN A 60 14.71 8.73 -2.98
CA GLN A 60 13.99 7.77 -3.80
C GLN A 60 12.86 7.13 -3.01
N ILE A 61 13.10 6.95 -1.71
CA ILE A 61 12.10 6.35 -0.83
C ILE A 61 10.94 7.31 -0.60
N GLN A 62 11.26 8.60 -0.47
CA GLN A 62 10.24 9.62 -0.25
C GLN A 62 9.25 9.64 -1.40
N LYS A 63 9.76 9.72 -2.63
CA LYS A 63 8.91 9.75 -3.81
C LYS A 63 8.17 8.42 -3.95
N GLU A 64 8.90 7.33 -3.82
CA GLU A 64 8.28 6.01 -3.91
C GLU A 64 7.15 5.91 -2.89
N TYR A 65 7.37 6.57 -1.75
CA TYR A 65 6.36 6.60 -0.71
C TYR A 65 5.13 7.33 -1.25
N ASP A 66 5.39 8.37 -2.04
CA ASP A 66 4.33 9.15 -2.66
C ASP A 66 3.62 8.31 -3.71
N ALA A 67 4.39 7.50 -4.43
CA ALA A 67 3.81 6.64 -5.46
C ALA A 67 2.80 5.70 -4.84
N LEU A 68 3.09 5.26 -3.61
CA LEU A 68 2.19 4.38 -2.88
C LEU A 68 1.01 5.18 -2.33
N VAL A 69 1.27 6.45 -2.00
CA VAL A 69 0.22 7.32 -1.47
C VAL A 69 -0.80 7.65 -2.54
N LYS A 70 -0.33 7.77 -3.79
CA LYS A 70 -1.21 8.07 -4.91
C LYS A 70 -2.06 6.85 -5.25
N SER A 71 -1.40 5.70 -5.38
CA SER A 71 -2.11 4.46 -5.70
C SER A 71 -3.01 4.06 -4.55
N SER A 72 -2.48 4.17 -3.33
CA SER A 72 -3.25 3.81 -2.14
C SER A 72 -4.49 4.69 -2.02
N GLU A 73 -4.29 6.00 -2.16
CA GLU A 73 -5.39 6.95 -2.07
C GLU A 73 -6.50 6.60 -3.06
N ASP A 74 -6.08 6.19 -4.26
CA ASP A 74 -7.04 5.82 -5.31
C ASP A 74 -7.81 4.57 -4.89
N LEU A 75 -7.14 3.67 -4.17
CA LEU A 75 -7.77 2.44 -3.72
C LEU A 75 -8.92 2.74 -2.76
N LEU A 76 -8.67 3.63 -1.80
CA LEU A 76 -9.69 4.01 -0.84
C LEU A 76 -10.85 4.69 -1.54
N SER A 77 -10.51 5.63 -2.41
CA SER A 77 -11.52 6.36 -3.18
C SER A 77 -12.40 5.40 -3.97
N ALA A 78 -11.77 4.37 -4.53
CA ALA A 78 -12.49 3.36 -5.30
C ALA A 78 -13.45 2.59 -4.41
N LEU A 79 -12.95 2.14 -3.26
CA LEU A 79 -13.76 1.39 -2.31
C LEU A 79 -14.99 2.20 -1.90
N GLN A 80 -14.78 3.47 -1.61
CA GLN A 80 -15.87 4.35 -1.21
C GLN A 80 -16.92 4.43 -2.32
N LYS A 81 -16.46 4.48 -3.56
CA LYS A 81 -17.35 4.53 -4.70
C LYS A 81 -18.17 3.25 -4.78
N LYS A 82 -17.58 2.16 -4.28
CA LYS A 82 -18.23 0.85 -4.29
C LYS A 82 -19.41 0.82 -3.31
N LYS A 83 -19.11 1.09 -2.04
CA LYS A 83 -20.14 1.07 -1.01
C LYS A 83 -21.26 2.06 -1.33
N GLN A 84 -20.89 3.29 -1.67
CA GLN A 84 -21.87 4.32 -2.00
C GLN A 84 -22.73 3.89 -3.18
N GLN A 85 -22.11 3.23 -4.15
CA GLN A 85 -22.82 2.76 -5.33
C GLN A 85 -23.89 1.74 -4.96
N GLU A 86 -23.58 0.91 -3.97
CA GLU A 86 -24.52 -0.11 -3.51
C GLU A 86 -24.62 -0.11 -1.98
N GLU A 87 -25.64 0.57 -1.47
CA GLU A 87 -25.85 0.66 -0.02
C GLU A 87 -26.23 -0.70 0.56
N GLU A 88 -26.84 -1.54 -0.28
CA GLU A 88 -27.26 -2.87 0.14
C GLU A 88 -26.10 -3.66 0.75
N GLN A 1 24.65 6.16 6.98
CA GLN A 1 23.71 5.94 5.88
C GLN A 1 23.27 4.49 5.82
N GLY A 2 21.97 4.26 5.94
CA GLY A 2 21.44 2.91 5.89
C GLY A 2 19.99 2.83 6.37
N PRO A 3 19.76 2.52 7.65
CA PRO A 3 18.41 2.42 8.21
C PRO A 3 17.75 3.79 8.37
N GLY A 4 16.64 3.82 9.09
CA GLY A 4 15.94 5.06 9.32
C GLY A 4 14.69 5.19 8.47
N SER A 5 14.78 4.76 7.22
CA SER A 5 13.65 4.83 6.30
C SER A 5 12.79 3.57 6.40
N LEU A 6 13.39 2.48 6.86
CA LEU A 6 12.68 1.22 7.01
C LEU A 6 11.41 1.39 7.84
N VAL A 7 11.46 2.30 8.80
CA VAL A 7 10.31 2.56 9.66
C VAL A 7 9.12 3.04 8.85
N LYS A 8 9.35 3.97 7.94
CA LYS A 8 8.29 4.52 7.09
C LYS A 8 7.66 3.41 6.25
N VAL A 9 8.51 2.60 5.64
CA VAL A 9 8.04 1.49 4.82
C VAL A 9 7.14 0.56 5.63
N GLY A 10 7.58 0.24 6.85
CA GLY A 10 6.79 -0.61 7.72
C GLY A 10 5.44 0.01 8.04
N THR A 11 5.42 1.32 8.20
CA THR A 11 4.18 2.04 8.49
C THR A 11 3.15 1.78 7.41
N LEU A 12 3.58 1.91 6.15
CA LEU A 12 2.69 1.66 5.03
C LEU A 12 2.18 0.22 5.06
N LYS A 13 3.07 -0.70 5.42
CA LYS A 13 2.69 -2.10 5.51
C LYS A 13 1.48 -2.24 6.43
N LYS A 14 1.51 -1.48 7.52
CA LYS A 14 0.41 -1.46 8.47
C LYS A 14 -0.83 -0.92 7.80
N ARG A 15 -0.65 0.07 6.93
CA ARG A 15 -1.76 0.67 6.20
C ARG A 15 -2.42 -0.38 5.32
N LEU A 16 -1.61 -1.31 4.81
CA LEU A 16 -2.10 -2.38 3.96
C LEU A 16 -3.02 -3.29 4.76
N ASP A 17 -2.56 -3.70 5.94
CA ASP A 17 -3.36 -4.57 6.80
C ASP A 17 -4.69 -3.91 7.12
N LYS A 18 -4.64 -2.62 7.41
CA LYS A 18 -5.83 -1.84 7.72
C LYS A 18 -6.79 -1.87 6.54
N PHE A 19 -6.24 -1.73 5.35
CA PHE A 19 -7.04 -1.75 4.12
C PHE A 19 -7.76 -3.08 3.98
N ASN A 20 -7.03 -4.16 4.21
CA ASN A 20 -7.59 -5.51 4.12
C ASN A 20 -8.77 -5.66 5.08
N GLU A 21 -8.66 -5.04 6.25
CA GLU A 21 -9.72 -5.11 7.25
C GLU A 21 -11.00 -4.50 6.71
N VAL A 22 -10.92 -3.26 6.25
CA VAL A 22 -12.06 -2.56 5.70
C VAL A 22 -12.64 -3.32 4.51
N VAL A 23 -11.75 -3.89 3.71
CA VAL A 23 -12.14 -4.66 2.53
C VAL A 23 -12.80 -5.98 2.94
N SER A 24 -12.27 -6.60 3.99
CA SER A 24 -12.81 -7.85 4.48
C SER A 24 -14.26 -7.69 4.90
N ALA A 25 -14.57 -6.53 5.48
CA ALA A 25 -15.92 -6.24 5.93
C ALA A 25 -16.85 -5.93 4.75
N LEU A 26 -16.25 -5.72 3.58
CA LEU A 26 -17.02 -5.41 2.37
C LEU A 26 -17.48 -6.68 1.68
N LYS A 27 -16.53 -7.55 1.36
CA LYS A 27 -16.83 -8.82 0.69
C LYS A 27 -17.17 -8.61 -0.79
N ASP A 28 -17.08 -7.36 -1.25
CA ASP A 28 -17.38 -7.03 -2.63
C ASP A 28 -16.12 -6.56 -3.37
N GLY A 29 -15.83 -7.19 -4.50
CA GLY A 29 -14.65 -6.82 -5.26
C GLY A 29 -13.37 -7.35 -4.63
N LYS A 30 -13.46 -8.50 -3.97
CA LYS A 30 -12.31 -9.11 -3.32
C LYS A 30 -11.10 -9.15 -4.25
N PRO A 31 -11.23 -9.79 -5.43
CA PRO A 31 -10.12 -9.89 -6.39
C PRO A 31 -9.52 -8.54 -6.74
N GLU A 32 -10.38 -7.58 -7.09
CA GLU A 32 -9.93 -6.24 -7.44
C GLU A 32 -9.03 -5.64 -6.37
N VAL A 33 -9.50 -5.70 -5.14
CA VAL A 33 -8.74 -5.18 -4.00
C VAL A 33 -7.48 -6.00 -3.76
N ASN A 34 -7.65 -7.30 -3.58
CA ASN A 34 -6.52 -8.19 -3.34
C ASN A 34 -5.43 -8.03 -4.40
N ARG A 35 -5.84 -7.77 -5.65
CA ARG A 35 -4.88 -7.62 -6.74
C ARG A 35 -4.14 -6.29 -6.68
N GLN A 36 -4.86 -5.22 -6.32
CA GLN A 36 -4.24 -3.91 -6.21
C GLN A 36 -3.42 -3.84 -4.95
N ILE A 37 -4.04 -4.28 -3.86
CA ILE A 37 -3.41 -4.32 -2.57
C ILE A 37 -2.12 -5.14 -2.63
N LYS A 38 -2.11 -6.16 -3.49
CA LYS A 38 -0.95 -7.01 -3.65
C LYS A 38 0.18 -6.23 -4.33
N ASN A 39 -0.11 -5.63 -5.47
CA ASN A 39 0.88 -4.85 -6.21
C ASN A 39 1.57 -3.85 -5.29
N LEU A 40 0.83 -3.31 -4.33
CA LEU A 40 1.40 -2.34 -3.40
C LEU A 40 2.26 -3.03 -2.36
N GLU A 41 1.76 -4.12 -1.79
CA GLU A 41 2.53 -4.86 -0.80
C GLU A 41 3.87 -5.27 -1.40
N ILE A 42 3.85 -5.52 -2.72
CA ILE A 42 5.04 -5.88 -3.45
C ILE A 42 5.97 -4.68 -3.58
N SER A 43 5.40 -3.53 -3.91
CA SER A 43 6.18 -2.31 -4.05
C SER A 43 6.86 -1.96 -2.74
N ILE A 44 6.08 -1.90 -1.67
CA ILE A 44 6.61 -1.60 -0.34
C ILE A 44 7.69 -2.60 0.05
N ASP A 45 7.36 -3.88 -0.06
CA ASP A 45 8.31 -4.94 0.27
C ASP A 45 9.55 -4.82 -0.60
N ALA A 46 9.36 -4.37 -1.83
CA ALA A 46 10.49 -4.20 -2.75
C ALA A 46 11.52 -3.26 -2.14
N LEU A 47 11.04 -2.10 -1.66
CA LEU A 47 11.91 -1.13 -1.03
C LEU A 47 12.68 -1.77 0.10
N MET A 48 11.96 -2.43 1.01
CA MET A 48 12.58 -3.09 2.16
C MET A 48 13.81 -3.89 1.72
N ALA A 49 13.61 -4.83 0.81
CA ALA A 49 14.71 -5.66 0.31
C ALA A 49 15.78 -4.78 -0.32
N LYS A 50 15.38 -3.59 -0.78
CA LYS A 50 16.29 -2.65 -1.40
C LYS A 50 17.05 -1.86 -0.34
N ILE A 51 16.40 -1.66 0.80
CA ILE A 51 16.99 -0.91 1.89
C ILE A 51 18.13 -1.68 2.55
N LYS A 52 17.93 -2.99 2.71
CA LYS A 52 18.94 -3.84 3.34
C LYS A 52 19.82 -4.54 2.30
N SER A 53 19.58 -4.28 1.01
CA SER A 53 20.37 -4.92 -0.03
C SER A 53 20.87 -3.91 -1.07
N THR A 54 20.90 -2.64 -0.69
CA THR A 54 21.36 -1.58 -1.59
C THR A 54 21.76 -0.34 -0.81
N MET A 55 22.11 0.72 -1.53
CA MET A 55 22.51 1.98 -0.91
C MET A 55 21.68 3.13 -1.46
N MET A 56 20.42 2.84 -1.78
CA MET A 56 19.51 3.84 -2.32
C MET A 56 19.38 5.03 -1.38
N THR A 57 19.14 6.20 -1.95
CA THR A 57 18.99 7.42 -1.16
C THR A 57 17.59 7.52 -0.56
N ARG A 58 17.51 8.05 0.66
CA ARG A 58 16.22 8.20 1.33
C ARG A 58 15.25 8.98 0.46
N GLU A 59 15.78 9.89 -0.36
CA GLU A 59 14.95 10.69 -1.25
C GLU A 59 14.15 9.79 -2.17
N GLN A 60 14.82 8.80 -2.76
CA GLN A 60 14.17 7.87 -3.66
C GLN A 60 13.03 7.15 -2.93
N ILE A 61 13.25 6.87 -1.66
CA ILE A 61 12.25 6.21 -0.83
C ILE A 61 11.06 7.12 -0.60
N GLN A 62 11.34 8.42 -0.47
CA GLN A 62 10.29 9.41 -0.25
C GLN A 62 9.30 9.42 -1.41
N LYS A 63 9.83 9.49 -2.63
CA LYS A 63 8.98 9.50 -3.81
C LYS A 63 8.20 8.20 -3.91
N GLU A 64 8.86 7.09 -3.62
CA GLU A 64 8.20 5.79 -3.66
C GLU A 64 7.01 5.81 -2.71
N TYR A 65 7.17 6.50 -1.59
CA TYR A 65 6.09 6.64 -0.63
C TYR A 65 4.96 7.41 -1.29
N ASP A 66 5.34 8.38 -2.12
CA ASP A 66 4.36 9.17 -2.84
C ASP A 66 3.66 8.32 -3.89
N ALA A 67 4.41 7.43 -4.53
CA ALA A 67 3.84 6.54 -5.53
C ALA A 67 2.77 5.68 -4.89
N LEU A 68 3.00 5.31 -3.64
CA LEU A 68 2.06 4.50 -2.88
C LEU A 68 0.89 5.35 -2.41
N VAL A 69 1.16 6.63 -2.18
CA VAL A 69 0.12 7.55 -1.74
C VAL A 69 -0.89 7.79 -2.86
N LYS A 70 -0.40 7.81 -4.10
CA LYS A 70 -1.26 8.01 -5.25
C LYS A 70 -2.09 6.77 -5.53
N SER A 71 -1.43 5.62 -5.56
CA SER A 71 -2.11 4.36 -5.80
C SER A 71 -3.04 4.02 -4.65
N SER A 72 -2.57 4.24 -3.43
CA SER A 72 -3.37 3.98 -2.24
C SER A 72 -4.61 4.86 -2.22
N GLU A 73 -4.42 6.15 -2.49
CA GLU A 73 -5.53 7.10 -2.52
C GLU A 73 -6.61 6.64 -3.49
N ASP A 74 -6.17 6.14 -4.64
CA ASP A 74 -7.09 5.66 -5.66
C ASP A 74 -7.83 4.41 -5.18
N LEU A 75 -7.16 3.62 -4.35
CA LEU A 75 -7.75 2.40 -3.81
C LEU A 75 -8.93 2.71 -2.91
N LEU A 76 -8.76 3.67 -2.01
CA LEU A 76 -9.82 4.08 -1.09
C LEU A 76 -11.00 4.60 -1.89
N SER A 77 -10.73 5.55 -2.78
CA SER A 77 -11.76 6.14 -3.61
C SER A 77 -12.51 5.06 -4.39
N ALA A 78 -11.76 4.05 -4.85
CA ALA A 78 -12.34 2.96 -5.59
C ALA A 78 -13.21 2.10 -4.68
N LEU A 79 -12.78 1.94 -3.44
CA LEU A 79 -13.53 1.16 -2.46
C LEU A 79 -14.87 1.81 -2.14
N GLN A 80 -14.81 3.11 -1.85
CA GLN A 80 -16.02 3.86 -1.51
C GLN A 80 -17.05 3.74 -2.64
N LYS A 81 -16.61 3.97 -3.86
CA LYS A 81 -17.50 3.86 -5.02
C LYS A 81 -17.99 2.43 -5.14
N LYS A 82 -17.19 1.48 -4.67
CA LYS A 82 -17.53 0.07 -4.73
C LYS A 82 -18.69 -0.26 -3.79
N LYS A 83 -18.55 0.08 -2.52
CA LYS A 83 -19.59 -0.20 -1.53
C LYS A 83 -20.89 0.53 -1.87
N GLN A 84 -20.78 1.80 -2.23
CA GLN A 84 -21.97 2.59 -2.58
C GLN A 84 -22.64 2.06 -3.84
N GLN A 85 -21.84 1.50 -4.74
CA GLN A 85 -22.37 0.96 -5.99
C GLN A 85 -23.02 -0.40 -5.76
N GLU A 86 -22.26 -1.31 -5.14
CA GLU A 86 -22.75 -2.65 -4.85
C GLU A 86 -23.74 -2.63 -3.69
N GLU A 87 -24.98 -2.25 -3.99
CA GLU A 87 -26.02 -2.18 -2.96
C GLU A 87 -27.37 -2.56 -3.56
N GLU A 88 -27.70 -1.99 -4.71
CA GLU A 88 -28.97 -2.26 -5.37
C GLU A 88 -28.76 -2.49 -6.87
N GLN A 1 24.26 5.05 5.24
CA GLN A 1 23.03 4.27 5.11
C GLN A 1 22.15 4.42 6.34
N GLY A 2 21.88 5.68 6.72
CA GLY A 2 21.06 5.94 7.88
C GLY A 2 19.70 5.29 7.79
N PRO A 3 19.44 4.23 8.59
CA PRO A 3 18.16 3.52 8.58
C PRO A 3 17.03 4.37 9.16
N GLY A 4 16.54 5.33 8.37
CA GLY A 4 15.46 6.19 8.83
C GLY A 4 14.27 6.17 7.89
N SER A 5 14.29 5.28 6.90
CA SER A 5 13.19 5.17 5.94
C SER A 5 12.44 3.86 6.11
N LEU A 6 13.15 2.83 6.58
CA LEU A 6 12.56 1.51 6.78
C LEU A 6 11.31 1.61 7.66
N VAL A 7 11.32 2.55 8.60
CA VAL A 7 10.20 2.74 9.49
C VAL A 7 8.97 3.26 8.74
N LYS A 8 9.19 4.25 7.88
CA LYS A 8 8.10 4.83 7.10
C LYS A 8 7.50 3.80 6.16
N VAL A 9 8.34 3.15 5.37
CA VAL A 9 7.89 2.13 4.43
C VAL A 9 7.13 1.03 5.15
N GLY A 10 7.71 0.56 6.26
CA GLY A 10 7.05 -0.48 7.04
C GLY A 10 5.69 -0.03 7.53
N THR A 11 5.60 1.23 7.94
CA THR A 11 4.35 1.80 8.41
C THR A 11 3.28 1.67 7.33
N LEU A 12 3.70 1.88 6.09
CA LEU A 12 2.79 1.78 4.96
C LEU A 12 2.26 0.35 4.85
N LYS A 13 3.16 -0.62 4.99
CA LYS A 13 2.76 -2.02 4.94
C LYS A 13 1.62 -2.26 5.93
N LYS A 14 1.74 -1.61 7.09
CA LYS A 14 0.71 -1.70 8.11
C LYS A 14 -0.58 -1.08 7.60
N ARG A 15 -0.45 -0.01 6.83
CA ARG A 15 -1.61 0.66 6.26
C ARG A 15 -2.31 -0.26 5.27
N LEU A 16 -1.53 -1.08 4.58
CA LEU A 16 -2.07 -2.02 3.61
C LEU A 16 -2.93 -3.05 4.32
N ASP A 17 -2.45 -3.52 5.47
CA ASP A 17 -3.18 -4.51 6.26
C ASP A 17 -4.53 -3.95 6.71
N LYS A 18 -4.52 -2.75 7.27
CA LYS A 18 -5.75 -2.11 7.73
C LYS A 18 -6.76 -1.97 6.60
N PHE A 19 -6.25 -1.71 5.39
CA PHE A 19 -7.11 -1.56 4.22
C PHE A 19 -7.79 -2.88 3.90
N ASN A 20 -7.05 -3.97 4.03
CA ASN A 20 -7.58 -5.31 3.76
C ASN A 20 -8.74 -5.61 4.70
N GLU A 21 -8.59 -5.22 5.96
CA GLU A 21 -9.62 -5.45 6.96
C GLU A 21 -10.92 -4.74 6.56
N VAL A 22 -10.80 -3.44 6.30
CA VAL A 22 -11.95 -2.64 5.89
C VAL A 22 -12.59 -3.21 4.63
N VAL A 23 -11.75 -3.70 3.72
CA VAL A 23 -12.23 -4.29 2.48
C VAL A 23 -12.90 -5.63 2.73
N SER A 24 -12.33 -6.40 3.64
CA SER A 24 -12.88 -7.71 3.98
C SER A 24 -14.32 -7.59 4.48
N ALA A 25 -14.58 -6.53 5.24
CA ALA A 25 -15.91 -6.29 5.78
C ALA A 25 -16.92 -6.01 4.67
N LEU A 26 -16.42 -5.66 3.49
CA LEU A 26 -17.28 -5.36 2.35
C LEU A 26 -17.77 -6.64 1.68
N LYS A 27 -16.91 -7.66 1.67
CA LYS A 27 -17.26 -8.95 1.06
C LYS A 27 -17.45 -8.81 -0.46
N ASP A 28 -17.05 -7.67 -1.01
CA ASP A 28 -17.18 -7.43 -2.43
C ASP A 28 -15.90 -6.85 -3.01
N GLY A 29 -15.68 -7.05 -4.31
CA GLY A 29 -14.48 -6.55 -4.95
C GLY A 29 -13.22 -7.09 -4.32
N LYS A 30 -13.32 -8.28 -3.73
CA LYS A 30 -12.18 -8.91 -3.08
C LYS A 30 -10.99 -9.05 -4.03
N PRO A 31 -11.18 -9.73 -5.18
CA PRO A 31 -10.11 -9.93 -6.16
C PRO A 31 -9.48 -8.63 -6.61
N GLU A 32 -10.32 -7.67 -6.99
CA GLU A 32 -9.84 -6.37 -7.46
C GLU A 32 -8.93 -5.71 -6.42
N VAL A 33 -9.40 -5.68 -5.18
CA VAL A 33 -8.64 -5.09 -4.09
C VAL A 33 -7.38 -5.89 -3.78
N ASN A 34 -7.54 -7.19 -3.63
CA ASN A 34 -6.41 -8.05 -3.31
C ASN A 34 -5.33 -7.98 -4.39
N ARG A 35 -5.74 -7.79 -5.65
CA ARG A 35 -4.78 -7.72 -6.75
C ARG A 35 -4.01 -6.40 -6.74
N GLN A 36 -4.71 -5.30 -6.44
CA GLN A 36 -4.06 -4.00 -6.38
C GLN A 36 -3.27 -3.90 -5.09
N ILE A 37 -3.95 -4.24 -4.00
CA ILE A 37 -3.35 -4.24 -2.68
C ILE A 37 -2.12 -5.14 -2.66
N LYS A 38 -2.14 -6.18 -3.51
CA LYS A 38 -1.02 -7.11 -3.59
C LYS A 38 0.18 -6.42 -4.23
N ASN A 39 -0.03 -5.82 -5.40
CA ASN A 39 1.05 -5.12 -6.09
C ASN A 39 1.71 -4.10 -5.18
N LEU A 40 0.93 -3.52 -4.27
CA LEU A 40 1.46 -2.53 -3.35
C LEU A 40 2.29 -3.17 -2.26
N GLU A 41 1.78 -4.23 -1.65
CA GLU A 41 2.52 -4.93 -0.61
C GLU A 41 3.87 -5.36 -1.15
N ILE A 42 3.89 -5.67 -2.45
CA ILE A 42 5.10 -6.07 -3.13
C ILE A 42 6.03 -4.88 -3.28
N SER A 43 5.45 -3.74 -3.65
CA SER A 43 6.23 -2.51 -3.81
C SER A 43 6.94 -2.16 -2.50
N ILE A 44 6.20 -2.21 -1.40
CA ILE A 44 6.74 -1.92 -0.09
C ILE A 44 7.88 -2.88 0.24
N ASP A 45 7.59 -4.18 0.19
CA ASP A 45 8.58 -5.19 0.48
C ASP A 45 9.79 -5.03 -0.45
N ALA A 46 9.53 -4.59 -1.68
CA ALA A 46 10.60 -4.37 -2.64
C ALA A 46 11.61 -3.40 -2.08
N LEU A 47 11.11 -2.28 -1.57
CA LEU A 47 11.98 -1.27 -0.98
C LEU A 47 12.83 -1.90 0.11
N MET A 48 12.19 -2.65 1.00
CA MET A 48 12.88 -3.33 2.09
C MET A 48 14.17 -4.00 1.59
N ALA A 49 14.00 -4.93 0.65
CA ALA A 49 15.14 -5.62 0.08
C ALA A 49 16.12 -4.64 -0.55
N LYS A 50 15.59 -3.47 -0.94
CA LYS A 50 16.41 -2.42 -1.54
C LYS A 50 17.15 -1.63 -0.48
N ILE A 51 16.54 -1.55 0.70
CA ILE A 51 17.12 -0.80 1.81
C ILE A 51 18.32 -1.52 2.42
N LYS A 52 18.17 -2.82 2.65
CA LYS A 52 19.22 -3.63 3.25
C LYS A 52 20.17 -4.21 2.21
N SER A 53 19.63 -4.53 1.03
CA SER A 53 20.44 -5.11 -0.03
C SER A 53 20.90 -4.07 -1.05
N THR A 54 20.92 -2.81 -0.62
CA THR A 54 21.34 -1.71 -1.49
C THR A 54 21.25 -0.38 -0.74
N MET A 55 22.12 0.56 -1.10
CA MET A 55 22.14 1.86 -0.48
C MET A 55 21.03 2.75 -1.04
N MET A 56 19.79 2.33 -0.86
CA MET A 56 18.64 3.08 -1.36
C MET A 56 18.58 4.46 -0.70
N THR A 57 18.64 5.50 -1.53
CA THR A 57 18.59 6.87 -1.03
C THR A 57 17.24 7.16 -0.39
N ARG A 58 17.27 7.76 0.80
CA ARG A 58 16.04 8.09 1.52
C ARG A 58 15.11 8.93 0.65
N GLU A 59 15.71 9.73 -0.23
CA GLU A 59 14.92 10.58 -1.13
C GLU A 59 14.05 9.73 -2.03
N GLN A 60 14.64 8.68 -2.60
CA GLN A 60 13.91 7.78 -3.48
C GLN A 60 12.77 7.09 -2.73
N ILE A 61 12.99 6.83 -1.45
CA ILE A 61 12.00 6.18 -0.61
C ILE A 61 10.81 7.12 -0.38
N GLN A 62 11.10 8.42 -0.29
CA GLN A 62 10.05 9.42 -0.07
C GLN A 62 9.13 9.52 -1.27
N LYS A 63 9.73 9.62 -2.46
CA LYS A 63 8.94 9.73 -3.69
C LYS A 63 8.17 8.45 -3.94
N GLU A 64 8.86 7.31 -3.86
CA GLU A 64 8.19 6.03 -4.06
C GLU A 64 7.04 5.90 -3.08
N TYR A 65 7.23 6.49 -1.89
CA TYR A 65 6.20 6.49 -0.89
C TYR A 65 5.01 7.30 -1.40
N ASP A 66 5.33 8.37 -2.14
CA ASP A 66 4.31 9.21 -2.72
C ASP A 66 3.58 8.46 -3.83
N ALA A 67 4.33 7.65 -4.59
CA ALA A 67 3.73 6.87 -5.66
C ALA A 67 2.68 5.92 -5.08
N LEU A 68 2.96 5.43 -3.87
CA LEU A 68 2.05 4.53 -3.18
C LEU A 68 0.87 5.33 -2.62
N VAL A 69 1.14 6.58 -2.24
CA VAL A 69 0.09 7.44 -1.69
C VAL A 69 -0.93 7.77 -2.76
N LYS A 70 -0.47 7.91 -4.01
CA LYS A 70 -1.35 8.22 -5.13
C LYS A 70 -2.19 7.00 -5.47
N SER A 71 -1.53 5.86 -5.62
CA SER A 71 -2.22 4.62 -5.94
C SER A 71 -3.18 4.24 -4.82
N SER A 72 -2.72 4.40 -3.58
CA SER A 72 -3.53 4.10 -2.41
C SER A 72 -4.76 4.99 -2.37
N GLU A 73 -4.54 6.30 -2.52
CA GLU A 73 -5.64 7.26 -2.51
C GLU A 73 -6.74 6.84 -3.47
N ASP A 74 -6.34 6.37 -4.65
CA ASP A 74 -7.28 5.93 -5.66
C ASP A 74 -7.94 4.62 -5.24
N LEU A 75 -7.23 3.82 -4.44
CA LEU A 75 -7.75 2.55 -3.97
C LEU A 75 -8.89 2.75 -3.00
N LEU A 76 -8.68 3.61 -2.01
CA LEU A 76 -9.71 3.91 -1.02
C LEU A 76 -10.92 4.51 -1.71
N SER A 77 -10.68 5.47 -2.58
CA SER A 77 -11.74 6.14 -3.31
C SER A 77 -12.59 5.11 -4.06
N ALA A 78 -11.92 4.14 -4.67
CA ALA A 78 -12.61 3.08 -5.40
C ALA A 78 -13.47 2.25 -4.46
N LEU A 79 -12.89 1.86 -3.33
CA LEU A 79 -13.60 1.07 -2.34
C LEU A 79 -14.82 1.83 -1.84
N GLN A 80 -14.64 3.11 -1.55
CA GLN A 80 -15.73 3.95 -1.09
C GLN A 80 -16.89 3.92 -2.08
N LYS A 81 -16.56 3.92 -3.36
CA LYS A 81 -17.56 3.87 -4.41
C LYS A 81 -18.27 2.52 -4.38
N LYS A 82 -17.53 1.50 -3.97
CA LYS A 82 -18.07 0.14 -3.90
C LYS A 82 -19.12 0.04 -2.79
N LYS A 83 -18.73 0.43 -1.58
CA LYS A 83 -19.65 0.38 -0.43
C LYS A 83 -20.80 1.34 -0.64
N GLN A 84 -20.51 2.50 -1.22
CA GLN A 84 -21.53 3.51 -1.46
C GLN A 84 -22.63 2.96 -2.36
N GLN A 85 -22.23 2.21 -3.39
CA GLN A 85 -23.18 1.61 -4.31
C GLN A 85 -23.83 0.38 -3.70
N GLU A 86 -22.99 -0.51 -3.17
CA GLU A 86 -23.47 -1.74 -2.54
C GLU A 86 -24.26 -1.43 -1.27
N GLU A 87 -24.62 -2.47 -0.53
CA GLU A 87 -25.38 -2.31 0.70
C GLU A 87 -24.51 -1.69 1.78
N GLU A 88 -25.04 -0.67 2.45
CA GLU A 88 -24.33 0.02 3.52
C GLU A 88 -24.49 -0.71 4.85
N GLN A 1 23.02 0.06 6.22
CA GLN A 1 23.05 1.08 5.18
C GLN A 1 21.70 1.77 5.04
N GLY A 2 20.98 1.86 6.16
CA GLY A 2 19.67 2.50 6.14
C GLY A 2 18.91 2.28 7.43
N PRO A 3 19.43 2.77 8.57
CA PRO A 3 18.77 2.61 9.87
C PRO A 3 17.68 3.66 10.10
N GLY A 4 16.75 3.78 9.16
CA GLY A 4 15.68 4.75 9.29
C GLY A 4 14.67 4.64 8.18
N SER A 5 15.15 4.53 6.95
CA SER A 5 14.27 4.43 5.78
C SER A 5 13.34 3.22 5.92
N LEU A 6 13.81 2.20 6.62
CA LEU A 6 13.02 0.98 6.83
C LEU A 6 11.71 1.31 7.55
N VAL A 7 11.76 2.30 8.44
CA VAL A 7 10.58 2.70 9.20
C VAL A 7 9.46 3.14 8.27
N LYS A 8 9.76 4.06 7.37
CA LYS A 8 8.77 4.57 6.42
C LYS A 8 8.12 3.42 5.66
N VAL A 9 8.94 2.50 5.19
CA VAL A 9 8.44 1.34 4.46
C VAL A 9 7.50 0.52 5.33
N GLY A 10 7.89 0.33 6.59
CA GLY A 10 7.05 -0.41 7.51
C GLY A 10 5.74 0.31 7.80
N THR A 11 5.82 1.63 7.86
CA THR A 11 4.63 2.45 8.12
C THR A 11 3.56 2.17 7.07
N LEU A 12 3.96 2.19 5.80
CA LEU A 12 3.04 1.92 4.70
C LEU A 12 2.50 0.50 4.82
N LYS A 13 3.37 -0.42 5.22
CA LYS A 13 2.97 -1.82 5.39
C LYS A 13 1.77 -1.88 6.32
N LYS A 14 1.78 -1.03 7.34
CA LYS A 14 0.69 -0.95 8.29
C LYS A 14 -0.55 -0.40 7.60
N ARG A 15 -0.36 0.61 6.75
CA ARG A 15 -1.47 1.21 6.02
C ARG A 15 -2.12 0.18 5.12
N LEU A 16 -1.29 -0.69 4.54
CA LEU A 16 -1.78 -1.74 3.65
C LEU A 16 -2.71 -2.69 4.43
N ASP A 17 -2.24 -3.13 5.58
CA ASP A 17 -3.04 -4.03 6.42
C ASP A 17 -4.35 -3.37 6.81
N LYS A 18 -4.32 -2.06 7.02
CA LYS A 18 -5.50 -1.30 7.39
C LYS A 18 -6.56 -1.42 6.29
N PHE A 19 -6.13 -1.25 5.05
CA PHE A 19 -7.04 -1.35 3.91
C PHE A 19 -7.63 -2.75 3.82
N ASN A 20 -6.79 -3.76 4.06
CA ASN A 20 -7.23 -5.15 4.00
C ASN A 20 -8.36 -5.39 4.99
N GLU A 21 -8.28 -4.76 6.15
CA GLU A 21 -9.31 -4.91 7.18
C GLU A 21 -10.63 -4.33 6.70
N VAL A 22 -10.59 -3.07 6.28
CA VAL A 22 -11.77 -2.39 5.78
C VAL A 22 -12.37 -3.14 4.59
N VAL A 23 -11.50 -3.67 3.74
CA VAL A 23 -11.93 -4.42 2.57
C VAL A 23 -12.43 -5.81 2.96
N SER A 24 -11.80 -6.40 3.97
CA SER A 24 -12.18 -7.72 4.44
C SER A 24 -13.63 -7.72 4.92
N ALA A 25 -14.04 -6.60 5.52
CA ALA A 25 -15.40 -6.46 6.02
C ALA A 25 -16.41 -6.27 4.89
N LEU A 26 -15.90 -5.92 3.71
CA LEU A 26 -16.75 -5.70 2.54
C LEU A 26 -17.23 -7.03 1.96
N LYS A 27 -16.30 -7.97 1.80
CA LYS A 27 -16.62 -9.29 1.26
C LYS A 27 -16.99 -9.20 -0.22
N ASP A 28 -16.79 -8.03 -0.82
CA ASP A 28 -17.10 -7.82 -2.24
C ASP A 28 -15.89 -7.23 -2.96
N GLY A 29 -15.77 -7.55 -4.25
CA GLY A 29 -14.66 -7.04 -5.04
C GLY A 29 -13.33 -7.42 -4.44
N LYS A 30 -13.26 -8.60 -3.84
CA LYS A 30 -12.04 -9.08 -3.23
C LYS A 30 -10.93 -9.27 -4.27
N PRO A 31 -11.25 -9.87 -5.43
CA PRO A 31 -10.26 -10.10 -6.50
C PRO A 31 -9.60 -8.82 -6.99
N GLU A 32 -10.41 -7.81 -7.29
CA GLU A 32 -9.91 -6.53 -7.79
C GLU A 32 -9.06 -5.81 -6.74
N VAL A 33 -9.59 -5.69 -5.53
CA VAL A 33 -8.89 -5.02 -4.45
C VAL A 33 -7.66 -5.82 -4.03
N ASN A 34 -7.82 -7.12 -3.85
CA ASN A 34 -6.69 -7.97 -3.45
C ASN A 34 -5.58 -7.91 -4.50
N ARG A 35 -5.96 -7.67 -5.75
CA ARG A 35 -5.00 -7.60 -6.84
C ARG A 35 -4.21 -6.29 -6.81
N GLN A 36 -4.91 -5.19 -6.63
CA GLN A 36 -4.28 -3.87 -6.56
C GLN A 36 -3.53 -3.75 -5.25
N ILE A 37 -4.23 -4.14 -4.19
CA ILE A 37 -3.68 -4.09 -2.84
C ILE A 37 -2.39 -4.92 -2.77
N LYS A 38 -2.40 -6.07 -3.45
CA LYS A 38 -1.24 -6.95 -3.47
C LYS A 38 -0.05 -6.25 -4.14
N ASN A 39 -0.31 -5.66 -5.32
CA ASN A 39 0.74 -4.96 -6.05
C ASN A 39 1.47 -3.96 -5.16
N LEU A 40 0.70 -3.14 -4.44
CA LEU A 40 1.29 -2.16 -3.55
C LEU A 40 2.14 -2.85 -2.51
N GLU A 41 1.65 -3.98 -2.00
CA GLU A 41 2.39 -4.76 -1.02
C GLU A 41 3.75 -5.14 -1.61
N ILE A 42 3.78 -5.26 -2.93
CA ILE A 42 5.01 -5.60 -3.65
C ILE A 42 5.96 -4.41 -3.64
N SER A 43 5.39 -3.23 -3.88
CA SER A 43 6.18 -2.00 -3.90
C SER A 43 6.89 -1.80 -2.56
N ILE A 44 6.13 -1.85 -1.47
CA ILE A 44 6.69 -1.68 -0.13
C ILE A 44 7.77 -2.72 0.13
N ASP A 45 7.41 -3.99 -0.06
CA ASP A 45 8.35 -5.08 0.16
C ASP A 45 9.60 -4.90 -0.70
N ALA A 46 9.41 -4.38 -1.92
CA ALA A 46 10.51 -4.15 -2.82
C ALA A 46 11.55 -3.24 -2.18
N LEU A 47 11.08 -2.13 -1.62
CA LEU A 47 11.95 -1.17 -0.96
C LEU A 47 12.77 -1.87 0.13
N MET A 48 12.08 -2.58 1.02
CA MET A 48 12.73 -3.30 2.11
C MET A 48 13.95 -4.06 1.61
N ALA A 49 13.74 -4.91 0.62
CA ALA A 49 14.84 -5.69 0.05
C ALA A 49 15.89 -4.76 -0.56
N LYS A 50 15.46 -3.56 -0.94
CA LYS A 50 16.36 -2.58 -1.52
C LYS A 50 17.13 -1.83 -0.43
N ILE A 51 16.51 -1.73 0.73
CA ILE A 51 17.12 -1.04 1.86
C ILE A 51 18.27 -1.84 2.44
N LYS A 52 18.08 -3.15 2.51
CA LYS A 52 19.10 -4.04 3.06
C LYS A 52 20.02 -4.60 1.98
N SER A 53 19.50 -4.72 0.76
CA SER A 53 20.28 -5.25 -0.35
C SER A 53 20.75 -4.14 -1.29
N THR A 54 20.83 -2.93 -0.77
CA THR A 54 21.27 -1.78 -1.56
C THR A 54 21.20 -0.50 -0.74
N MET A 55 22.08 0.45 -1.05
CA MET A 55 22.13 1.72 -0.35
C MET A 55 21.00 2.63 -0.79
N MET A 56 19.77 2.27 -0.42
CA MET A 56 18.60 3.05 -0.78
C MET A 56 18.57 4.37 -0.01
N THR A 57 18.47 5.48 -0.74
CA THR A 57 18.44 6.80 -0.12
C THR A 57 17.03 7.12 0.40
N ARG A 58 16.98 7.80 1.55
CA ARG A 58 15.69 8.16 2.14
C ARG A 58 14.81 8.91 1.15
N GLU A 59 15.44 9.71 0.30
CA GLU A 59 14.72 10.47 -0.71
C GLU A 59 13.94 9.55 -1.64
N GLN A 60 14.61 8.50 -2.11
CA GLN A 60 13.98 7.54 -3.00
C GLN A 60 12.79 6.88 -2.31
N ILE A 61 12.89 6.71 -1.00
CA ILE A 61 11.82 6.11 -0.22
C ILE A 61 10.63 7.06 -0.11
N GLN A 62 10.92 8.36 -0.05
CA GLN A 62 9.88 9.37 0.06
C GLN A 62 9.01 9.38 -1.19
N LYS A 63 9.66 9.34 -2.36
CA LYS A 63 8.93 9.34 -3.62
C LYS A 63 8.14 8.05 -3.79
N GLU A 64 8.80 6.92 -3.57
CA GLU A 64 8.12 5.64 -3.67
C GLU A 64 6.92 5.63 -2.74
N TYR A 65 7.08 6.29 -1.60
CA TYR A 65 6.00 6.40 -0.64
C TYR A 65 4.88 7.20 -1.27
N ASP A 66 5.25 8.19 -2.10
CA ASP A 66 4.27 9.01 -2.79
C ASP A 66 3.56 8.17 -3.85
N ALA A 67 4.30 7.29 -4.51
CA ALA A 67 3.72 6.42 -5.53
C ALA A 67 2.62 5.57 -4.90
N LEU A 68 2.86 5.15 -3.66
CA LEU A 68 1.89 4.35 -2.93
C LEU A 68 0.75 5.24 -2.44
N VAL A 69 1.06 6.50 -2.18
CA VAL A 69 0.05 7.44 -1.72
C VAL A 69 -0.96 7.72 -2.83
N LYS A 70 -0.47 7.74 -4.06
CA LYS A 70 -1.33 7.99 -5.22
C LYS A 70 -2.21 6.78 -5.48
N SER A 71 -1.59 5.60 -5.52
CA SER A 71 -2.32 4.37 -5.75
C SER A 71 -3.28 4.11 -4.59
N SER A 72 -2.85 4.48 -3.39
CA SER A 72 -3.65 4.30 -2.19
C SER A 72 -4.92 5.15 -2.27
N GLU A 73 -4.73 6.42 -2.65
CA GLU A 73 -5.87 7.34 -2.77
C GLU A 73 -6.91 6.78 -3.73
N ASP A 74 -6.45 6.26 -4.86
CA ASP A 74 -7.35 5.70 -5.86
C ASP A 74 -8.03 4.45 -5.30
N LEU A 75 -7.35 3.74 -4.42
CA LEU A 75 -7.89 2.52 -3.81
C LEU A 75 -9.12 2.85 -2.98
N LEU A 76 -9.00 3.84 -2.10
CA LEU A 76 -10.10 4.25 -1.25
C LEU A 76 -11.28 4.70 -2.10
N SER A 77 -10.98 5.49 -3.12
CA SER A 77 -11.99 6.00 -4.02
C SER A 77 -12.80 4.87 -4.63
N ALA A 78 -12.12 3.77 -4.99
CA ALA A 78 -12.79 2.63 -5.57
C ALA A 78 -13.72 1.95 -4.57
N LEU A 79 -13.18 1.62 -3.41
CA LEU A 79 -13.97 0.98 -2.36
C LEU A 79 -15.14 1.88 -1.94
N GLN A 80 -14.88 3.18 -1.88
CA GLN A 80 -15.91 4.15 -1.50
C GLN A 80 -17.13 4.03 -2.40
N LYS A 81 -16.90 4.12 -3.71
CA LYS A 81 -17.99 4.02 -4.67
C LYS A 81 -18.74 2.71 -4.49
N LYS A 82 -17.98 1.65 -4.22
CA LYS A 82 -18.57 0.34 -4.00
C LYS A 82 -19.47 0.33 -2.77
N LYS A 83 -18.94 0.81 -1.65
CA LYS A 83 -19.69 0.86 -0.41
C LYS A 83 -20.92 1.74 -0.56
N GLN A 84 -20.70 2.97 -1.01
CA GLN A 84 -21.80 3.91 -1.20
C GLN A 84 -22.83 3.35 -2.17
N GLN A 85 -22.39 2.45 -3.04
CA GLN A 85 -23.28 1.83 -4.02
C GLN A 85 -24.27 0.90 -3.34
N GLU A 86 -23.76 -0.02 -2.53
CA GLU A 86 -24.60 -0.98 -1.82
C GLU A 86 -25.55 -1.71 -2.77
N GLU A 87 -26.42 -2.54 -2.21
CA GLU A 87 -27.37 -3.30 -3.01
C GLU A 87 -28.77 -3.21 -2.41
N GLU A 88 -28.85 -3.38 -1.09
CA GLU A 88 -30.13 -3.32 -0.39
C GLU A 88 -30.32 -1.94 0.25
N GLN A 1 25.93 0.99 8.27
CA GLN A 1 24.62 0.41 8.01
C GLN A 1 23.65 0.75 9.13
N GLY A 2 22.36 0.46 8.91
CA GLY A 2 21.36 0.75 9.91
C GLY A 2 20.02 1.14 9.30
N PRO A 3 18.96 1.19 10.10
CA PRO A 3 17.62 1.55 9.61
C PRO A 3 17.52 3.03 9.25
N GLY A 4 16.32 3.46 8.87
CA GLY A 4 16.11 4.84 8.50
C GLY A 4 14.80 5.05 7.76
N SER A 5 14.73 4.57 6.52
CA SER A 5 13.54 4.71 5.71
C SER A 5 12.65 3.47 5.82
N LEU A 6 13.24 2.35 6.25
CA LEU A 6 12.50 1.10 6.40
C LEU A 6 11.27 1.29 7.27
N VAL A 7 11.37 2.19 8.25
CA VAL A 7 10.27 2.47 9.16
C VAL A 7 9.09 3.10 8.42
N LYS A 8 9.37 4.11 7.61
CA LYS A 8 8.33 4.79 6.85
C LYS A 8 7.62 3.80 5.93
N VAL A 9 8.39 3.10 5.12
CA VAL A 9 7.84 2.12 4.21
C VAL A 9 7.03 1.08 4.98
N GLY A 10 7.54 0.70 6.15
CA GLY A 10 6.84 -0.25 6.99
C GLY A 10 5.51 0.29 7.44
N THR A 11 5.48 1.59 7.73
CA THR A 11 4.26 2.26 8.16
C THR A 11 3.17 2.07 7.10
N LEU A 12 3.56 2.25 5.84
CA LEU A 12 2.62 2.07 4.74
C LEU A 12 2.13 0.63 4.71
N LYS A 13 3.04 -0.30 5.01
CA LYS A 13 2.69 -1.71 5.05
C LYS A 13 1.50 -1.91 5.99
N LYS A 14 1.54 -1.19 7.11
CA LYS A 14 0.47 -1.24 8.09
C LYS A 14 -0.81 -0.69 7.46
N ARG A 15 -0.65 0.35 6.65
CA ARG A 15 -1.78 0.97 5.97
C ARG A 15 -2.42 -0.03 5.02
N LEU A 16 -1.58 -0.88 4.42
CA LEU A 16 -2.06 -1.90 3.49
C LEU A 16 -2.98 -2.87 4.21
N ASP A 17 -2.53 -3.38 5.36
CA ASP A 17 -3.32 -4.30 6.15
C ASP A 17 -4.64 -3.66 6.54
N LYS A 18 -4.59 -2.36 6.85
CA LYS A 18 -5.78 -1.62 7.22
C LYS A 18 -6.82 -1.69 6.12
N PHE A 19 -6.37 -1.51 4.88
CA PHE A 19 -7.27 -1.57 3.73
C PHE A 19 -7.91 -2.95 3.64
N ASN A 20 -7.11 -3.99 3.91
CA ASN A 20 -7.61 -5.36 3.87
C ASN A 20 -8.80 -5.52 4.80
N GLU A 21 -8.71 -4.95 5.99
CA GLU A 21 -9.79 -5.03 6.96
C GLU A 21 -11.06 -4.39 6.40
N VAL A 22 -10.93 -3.15 5.96
CA VAL A 22 -12.06 -2.42 5.39
C VAL A 22 -12.65 -3.19 4.21
N VAL A 23 -11.78 -3.82 3.43
CA VAL A 23 -12.21 -4.60 2.28
C VAL A 23 -12.89 -5.89 2.72
N SER A 24 -12.37 -6.49 3.79
CA SER A 24 -12.92 -7.73 4.31
C SER A 24 -14.39 -7.53 4.69
N ALA A 25 -14.69 -6.35 5.21
CA ALA A 25 -16.07 -6.02 5.60
C ALA A 25 -16.94 -5.78 4.38
N LEU A 26 -16.30 -5.46 3.25
CA LEU A 26 -17.02 -5.20 2.01
C LEU A 26 -17.40 -6.51 1.31
N LYS A 27 -16.60 -7.55 1.53
CA LYS A 27 -16.85 -8.85 0.93
C LYS A 27 -16.70 -8.78 -0.59
N ASP A 28 -17.69 -8.21 -1.25
CA ASP A 28 -17.67 -8.08 -2.71
C ASP A 28 -16.44 -7.31 -3.18
N GLY A 29 -16.05 -7.53 -4.43
CA GLY A 29 -14.89 -6.86 -4.98
C GLY A 29 -13.63 -7.14 -4.19
N LYS A 30 -13.31 -8.42 -4.02
CA LYS A 30 -12.12 -8.83 -3.27
C LYS A 30 -10.90 -8.89 -4.18
N PRO A 31 -11.00 -9.56 -5.34
CA PRO A 31 -9.88 -9.69 -6.28
C PRO A 31 -9.27 -8.35 -6.67
N GLU A 32 -10.12 -7.36 -6.90
CA GLU A 32 -9.66 -6.02 -7.27
C GLU A 32 -8.70 -5.47 -6.22
N VAL A 33 -9.12 -5.52 -4.97
CA VAL A 33 -8.30 -5.02 -3.87
C VAL A 33 -7.03 -5.85 -3.74
N ASN A 34 -7.18 -7.15 -3.58
CA ASN A 34 -6.04 -8.05 -3.45
C ASN A 34 -5.08 -7.88 -4.62
N ARG A 35 -5.61 -7.43 -5.76
CA ARG A 35 -4.79 -7.24 -6.96
C ARG A 35 -3.87 -6.04 -6.82
N GLN A 36 -4.43 -4.91 -6.39
CA GLN A 36 -3.66 -3.69 -6.22
C GLN A 36 -2.84 -3.77 -4.94
N ILE A 37 -3.50 -4.21 -3.90
CA ILE A 37 -2.87 -4.38 -2.60
C ILE A 37 -1.67 -5.32 -2.70
N LYS A 38 -1.79 -6.34 -3.55
CA LYS A 38 -0.71 -7.30 -3.74
C LYS A 38 0.48 -6.67 -4.45
N ASN A 39 0.24 -6.07 -5.62
CA ASN A 39 1.33 -5.44 -6.37
C ASN A 39 1.96 -4.32 -5.55
N LEU A 40 1.16 -3.69 -4.71
CA LEU A 40 1.66 -2.61 -3.86
C LEU A 40 2.53 -3.21 -2.76
N GLU A 41 2.10 -4.36 -2.24
CA GLU A 41 2.86 -5.05 -1.22
C GLU A 41 4.24 -5.37 -1.78
N ILE A 42 4.29 -5.60 -3.09
CA ILE A 42 5.54 -5.88 -3.79
C ILE A 42 6.42 -4.66 -3.78
N SER A 43 5.80 -3.51 -4.06
CA SER A 43 6.52 -2.24 -4.07
C SER A 43 7.17 -1.99 -2.71
N ILE A 44 6.38 -2.09 -1.65
CA ILE A 44 6.88 -1.88 -0.30
C ILE A 44 7.96 -2.90 0.04
N ASP A 45 7.63 -4.18 -0.14
CA ASP A 45 8.57 -5.25 0.14
C ASP A 45 9.87 -5.04 -0.64
N ALA A 46 9.73 -4.45 -1.83
CA ALA A 46 10.88 -4.18 -2.68
C ALA A 46 11.83 -3.21 -2.00
N LEU A 47 11.29 -2.10 -1.51
CA LEU A 47 12.09 -1.09 -0.83
C LEU A 47 12.88 -1.69 0.32
N MET A 48 12.16 -2.31 1.27
CA MET A 48 12.81 -2.92 2.43
C MET A 48 14.02 -3.77 2.01
N ALA A 49 13.81 -4.68 1.07
CA ALA A 49 14.88 -5.53 0.58
C ALA A 49 15.97 -4.68 -0.08
N LYS A 50 15.59 -3.50 -0.55
CA LYS A 50 16.53 -2.59 -1.20
C LYS A 50 17.30 -1.78 -0.17
N ILE A 51 16.66 -1.55 0.97
CA ILE A 51 17.28 -0.78 2.05
C ILE A 51 18.36 -1.59 2.74
N LYS A 52 18.14 -2.89 2.86
CA LYS A 52 19.10 -3.78 3.52
C LYS A 52 20.03 -4.45 2.51
N SER A 53 19.56 -4.61 1.28
CA SER A 53 20.36 -5.25 0.25
C SER A 53 20.89 -4.25 -0.77
N THR A 54 20.96 -2.99 -0.35
CA THR A 54 21.45 -1.92 -1.22
C THR A 54 21.37 -0.56 -0.50
N MET A 55 22.20 0.38 -0.93
CA MET A 55 22.23 1.71 -0.34
C MET A 55 21.13 2.58 -0.93
N MET A 56 19.88 2.30 -0.58
CA MET A 56 18.75 3.07 -1.08
C MET A 56 18.76 4.48 -0.52
N THR A 57 18.54 5.46 -1.39
CA THR A 57 18.51 6.86 -0.99
C THR A 57 17.14 7.25 -0.44
N ARG A 58 17.13 8.02 0.64
CA ARG A 58 15.89 8.46 1.26
C ARG A 58 14.98 9.13 0.25
N GLU A 59 15.58 9.80 -0.74
CA GLU A 59 14.83 10.48 -1.77
C GLU A 59 13.96 9.49 -2.55
N GLN A 60 14.54 8.34 -2.88
CA GLN A 60 13.82 7.31 -3.62
C GLN A 60 12.72 6.70 -2.76
N ILE A 61 12.95 6.66 -1.46
CA ILE A 61 11.98 6.11 -0.52
C ILE A 61 10.78 7.04 -0.37
N GLN A 62 11.05 8.34 -0.37
CA GLN A 62 9.99 9.35 -0.22
C GLN A 62 9.06 9.32 -1.42
N LYS A 63 9.63 9.40 -2.63
CA LYS A 63 8.85 9.38 -3.85
C LYS A 63 8.06 8.09 -3.97
N GLU A 64 8.72 6.96 -3.77
CA GLU A 64 8.05 5.67 -3.84
C GLU A 64 6.90 5.67 -2.85
N TYR A 65 7.09 6.38 -1.74
CA TYR A 65 6.05 6.51 -0.74
C TYR A 65 4.88 7.24 -1.35
N ASP A 66 5.19 8.22 -2.22
CA ASP A 66 4.16 8.99 -2.89
C ASP A 66 3.43 8.12 -3.90
N ALA A 67 4.18 7.23 -4.57
CA ALA A 67 3.57 6.34 -5.54
C ALA A 67 2.53 5.48 -4.86
N LEU A 68 2.81 5.10 -3.62
CA LEU A 68 1.90 4.29 -2.83
C LEU A 68 0.75 5.16 -2.31
N VAL A 69 1.03 6.44 -2.09
CA VAL A 69 0.01 7.36 -1.62
C VAL A 69 -1.03 7.62 -2.70
N LYS A 70 -0.58 7.67 -3.96
CA LYS A 70 -1.48 7.89 -5.07
C LYS A 70 -2.34 6.66 -5.32
N SER A 71 -1.69 5.50 -5.38
CA SER A 71 -2.40 4.24 -5.60
C SER A 71 -3.31 3.94 -4.42
N SER A 72 -2.81 4.19 -3.22
CA SER A 72 -3.57 3.95 -1.99
C SER A 72 -4.78 4.87 -1.94
N GLU A 73 -4.55 6.17 -2.16
CA GLU A 73 -5.63 7.15 -2.13
C GLU A 73 -6.77 6.72 -3.05
N ASP A 74 -6.41 6.22 -4.22
CA ASP A 74 -7.40 5.76 -5.20
C ASP A 74 -8.08 4.49 -4.70
N LEU A 75 -7.36 3.68 -3.93
CA LEU A 75 -7.91 2.44 -3.41
C LEU A 75 -9.04 2.72 -2.43
N LEU A 76 -8.81 3.63 -1.49
CA LEU A 76 -9.83 3.98 -0.51
C LEU A 76 -11.03 4.59 -1.21
N SER A 77 -10.78 5.55 -2.08
CA SER A 77 -11.83 6.21 -2.83
C SER A 77 -12.66 5.19 -3.61
N ALA A 78 -12.01 4.10 -4.02
CA ALA A 78 -12.69 3.05 -4.78
C ALA A 78 -13.67 2.29 -3.90
N LEU A 79 -13.19 1.80 -2.77
CA LEU A 79 -14.02 1.05 -1.84
C LEU A 79 -15.16 1.91 -1.30
N GLN A 80 -14.82 3.13 -0.91
CA GLN A 80 -15.82 4.06 -0.38
C GLN A 80 -16.88 4.38 -1.42
N LYS A 81 -16.46 4.65 -2.64
CA LYS A 81 -17.40 4.96 -3.70
C LYS A 81 -18.34 3.78 -3.95
N LYS A 82 -17.82 2.57 -3.70
CA LYS A 82 -18.61 1.35 -3.88
C LYS A 82 -19.72 1.27 -2.85
N LYS A 83 -19.35 1.28 -1.57
CA LYS A 83 -20.33 1.18 -0.49
C LYS A 83 -21.34 2.32 -0.55
N GLN A 84 -20.84 3.55 -0.64
CA GLN A 84 -21.72 4.72 -0.70
C GLN A 84 -22.69 4.62 -1.87
N GLN A 85 -22.20 4.13 -3.01
CA GLN A 85 -23.03 3.99 -4.19
C GLN A 85 -24.21 3.07 -3.93
N GLU A 86 -23.95 1.94 -3.27
CA GLU A 86 -24.98 0.98 -2.95
C GLU A 86 -25.68 0.49 -4.21
N GLU A 87 -26.68 -0.36 -4.03
CA GLU A 87 -27.44 -0.90 -5.16
C GLU A 87 -28.94 -0.80 -4.94
N GLU A 88 -29.34 -0.11 -3.87
CA GLU A 88 -30.76 0.04 -3.56
C GLU A 88 -31.29 1.37 -4.13
N GLN A 1 23.23 6.67 9.69
CA GLN A 1 22.70 5.80 8.65
C GLN A 1 22.23 4.47 9.24
N GLY A 2 21.08 4.00 8.76
CA GLY A 2 20.55 2.74 9.25
C GLY A 2 19.03 2.72 9.27
N PRO A 3 18.41 2.25 10.37
CA PRO A 3 16.95 2.19 10.49
C PRO A 3 16.30 3.58 10.52
N GLY A 4 16.41 4.29 9.40
CA GLY A 4 15.84 5.62 9.32
C GLY A 4 14.65 5.68 8.37
N SER A 5 14.79 5.06 7.21
CA SER A 5 13.72 5.04 6.22
C SER A 5 12.90 3.75 6.33
N LEU A 6 13.54 2.68 6.80
CA LEU A 6 12.88 1.40 6.96
C LEU A 6 11.63 1.53 7.83
N VAL A 7 11.69 2.43 8.79
CA VAL A 7 10.57 2.66 9.69
C VAL A 7 9.35 3.17 8.94
N LYS A 8 9.57 4.15 8.07
CA LYS A 8 8.49 4.73 7.28
C LYS A 8 7.83 3.66 6.41
N VAL A 9 8.66 2.90 5.70
CA VAL A 9 8.16 1.84 4.84
C VAL A 9 7.33 0.85 5.64
N GLY A 10 7.82 0.49 6.83
CA GLY A 10 7.10 -0.43 7.69
C GLY A 10 5.75 0.13 8.09
N THR A 11 5.72 1.44 8.34
CA THR A 11 4.48 2.11 8.72
C THR A 11 3.41 1.89 7.66
N LEU A 12 3.82 2.05 6.39
CA LEU A 12 2.90 1.84 5.28
C LEU A 12 2.42 0.41 5.26
N LYS A 13 3.32 -0.52 5.58
CA LYS A 13 2.97 -1.93 5.64
C LYS A 13 1.77 -2.12 6.55
N LYS A 14 1.80 -1.40 7.67
CA LYS A 14 0.71 -1.45 8.64
C LYS A 14 -0.56 -0.88 8.00
N ARG A 15 -0.38 0.17 7.20
CA ARG A 15 -1.51 0.79 6.50
C ARG A 15 -2.11 -0.19 5.51
N LEU A 16 -1.26 -1.03 4.93
CA LEU A 16 -1.70 -2.04 3.97
C LEU A 16 -2.66 -3.01 4.64
N ASP A 17 -2.23 -3.57 5.76
CA ASP A 17 -3.06 -4.51 6.51
C ASP A 17 -4.39 -3.86 6.89
N LYS A 18 -4.33 -2.58 7.22
CA LYS A 18 -5.52 -1.82 7.60
C LYS A 18 -6.55 -1.86 6.47
N PHE A 19 -6.07 -1.66 5.24
CA PHE A 19 -6.95 -1.66 4.08
C PHE A 19 -7.60 -3.04 3.91
N ASN A 20 -6.80 -4.09 4.10
CA ASN A 20 -7.30 -5.45 3.97
C ASN A 20 -8.51 -5.68 4.86
N GLU A 21 -8.41 -5.22 6.11
CA GLU A 21 -9.51 -5.36 7.06
C GLU A 21 -10.76 -4.63 6.57
N VAL A 22 -10.60 -3.34 6.29
CA VAL A 22 -11.70 -2.52 5.81
C VAL A 22 -12.32 -3.13 4.55
N VAL A 23 -11.47 -3.67 3.69
CA VAL A 23 -11.93 -4.29 2.46
C VAL A 23 -12.56 -5.65 2.73
N SER A 24 -12.02 -6.35 3.73
CA SER A 24 -12.54 -7.66 4.09
C SER A 24 -14.00 -7.55 4.53
N ALA A 25 -14.34 -6.44 5.15
CA ALA A 25 -15.70 -6.21 5.61
C ALA A 25 -16.69 -6.27 4.45
N LEU A 26 -16.22 -5.89 3.26
CA LEU A 26 -17.05 -5.90 2.07
C LEU A 26 -16.51 -6.89 1.04
N LYS A 27 -16.81 -8.17 1.24
CA LYS A 27 -16.35 -9.22 0.34
C LYS A 27 -16.62 -8.86 -1.12
N ASP A 28 -17.66 -8.06 -1.35
CA ASP A 28 -18.02 -7.65 -2.70
C ASP A 28 -16.84 -6.97 -3.40
N GLY A 29 -16.25 -7.67 -4.36
CA GLY A 29 -15.12 -7.11 -5.09
C GLY A 29 -13.82 -7.27 -4.32
N LYS A 30 -13.50 -8.49 -3.92
CA LYS A 30 -12.28 -8.77 -3.18
C LYS A 30 -11.08 -8.91 -4.10
N PRO A 31 -11.21 -9.67 -5.21
CA PRO A 31 -10.12 -9.88 -6.16
C PRO A 31 -9.51 -8.57 -6.65
N GLU A 32 -10.37 -7.61 -6.97
CA GLU A 32 -9.91 -6.30 -7.45
C GLU A 32 -9.01 -5.64 -6.42
N VAL A 33 -9.47 -5.61 -5.17
CA VAL A 33 -8.70 -5.02 -4.08
C VAL A 33 -7.37 -5.74 -3.89
N ASN A 34 -7.44 -7.06 -3.71
CA ASN A 34 -6.24 -7.85 -3.52
C ASN A 34 -5.25 -7.63 -4.68
N ARG A 35 -5.76 -7.24 -5.83
CA ARG A 35 -4.93 -7.00 -7.01
C ARG A 35 -4.11 -5.73 -6.85
N GLN A 36 -4.77 -4.63 -6.52
CA GLN A 36 -4.10 -3.35 -6.34
C GLN A 36 -3.32 -3.38 -5.03
N ILE A 37 -3.99 -3.87 -4.00
CA ILE A 37 -3.39 -4.01 -2.69
C ILE A 37 -2.13 -4.87 -2.75
N LYS A 38 -2.13 -5.83 -3.68
CA LYS A 38 -0.98 -6.71 -3.86
C LYS A 38 0.20 -5.93 -4.44
N ASN A 39 -0.04 -5.24 -5.54
CA ASN A 39 1.01 -4.46 -6.20
C ASN A 39 1.71 -3.55 -5.19
N LEU A 40 0.93 -2.92 -4.31
CA LEU A 40 1.48 -2.04 -3.30
C LEU A 40 2.28 -2.84 -2.28
N GLU A 41 1.74 -3.98 -1.86
CA GLU A 41 2.42 -4.83 -0.91
C GLU A 41 3.79 -5.21 -1.48
N ILE A 42 3.81 -5.40 -2.79
CA ILE A 42 5.04 -5.74 -3.49
C ILE A 42 5.97 -4.53 -3.54
N SER A 43 5.39 -3.36 -3.81
CA SER A 43 6.17 -2.12 -3.88
C SER A 43 6.87 -1.86 -2.55
N ILE A 44 6.10 -1.82 -1.48
CA ILE A 44 6.64 -1.58 -0.14
C ILE A 44 7.69 -2.62 0.22
N ASP A 45 7.30 -3.89 0.12
CA ASP A 45 8.21 -4.98 0.43
C ASP A 45 9.46 -4.91 -0.42
N ALA A 46 9.30 -4.43 -1.66
CA ALA A 46 10.43 -4.30 -2.57
C ALA A 46 11.49 -3.37 -1.97
N LEU A 47 11.05 -2.21 -1.50
CA LEU A 47 11.95 -1.25 -0.89
C LEU A 47 12.71 -1.89 0.27
N MET A 48 11.96 -2.47 1.21
CA MET A 48 12.57 -3.13 2.37
C MET A 48 13.75 -4.00 1.96
N ALA A 49 13.49 -4.95 1.08
CA ALA A 49 14.55 -5.84 0.60
C ALA A 49 15.66 -5.05 -0.07
N LYS A 50 15.32 -3.86 -0.57
CA LYS A 50 16.29 -2.99 -1.22
C LYS A 50 17.08 -2.19 -0.19
N ILE A 51 16.44 -1.91 0.94
CA ILE A 51 17.07 -1.16 2.01
C ILE A 51 18.14 -1.99 2.72
N LYS A 52 17.89 -3.29 2.80
CA LYS A 52 18.82 -4.20 3.47
C LYS A 52 19.80 -4.84 2.49
N SER A 53 19.67 -4.56 1.19
CA SER A 53 20.56 -5.13 0.20
C SER A 53 20.95 -4.12 -0.88
N THR A 54 20.78 -2.84 -0.56
CA THR A 54 21.13 -1.78 -1.50
C THR A 54 21.28 -0.44 -0.77
N MET A 55 21.95 0.51 -1.40
CA MET A 55 22.16 1.82 -0.81
C MET A 55 21.09 2.80 -1.28
N MET A 56 19.83 2.34 -1.26
CA MET A 56 18.71 3.17 -1.69
C MET A 56 18.71 4.52 -0.99
N THR A 57 18.59 5.58 -1.77
CA THR A 57 18.57 6.94 -1.22
C THR A 57 17.19 7.27 -0.66
N ARG A 58 17.18 8.00 0.46
CA ARG A 58 15.92 8.39 1.10
C ARG A 58 15.02 9.12 0.11
N GLU A 59 15.63 9.82 -0.84
CA GLU A 59 14.88 10.56 -1.84
C GLU A 59 13.99 9.62 -2.65
N GLN A 60 14.58 8.51 -3.09
CA GLN A 60 13.86 7.52 -3.87
C GLN A 60 12.75 6.90 -3.03
N ILE A 61 13.00 6.77 -1.73
CA ILE A 61 12.03 6.20 -0.81
C ILE A 61 10.86 7.14 -0.61
N GLN A 62 11.15 8.45 -0.59
CA GLN A 62 10.11 9.45 -0.41
C GLN A 62 9.13 9.43 -1.57
N LYS A 63 9.64 9.50 -2.79
CA LYS A 63 8.80 9.49 -3.97
C LYS A 63 8.03 8.19 -4.06
N GLU A 64 8.73 7.06 -3.86
CA GLU A 64 8.07 5.77 -3.90
C GLU A 64 6.94 5.75 -2.89
N TYR A 65 7.14 6.48 -1.79
CA TYR A 65 6.11 6.58 -0.77
C TYR A 65 4.92 7.32 -1.37
N ASP A 66 5.21 8.31 -2.21
CA ASP A 66 4.17 9.06 -2.88
C ASP A 66 3.46 8.18 -3.91
N ALA A 67 4.23 7.32 -4.57
CA ALA A 67 3.66 6.42 -5.56
C ALA A 67 2.60 5.54 -4.91
N LEU A 68 2.86 5.17 -3.66
CA LEU A 68 1.93 4.33 -2.90
C LEU A 68 0.76 5.18 -2.41
N VAL A 69 1.03 6.46 -2.14
CA VAL A 69 -0.01 7.37 -1.68
C VAL A 69 -1.00 7.66 -2.79
N LYS A 70 -0.50 7.72 -4.03
CA LYS A 70 -1.36 7.99 -5.18
C LYS A 70 -2.22 6.78 -5.49
N SER A 71 -1.59 5.61 -5.56
CA SER A 71 -2.29 4.37 -5.85
C SER A 71 -3.24 4.02 -4.70
N SER A 72 -2.77 4.25 -3.48
CA SER A 72 -3.57 3.96 -2.29
C SER A 72 -4.80 4.86 -2.25
N GLU A 73 -4.58 6.17 -2.41
CA GLU A 73 -5.67 7.13 -2.40
C GLU A 73 -6.77 6.74 -3.38
N ASP A 74 -6.36 6.33 -4.57
CA ASP A 74 -7.30 5.92 -5.60
C ASP A 74 -7.97 4.60 -5.22
N LEU A 75 -7.27 3.78 -4.44
CA LEU A 75 -7.79 2.50 -4.01
C LEU A 75 -8.96 2.68 -3.05
N LEU A 76 -8.78 3.52 -2.05
CA LEU A 76 -9.84 3.78 -1.08
C LEU A 76 -11.04 4.39 -1.77
N SER A 77 -10.78 5.42 -2.57
CA SER A 77 -11.83 6.10 -3.31
C SER A 77 -12.61 5.11 -4.16
N ALA A 78 -11.90 4.14 -4.73
CA ALA A 78 -12.52 3.12 -5.56
C ALA A 78 -13.37 2.17 -4.71
N LEU A 79 -12.86 1.82 -3.54
CA LEU A 79 -13.57 0.93 -2.63
C LEU A 79 -14.89 1.55 -2.18
N GLN A 80 -14.81 2.77 -1.69
CA GLN A 80 -16.00 3.49 -1.22
C GLN A 80 -17.05 3.56 -2.33
N LYS A 81 -16.63 4.00 -3.50
CA LYS A 81 -17.52 4.11 -4.64
C LYS A 81 -18.12 2.74 -4.97
N LYS A 82 -17.36 1.69 -4.66
CA LYS A 82 -17.80 0.32 -4.91
C LYS A 82 -19.05 0.01 -4.09
N LYS A 83 -18.97 0.26 -2.79
CA LYS A 83 -20.09 0.01 -1.89
C LYS A 83 -21.31 0.83 -2.30
N GLN A 84 -21.11 2.13 -2.44
CA GLN A 84 -22.19 3.03 -2.84
C GLN A 84 -22.76 2.62 -4.19
N GLN A 85 -21.92 1.95 -5.00
CA GLN A 85 -22.34 1.51 -6.31
C GLN A 85 -23.36 0.38 -6.22
N GLU A 86 -23.04 -0.62 -5.40
CA GLU A 86 -23.92 -1.78 -5.22
C GLU A 86 -24.25 -2.43 -6.55
N GLU A 87 -25.06 -3.49 -6.50
CA GLU A 87 -25.44 -4.21 -7.70
C GLU A 87 -26.18 -3.29 -8.68
N GLU A 88 -27.41 -2.95 -8.35
CA GLU A 88 -28.22 -2.08 -9.19
C GLU A 88 -29.13 -1.20 -8.34
N GLN A 1 23.34 1.75 7.25
CA GLN A 1 23.71 3.14 6.98
C GLN A 1 22.49 3.94 6.53
N GLY A 2 21.54 4.11 7.44
CA GLY A 2 20.34 4.86 7.13
C GLY A 2 19.07 4.19 7.63
N PRO A 3 18.87 4.13 8.96
CA PRO A 3 17.68 3.51 9.55
C PRO A 3 16.43 4.37 9.39
N GLY A 4 16.62 5.68 9.39
CA GLY A 4 15.50 6.60 9.25
C GLY A 4 14.89 6.55 7.87
N SER A 5 14.20 5.45 7.56
CA SER A 5 13.56 5.28 6.26
C SER A 5 12.80 3.97 6.19
N LEU A 6 13.40 2.92 6.76
CA LEU A 6 12.78 1.60 6.77
C LEU A 6 11.49 1.60 7.58
N VAL A 7 11.46 2.42 8.62
CA VAL A 7 10.28 2.52 9.48
C VAL A 7 9.06 3.01 8.70
N LYS A 8 9.22 4.14 8.02
CA LYS A 8 8.13 4.73 7.23
C LYS A 8 7.57 3.70 6.25
N VAL A 9 8.46 3.00 5.56
CA VAL A 9 8.04 1.99 4.60
C VAL A 9 7.15 0.95 5.27
N GLY A 10 7.62 0.44 6.41
CA GLY A 10 6.84 -0.54 7.14
C GLY A 10 5.51 0.03 7.58
N THR A 11 5.53 1.28 8.03
CA THR A 11 4.31 1.94 8.47
C THR A 11 3.26 1.92 7.35
N LEU A 12 3.73 2.18 6.13
CA LEU A 12 2.85 2.16 4.97
C LEU A 12 2.26 0.76 4.85
N LYS A 13 3.09 -0.25 5.10
CA LYS A 13 2.63 -1.62 5.07
C LYS A 13 1.41 -1.76 5.98
N LYS A 14 1.44 -1.01 7.07
CA LYS A 14 0.34 -0.99 8.01
C LYS A 14 -0.92 -0.51 7.30
N ARG A 15 -0.78 0.59 6.56
CA ARG A 15 -1.91 1.15 5.81
C ARG A 15 -2.49 0.09 4.88
N LEU A 16 -1.64 -0.78 4.37
CA LEU A 16 -2.07 -1.84 3.48
C LEU A 16 -3.01 -2.79 4.21
N ASP A 17 -2.58 -3.24 5.40
CA ASP A 17 -3.39 -4.14 6.21
C ASP A 17 -4.72 -3.48 6.55
N LYS A 18 -4.70 -2.17 6.71
CA LYS A 18 -5.91 -1.42 7.03
C LYS A 18 -6.94 -1.57 5.92
N PHE A 19 -6.48 -1.42 4.68
CA PHE A 19 -7.36 -1.55 3.52
C PHE A 19 -8.00 -2.94 3.48
N ASN A 20 -7.16 -3.97 3.59
CA ASN A 20 -7.64 -5.34 3.57
C ASN A 20 -8.73 -5.56 4.61
N GLU A 21 -8.56 -4.94 5.78
CA GLU A 21 -9.54 -5.07 6.85
C GLU A 21 -10.89 -4.54 6.41
N VAL A 22 -10.90 -3.32 5.88
CA VAL A 22 -12.12 -2.69 5.41
C VAL A 22 -12.73 -3.48 4.26
N VAL A 23 -11.87 -4.01 3.40
CA VAL A 23 -12.30 -4.80 2.25
C VAL A 23 -13.03 -6.06 2.70
N SER A 24 -12.55 -6.65 3.80
CA SER A 24 -13.15 -7.87 4.33
C SER A 24 -14.46 -7.56 5.05
N ALA A 25 -14.56 -6.35 5.61
CA ALA A 25 -15.77 -5.94 6.32
C ALA A 25 -16.86 -5.49 5.35
N LEU A 26 -16.45 -4.97 4.20
CA LEU A 26 -17.41 -4.51 3.20
C LEU A 26 -17.72 -5.61 2.19
N LYS A 27 -16.70 -6.40 1.86
CA LYS A 27 -16.87 -7.49 0.90
C LYS A 27 -17.35 -6.96 -0.44
N ASP A 28 -16.42 -6.87 -1.38
CA ASP A 28 -16.73 -6.38 -2.73
C ASP A 28 -15.47 -6.26 -3.57
N GLY A 29 -15.45 -6.94 -4.71
CA GLY A 29 -14.29 -6.89 -5.58
C GLY A 29 -13.02 -7.35 -4.89
N LYS A 30 -12.96 -8.64 -4.58
CA LYS A 30 -11.80 -9.20 -3.89
C LYS A 30 -10.58 -9.24 -4.81
N PRO A 31 -10.73 -9.73 -6.06
CA PRO A 31 -9.63 -9.82 -7.02
C PRO A 31 -9.01 -8.47 -7.35
N GLU A 32 -9.85 -7.49 -7.67
CA GLU A 32 -9.37 -6.15 -8.04
C GLU A 32 -8.55 -5.52 -6.91
N VAL A 33 -9.10 -5.55 -5.69
CA VAL A 33 -8.42 -4.98 -4.54
C VAL A 33 -7.25 -5.84 -4.10
N ASN A 34 -7.47 -7.15 -4.01
CA ASN A 34 -6.41 -8.06 -3.59
C ASN A 34 -5.21 -7.99 -4.55
N ARG A 35 -5.48 -7.87 -5.85
CA ARG A 35 -4.41 -7.81 -6.84
C ARG A 35 -3.65 -6.48 -6.78
N GLN A 36 -4.38 -5.39 -6.62
CA GLN A 36 -3.76 -4.07 -6.53
C GLN A 36 -3.04 -3.95 -5.20
N ILE A 37 -3.76 -4.35 -4.15
CA ILE A 37 -3.23 -4.34 -2.81
C ILE A 37 -1.96 -5.19 -2.73
N LYS A 38 -1.89 -6.21 -3.58
CA LYS A 38 -0.72 -7.08 -3.63
C LYS A 38 0.48 -6.34 -4.18
N ASN A 39 0.29 -5.69 -5.34
CA ASN A 39 1.37 -4.94 -5.98
C ASN A 39 1.99 -3.97 -4.99
N LEU A 40 1.15 -3.32 -4.19
CA LEU A 40 1.64 -2.37 -3.19
C LEU A 40 2.42 -3.09 -2.11
N GLU A 41 1.88 -4.22 -1.66
CA GLU A 41 2.55 -5.02 -0.64
C GLU A 41 3.94 -5.39 -1.14
N ILE A 42 4.02 -5.66 -2.44
CA ILE A 42 5.28 -6.00 -3.09
C ILE A 42 6.17 -4.77 -3.18
N SER A 43 5.55 -3.63 -3.51
CA SER A 43 6.28 -2.37 -3.63
C SER A 43 7.00 -2.04 -2.32
N ILE A 44 6.24 -2.05 -1.22
CA ILE A 44 6.79 -1.77 0.10
C ILE A 44 7.88 -2.78 0.45
N ASP A 45 7.53 -4.06 0.35
CA ASP A 45 8.47 -5.14 0.65
C ASP A 45 9.71 -5.03 -0.24
N ALA A 46 9.51 -4.55 -1.46
CA ALA A 46 10.60 -4.39 -2.41
C ALA A 46 11.64 -3.42 -1.84
N LEU A 47 11.16 -2.27 -1.37
CA LEU A 47 12.04 -1.26 -0.80
C LEU A 47 12.87 -1.86 0.34
N MET A 48 12.19 -2.45 1.32
CA MET A 48 12.86 -3.06 2.46
C MET A 48 14.06 -3.90 2.02
N ALA A 49 13.81 -4.88 1.18
CA ALA A 49 14.87 -5.74 0.68
C ALA A 49 15.91 -4.92 -0.07
N LYS A 50 15.49 -3.75 -0.57
CA LYS A 50 16.39 -2.87 -1.29
C LYS A 50 17.21 -2.02 -0.32
N ILE A 51 16.63 -1.75 0.83
CA ILE A 51 17.29 -0.94 1.85
C ILE A 51 18.42 -1.70 2.50
N LYS A 52 18.23 -3.00 2.68
CA LYS A 52 19.23 -3.85 3.31
C LYS A 52 20.12 -4.55 2.29
N SER A 53 19.90 -4.31 1.00
CA SER A 53 20.71 -4.95 -0.03
C SER A 53 21.02 -4.02 -1.19
N THR A 54 20.98 -2.71 -0.93
CA THR A 54 21.27 -1.71 -1.96
C THR A 54 21.63 -0.37 -1.32
N MET A 55 22.04 0.58 -2.16
CA MET A 55 22.40 1.91 -1.68
C MET A 55 21.34 2.93 -2.09
N MET A 56 20.08 2.52 -2.05
CA MET A 56 18.96 3.39 -2.41
C MET A 56 18.99 4.68 -1.60
N THR A 57 18.66 5.79 -2.25
CA THR A 57 18.65 7.09 -1.60
C THR A 57 17.32 7.33 -0.89
N ARG A 58 17.38 8.02 0.25
CA ARG A 58 16.17 8.30 1.01
C ARG A 58 15.14 9.02 0.15
N GLU A 59 15.62 9.81 -0.80
CA GLU A 59 14.73 10.54 -1.70
C GLU A 59 13.86 9.58 -2.50
N GLN A 60 14.45 8.45 -2.89
CA GLN A 60 13.73 7.44 -3.65
C GLN A 60 12.68 6.77 -2.79
N ILE A 61 12.96 6.65 -1.50
CA ILE A 61 12.04 6.04 -0.55
C ILE A 61 10.86 6.96 -0.28
N GLN A 62 11.12 8.26 -0.28
CA GLN A 62 10.07 9.25 -0.04
C GLN A 62 9.06 9.25 -1.18
N LYS A 63 9.56 9.34 -2.41
CA LYS A 63 8.70 9.36 -3.59
C LYS A 63 7.94 8.04 -3.70
N GLU A 64 8.65 6.93 -3.53
CA GLU A 64 8.01 5.62 -3.60
C GLU A 64 6.89 5.56 -2.57
N TYR A 65 7.11 6.25 -1.45
CA TYR A 65 6.09 6.32 -0.42
C TYR A 65 4.89 7.06 -0.97
N ASP A 66 5.16 8.07 -1.80
CA ASP A 66 4.11 8.85 -2.43
C ASP A 66 3.39 8.00 -3.46
N ALA A 67 4.14 7.15 -4.16
CA ALA A 67 3.56 6.27 -5.16
C ALA A 67 2.51 5.37 -4.50
N LEU A 68 2.80 4.97 -3.27
CA LEU A 68 1.89 4.13 -2.51
C LEU A 68 0.74 4.96 -1.98
N VAL A 69 1.03 6.22 -1.66
CA VAL A 69 0.01 7.13 -1.15
C VAL A 69 -1.02 7.43 -2.24
N LYS A 70 -0.56 7.50 -3.48
CA LYS A 70 -1.45 7.77 -4.61
C LYS A 70 -2.33 6.56 -4.90
N SER A 71 -1.70 5.39 -4.98
CA SER A 71 -2.42 4.16 -5.24
C SER A 71 -3.38 3.84 -4.10
N SER A 72 -2.94 4.11 -2.87
CA SER A 72 -3.76 3.87 -1.69
C SER A 72 -4.98 4.78 -1.70
N GLU A 73 -4.76 6.06 -1.96
CA GLU A 73 -5.84 7.04 -1.99
C GLU A 73 -6.94 6.59 -2.95
N ASP A 74 -6.52 6.12 -4.12
CA ASP A 74 -7.45 5.64 -5.13
C ASP A 74 -8.15 4.37 -4.68
N LEU A 75 -7.44 3.58 -3.87
CA LEU A 75 -7.99 2.33 -3.35
C LEU A 75 -9.20 2.60 -2.48
N LEU A 76 -9.08 3.55 -1.57
CA LEU A 76 -10.17 3.90 -0.67
C LEU A 76 -11.34 4.44 -1.48
N SER A 77 -11.04 5.37 -2.38
CA SER A 77 -12.06 5.96 -3.24
C SER A 77 -12.77 4.88 -4.04
N ALA A 78 -12.00 3.91 -4.52
CA ALA A 78 -12.55 2.81 -5.30
C ALA A 78 -13.43 1.92 -4.44
N LEU A 79 -12.90 1.49 -3.30
CA LEU A 79 -13.64 0.64 -2.37
C LEU A 79 -14.97 1.27 -2.00
N GLN A 80 -14.92 2.52 -1.57
CA GLN A 80 -16.13 3.26 -1.20
C GLN A 80 -17.12 3.25 -2.35
N LYS A 81 -16.60 3.41 -3.56
CA LYS A 81 -17.42 3.42 -4.77
C LYS A 81 -18.17 2.11 -4.90
N LYS A 82 -17.42 1.01 -4.85
CA LYS A 82 -18.01 -0.32 -4.96
C LYS A 82 -19.11 -0.53 -3.94
N LYS A 83 -18.93 0.02 -2.75
CA LYS A 83 -19.92 -0.12 -1.69
C LYS A 83 -21.23 0.56 -2.08
N GLN A 84 -21.13 1.83 -2.46
CA GLN A 84 -22.30 2.59 -2.87
C GLN A 84 -22.92 1.99 -4.12
N GLN A 85 -22.11 1.28 -4.90
CA GLN A 85 -22.58 0.64 -6.13
C GLN A 85 -23.35 -0.64 -5.82
N GLU A 86 -22.74 -1.52 -5.05
CA GLU A 86 -23.37 -2.79 -4.68
C GLU A 86 -23.35 -2.99 -3.17
N GLU A 87 -24.35 -3.72 -2.67
CA GLU A 87 -24.44 -3.99 -1.24
C GLU A 87 -23.87 -5.36 -0.91
N GLU A 88 -24.12 -6.33 -1.79
CA GLU A 88 -23.62 -7.68 -1.59
C GLU A 88 -23.07 -8.27 -2.90
N GLN A 1 23.46 3.72 6.38
CA GLN A 1 22.50 3.54 5.30
C GLN A 1 21.55 2.38 5.60
N GLY A 2 20.67 2.58 6.58
CA GLY A 2 19.73 1.54 6.96
C GLY A 2 18.53 2.09 7.71
N PRO A 3 18.56 2.05 9.05
CA PRO A 3 17.46 2.54 9.88
C PRO A 3 17.06 3.98 9.52
N GLY A 4 15.84 4.35 9.86
CA GLY A 4 15.35 5.69 9.57
C GLY A 4 14.33 5.70 8.46
N SER A 5 14.59 4.91 7.41
CA SER A 5 13.68 4.83 6.27
C SER A 5 12.81 3.58 6.35
N LEU A 6 13.35 2.53 6.96
CA LEU A 6 12.62 1.27 7.10
C LEU A 6 11.41 1.44 8.02
N VAL A 7 11.55 2.32 9.01
CA VAL A 7 10.48 2.57 9.97
C VAL A 7 9.23 3.10 9.26
N LYS A 8 9.41 4.11 8.43
CA LYS A 8 8.28 4.70 7.70
C LYS A 8 7.67 3.68 6.73
N VAL A 9 8.54 3.00 6.00
CA VAL A 9 8.08 1.98 5.05
C VAL A 9 7.25 0.92 5.77
N GLY A 10 7.70 0.55 6.96
CA GLY A 10 6.99 -0.43 7.75
C GLY A 10 5.62 0.09 8.17
N THR A 11 5.58 1.35 8.58
CA THR A 11 4.33 1.98 9.00
C THR A 11 3.32 1.91 7.86
N LEU A 12 3.81 2.00 6.63
CA LEU A 12 2.95 1.92 5.47
C LEU A 12 2.36 0.52 5.34
N LYS A 13 3.22 -0.49 5.51
CA LYS A 13 2.77 -1.87 5.46
C LYS A 13 1.60 -2.04 6.43
N LYS A 14 1.68 -1.29 7.53
CA LYS A 14 0.65 -1.31 8.55
C LYS A 14 -0.65 -0.78 7.96
N ARG A 15 -0.56 0.35 7.26
CA ARG A 15 -1.73 0.95 6.63
C ARG A 15 -2.33 -0.01 5.61
N LEU A 16 -1.48 -0.80 4.97
CA LEU A 16 -1.93 -1.77 3.98
C LEU A 16 -2.85 -2.79 4.62
N ASP A 17 -2.40 -3.38 5.74
CA ASP A 17 -3.20 -4.36 6.45
C ASP A 17 -4.54 -3.76 6.87
N LYS A 18 -4.50 -2.49 7.25
CA LYS A 18 -5.70 -1.77 7.65
C LYS A 18 -6.73 -1.80 6.52
N PHE A 19 -6.25 -1.58 5.30
CA PHE A 19 -7.12 -1.59 4.13
C PHE A 19 -7.75 -2.95 3.96
N ASN A 20 -6.94 -4.00 4.14
CA ASN A 20 -7.42 -5.37 4.01
C ASN A 20 -8.65 -5.60 4.88
N GLU A 21 -8.57 -5.14 6.14
CA GLU A 21 -9.68 -5.29 7.07
C GLU A 21 -10.92 -4.59 6.54
N VAL A 22 -10.77 -3.31 6.21
CA VAL A 22 -11.88 -2.51 5.68
C VAL A 22 -12.45 -3.17 4.43
N VAL A 23 -11.58 -3.75 3.63
CA VAL A 23 -11.99 -4.43 2.40
C VAL A 23 -12.65 -5.77 2.72
N SER A 24 -12.17 -6.41 3.78
CA SER A 24 -12.70 -7.70 4.20
C SER A 24 -14.17 -7.55 4.58
N ALA A 25 -14.53 -6.39 5.12
CA ALA A 25 -15.90 -6.12 5.53
C ALA A 25 -16.78 -5.81 4.31
N LEU A 26 -16.17 -5.29 3.26
CA LEU A 26 -16.91 -4.95 2.04
C LEU A 26 -17.58 -6.19 1.45
N LYS A 27 -16.83 -7.29 1.38
CA LYS A 27 -17.36 -8.54 0.84
C LYS A 27 -17.73 -8.41 -0.63
N ASP A 28 -17.26 -7.34 -1.27
CA ASP A 28 -17.54 -7.09 -2.68
C ASP A 28 -16.27 -6.70 -3.43
N GLY A 29 -16.07 -7.30 -4.59
CA GLY A 29 -14.89 -7.01 -5.39
C GLY A 29 -13.60 -7.28 -4.65
N LYS A 30 -13.31 -8.57 -4.43
CA LYS A 30 -12.10 -8.97 -3.73
C LYS A 30 -10.89 -9.01 -4.66
N PRO A 31 -11.06 -9.56 -5.88
CA PRO A 31 -9.97 -9.65 -6.86
C PRO A 31 -9.30 -8.30 -7.12
N GLU A 32 -10.11 -7.28 -7.38
CA GLU A 32 -9.60 -5.94 -7.63
C GLU A 32 -8.71 -5.46 -6.49
N VAL A 33 -9.19 -5.63 -5.26
CA VAL A 33 -8.45 -5.23 -4.08
C VAL A 33 -7.18 -6.04 -3.92
N ASN A 34 -7.32 -7.36 -3.87
CA ASN A 34 -6.17 -8.24 -3.71
C ASN A 34 -5.09 -7.96 -4.75
N ARG A 35 -5.49 -7.60 -5.97
CA ARG A 35 -4.54 -7.33 -7.04
C ARG A 35 -3.83 -5.99 -6.84
N GLN A 36 -4.54 -5.01 -6.32
CA GLN A 36 -3.95 -3.69 -6.08
C GLN A 36 -3.16 -3.72 -4.79
N ILE A 37 -3.78 -4.26 -3.76
CA ILE A 37 -3.16 -4.38 -2.46
C ILE A 37 -1.90 -5.24 -2.57
N LYS A 38 -1.92 -6.22 -3.47
CA LYS A 38 -0.79 -7.11 -3.68
C LYS A 38 0.37 -6.38 -4.34
N ASN A 39 0.12 -5.74 -5.47
CA ASN A 39 1.17 -5.01 -6.19
C ASN A 39 1.77 -3.93 -5.29
N LEU A 40 0.98 -3.45 -4.34
CA LEU A 40 1.46 -2.42 -3.42
C LEU A 40 2.32 -3.06 -2.33
N GLU A 41 1.87 -4.18 -1.80
CA GLU A 41 2.62 -4.90 -0.78
C GLU A 41 4.00 -5.24 -1.33
N ILE A 42 4.03 -5.54 -2.62
CA ILE A 42 5.27 -5.85 -3.31
C ILE A 42 6.12 -4.60 -3.46
N SER A 43 5.48 -3.50 -3.79
CA SER A 43 6.18 -2.23 -3.94
C SER A 43 6.90 -1.85 -2.65
N ILE A 44 6.14 -1.79 -1.56
CA ILE A 44 6.71 -1.46 -0.26
C ILE A 44 7.77 -2.46 0.15
N ASP A 45 7.40 -3.75 0.10
CA ASP A 45 8.33 -4.81 0.46
C ASP A 45 9.56 -4.77 -0.42
N ALA A 46 9.37 -4.37 -1.68
CA ALA A 46 10.48 -4.28 -2.63
C ALA A 46 11.54 -3.32 -2.09
N LEU A 47 11.10 -2.14 -1.67
CA LEU A 47 12.01 -1.15 -1.12
C LEU A 47 12.78 -1.73 0.05
N MET A 48 12.05 -2.30 1.01
CA MET A 48 12.67 -2.91 2.19
C MET A 48 13.86 -3.78 1.80
N ALA A 49 13.61 -4.77 0.95
CA ALA A 49 14.68 -5.65 0.51
C ALA A 49 15.77 -4.86 -0.21
N LYS A 50 15.39 -3.69 -0.74
CA LYS A 50 16.34 -2.83 -1.44
C LYS A 50 17.13 -2.00 -0.44
N ILE A 51 16.51 -1.69 0.68
CA ILE A 51 17.15 -0.89 1.72
C ILE A 51 18.24 -1.68 2.43
N LYS A 52 18.00 -2.97 2.61
CA LYS A 52 18.96 -3.84 3.29
C LYS A 52 19.86 -4.59 2.31
N SER A 53 19.68 -4.35 1.01
CA SER A 53 20.50 -5.03 0.01
C SER A 53 20.94 -4.08 -1.11
N THR A 54 20.90 -2.79 -0.83
CA THR A 54 21.30 -1.77 -1.81
C THR A 54 21.63 -0.45 -1.11
N MET A 55 22.07 0.53 -1.90
CA MET A 55 22.40 1.84 -1.37
C MET A 55 21.36 2.86 -1.82
N MET A 56 20.10 2.48 -1.79
CA MET A 56 19.01 3.37 -2.18
C MET A 56 19.04 4.66 -1.39
N THR A 57 18.67 5.76 -2.05
CA THR A 57 18.65 7.07 -1.40
C THR A 57 17.29 7.34 -0.77
N ARG A 58 17.29 8.06 0.35
CA ARG A 58 16.06 8.39 1.05
C ARG A 58 15.07 9.08 0.11
N GLU A 59 15.61 9.82 -0.86
CA GLU A 59 14.78 10.53 -1.83
C GLU A 59 13.93 9.53 -2.63
N GLN A 60 14.54 8.39 -2.97
CA GLN A 60 13.84 7.35 -3.71
C GLN A 60 12.73 6.74 -2.87
N ILE A 61 12.97 6.65 -1.57
CA ILE A 61 12.00 6.09 -0.64
C ILE A 61 10.82 7.04 -0.45
N GLN A 62 11.12 8.34 -0.49
CA GLN A 62 10.09 9.36 -0.31
C GLN A 62 9.12 9.35 -1.49
N LYS A 63 9.66 9.29 -2.71
CA LYS A 63 8.83 9.26 -3.90
C LYS A 63 8.02 7.98 -3.98
N GLU A 64 8.69 6.85 -3.76
CA GLU A 64 8.01 5.57 -3.78
C GLU A 64 6.87 5.59 -2.77
N TYR A 65 7.10 6.30 -1.67
CA TYR A 65 6.07 6.45 -0.65
C TYR A 65 4.91 7.23 -1.25
N ASP A 66 5.25 8.20 -2.10
CA ASP A 66 4.23 9.00 -2.76
C ASP A 66 3.49 8.15 -3.79
N ALA A 67 4.22 7.27 -4.47
CA ALA A 67 3.60 6.38 -5.45
C ALA A 67 2.56 5.51 -4.77
N LEU A 68 2.82 5.17 -3.51
CA LEU A 68 1.90 4.35 -2.74
C LEU A 68 0.74 5.20 -2.24
N VAL A 69 1.01 6.50 -2.01
CA VAL A 69 -0.03 7.41 -1.54
C VAL A 69 -1.06 7.65 -2.65
N LYS A 70 -0.59 7.72 -3.89
CA LYS A 70 -1.46 7.94 -5.02
C LYS A 70 -2.28 6.69 -5.31
N SER A 71 -1.60 5.54 -5.38
CA SER A 71 -2.26 4.27 -5.63
C SER A 71 -3.21 3.91 -4.50
N SER A 72 -2.73 4.08 -3.28
CA SER A 72 -3.53 3.78 -2.10
C SER A 72 -4.80 4.63 -2.07
N GLU A 73 -4.62 5.94 -2.27
CA GLU A 73 -5.74 6.87 -2.28
C GLU A 73 -6.80 6.43 -3.29
N ASP A 74 -6.34 5.94 -4.43
CA ASP A 74 -7.24 5.48 -5.49
C ASP A 74 -7.97 4.21 -5.05
N LEU A 75 -7.30 3.41 -4.23
CA LEU A 75 -7.89 2.17 -3.74
C LEU A 75 -9.08 2.45 -2.83
N LEU A 76 -8.90 3.39 -1.90
CA LEU A 76 -9.97 3.76 -0.98
C LEU A 76 -11.12 4.39 -1.74
N SER A 77 -10.79 5.34 -2.60
CA SER A 77 -11.78 6.03 -3.41
C SER A 77 -12.57 5.02 -4.25
N ALA A 78 -11.91 3.94 -4.65
CA ALA A 78 -12.56 2.90 -5.44
C ALA A 78 -13.56 2.13 -4.61
N LEU A 79 -13.11 1.63 -3.46
CA LEU A 79 -13.98 0.87 -2.57
C LEU A 79 -15.17 1.71 -2.12
N GLN A 80 -14.90 2.98 -1.80
CA GLN A 80 -15.94 3.90 -1.37
C GLN A 80 -17.04 4.02 -2.42
N LYS A 81 -16.64 4.26 -3.66
CA LYS A 81 -17.60 4.40 -4.75
C LYS A 81 -18.39 3.10 -4.92
N LYS A 82 -17.76 1.98 -4.57
CA LYS A 82 -18.39 0.67 -4.69
C LYS A 82 -19.50 0.48 -3.66
N LYS A 83 -19.19 0.76 -2.39
CA LYS A 83 -20.18 0.60 -1.33
C LYS A 83 -21.27 1.65 -1.40
N GLN A 84 -20.87 2.90 -1.60
CA GLN A 84 -21.83 4.00 -1.69
C GLN A 84 -22.82 3.79 -2.83
N GLN A 85 -22.30 3.42 -4.00
CA GLN A 85 -23.15 3.20 -5.17
C GLN A 85 -24.08 2.01 -4.93
N GLU A 86 -23.55 0.96 -4.30
CA GLU A 86 -24.35 -0.23 -4.01
C GLU A 86 -25.47 0.09 -3.03
N GLU A 87 -25.24 1.07 -2.15
CA GLU A 87 -26.24 1.47 -1.18
C GLU A 87 -27.20 2.50 -1.76
N GLU A 88 -26.75 3.75 -1.84
CA GLU A 88 -27.57 4.82 -2.38
C GLU A 88 -26.75 5.75 -3.26
N GLN A 1 25.12 3.95 9.76
CA GLN A 1 23.89 3.93 8.98
C GLN A 1 22.80 4.74 9.69
N GLY A 2 22.01 5.47 8.92
CA GLY A 2 20.94 6.27 9.49
C GLY A 2 19.56 5.78 9.10
N PRO A 3 18.95 4.90 9.90
CA PRO A 3 17.62 4.35 9.62
C PRO A 3 16.58 5.45 9.41
N GLY A 4 16.42 5.87 8.16
CA GLY A 4 15.46 6.91 7.85
C GLY A 4 14.63 6.59 6.62
N SER A 5 14.20 5.33 6.52
CA SER A 5 13.40 4.89 5.39
C SER A 5 12.73 3.55 5.69
N LEU A 6 13.48 2.63 6.27
CA LEU A 6 12.97 1.32 6.61
C LEU A 6 11.75 1.42 7.52
N VAL A 7 11.77 2.40 8.41
CA VAL A 7 10.66 2.61 9.35
C VAL A 7 9.42 3.11 8.62
N LYS A 8 9.60 4.10 7.75
CA LYS A 8 8.48 4.67 6.99
C LYS A 8 7.83 3.59 6.13
N VAL A 9 8.66 2.82 5.44
CA VAL A 9 8.17 1.74 4.58
C VAL A 9 7.31 0.77 5.38
N GLY A 10 7.82 0.38 6.55
CA GLY A 10 7.08 -0.53 7.40
C GLY A 10 5.73 0.04 7.81
N THR A 11 5.71 1.34 8.09
CA THR A 11 4.48 2.01 8.49
C THR A 11 3.42 1.83 7.42
N LEU A 12 3.82 1.98 6.16
CA LEU A 12 2.89 1.81 5.04
C LEU A 12 2.35 0.39 5.03
N LYS A 13 3.24 -0.58 5.27
CA LYS A 13 2.82 -1.98 5.31
C LYS A 13 1.66 -2.13 6.27
N LYS A 14 1.74 -1.42 7.39
CA LYS A 14 0.69 -1.44 8.39
C LYS A 14 -0.59 -0.84 7.80
N ARG A 15 -0.42 0.21 6.99
CA ARG A 15 -1.56 0.86 6.35
C ARG A 15 -2.24 -0.11 5.40
N LEU A 16 -1.44 -0.94 4.74
CA LEU A 16 -1.96 -1.93 3.80
C LEU A 16 -2.86 -2.92 4.54
N ASP A 17 -2.41 -3.35 5.71
CA ASP A 17 -3.18 -4.30 6.52
C ASP A 17 -4.55 -3.72 6.87
N LYS A 18 -4.56 -2.48 7.33
CA LYS A 18 -5.80 -1.81 7.70
C LYS A 18 -6.76 -1.72 6.51
N PHE A 19 -6.19 -1.56 5.32
CA PHE A 19 -6.99 -1.47 4.10
C PHE A 19 -7.71 -2.79 3.84
N ASN A 20 -6.99 -3.89 4.00
CA ASN A 20 -7.56 -5.22 3.79
C ASN A 20 -8.72 -5.46 4.75
N GLU A 21 -8.56 -5.01 5.98
CA GLU A 21 -9.59 -5.17 7.00
C GLU A 21 -10.89 -4.50 6.55
N VAL A 22 -10.80 -3.22 6.22
CA VAL A 22 -11.96 -2.47 5.76
C VAL A 22 -12.57 -3.11 4.52
N VAL A 23 -11.71 -3.62 3.65
CA VAL A 23 -12.16 -4.27 2.42
C VAL A 23 -12.82 -5.61 2.72
N SER A 24 -12.35 -6.27 3.78
CA SER A 24 -12.89 -7.56 4.18
C SER A 24 -14.27 -7.41 4.81
N ALA A 25 -14.52 -6.24 5.41
CA ALA A 25 -15.79 -5.97 6.06
C ALA A 25 -16.89 -5.73 5.03
N LEU A 26 -16.54 -5.12 3.91
CA LEU A 26 -17.51 -4.83 2.86
C LEU A 26 -17.63 -6.00 1.88
N LYS A 27 -16.57 -6.79 1.78
CA LYS A 27 -16.57 -7.94 0.89
C LYS A 27 -16.83 -7.52 -0.55
N ASP A 28 -16.84 -8.49 -1.46
CA ASP A 28 -17.08 -8.23 -2.88
C ASP A 28 -15.90 -7.49 -3.50
N GLY A 29 -15.66 -7.73 -4.78
CA GLY A 29 -14.56 -7.09 -5.47
C GLY A 29 -13.22 -7.48 -4.88
N LYS A 30 -13.16 -8.65 -4.24
CA LYS A 30 -11.93 -9.14 -3.63
C LYS A 30 -10.78 -9.17 -4.63
N PRO A 31 -11.01 -9.74 -5.83
CA PRO A 31 -9.97 -9.83 -6.86
C PRO A 31 -9.35 -8.48 -7.18
N GLU A 32 -10.19 -7.47 -7.38
CA GLU A 32 -9.73 -6.13 -7.70
C GLU A 32 -8.89 -5.54 -6.57
N VAL A 33 -9.42 -5.60 -5.36
CA VAL A 33 -8.73 -5.07 -4.19
C VAL A 33 -7.45 -5.85 -3.91
N ASN A 34 -7.59 -7.16 -3.74
CA ASN A 34 -6.44 -8.01 -3.47
C ASN A 34 -5.35 -7.83 -4.52
N ARG A 35 -5.76 -7.46 -5.74
CA ARG A 35 -4.80 -7.25 -6.83
C ARG A 35 -3.98 -5.98 -6.64
N GLN A 36 -4.65 -4.87 -6.37
CA GLN A 36 -3.98 -3.61 -6.17
C GLN A 36 -3.29 -3.61 -4.82
N ILE A 37 -4.01 -4.10 -3.83
CA ILE A 37 -3.50 -4.19 -2.48
C ILE A 37 -2.21 -5.00 -2.44
N LYS A 38 -2.14 -6.04 -3.28
CA LYS A 38 -0.95 -6.87 -3.35
C LYS A 38 0.20 -6.09 -3.96
N ASN A 39 -0.07 -5.39 -5.06
CA ASN A 39 0.95 -4.59 -5.74
C ASN A 39 1.66 -3.68 -4.74
N LEU A 40 0.91 -3.07 -3.84
CA LEU A 40 1.49 -2.19 -2.83
C LEU A 40 2.31 -2.99 -1.84
N GLU A 41 1.78 -4.13 -1.41
CA GLU A 41 2.50 -4.99 -0.48
C GLU A 41 3.84 -5.36 -1.08
N ILE A 42 3.85 -5.55 -2.40
CA ILE A 42 5.05 -5.87 -3.14
C ILE A 42 5.97 -4.66 -3.19
N SER A 43 5.39 -3.49 -3.42
CA SER A 43 6.17 -2.25 -3.49
C SER A 43 6.89 -2.02 -2.17
N ILE A 44 6.17 -2.18 -1.07
CA ILE A 44 6.74 -2.00 0.26
C ILE A 44 7.85 -3.03 0.52
N ASP A 45 7.50 -4.30 0.34
CA ASP A 45 8.45 -5.39 0.54
C ASP A 45 9.68 -5.19 -0.35
N ALA A 46 9.44 -4.63 -1.54
CA ALA A 46 10.52 -4.38 -2.49
C ALA A 46 11.54 -3.42 -1.89
N LEU A 47 11.06 -2.30 -1.34
CA LEU A 47 11.95 -1.32 -0.74
C LEU A 47 12.82 -1.95 0.33
N MET A 48 12.20 -2.58 1.32
CA MET A 48 12.94 -3.22 2.41
C MET A 48 14.11 -4.05 1.86
N ALA A 49 13.81 -4.94 0.93
CA ALA A 49 14.83 -5.77 0.32
C ALA A 49 15.87 -4.92 -0.40
N LYS A 50 15.46 -3.72 -0.81
CA LYS A 50 16.35 -2.81 -1.52
C LYS A 50 17.20 -2.03 -0.52
N ILE A 51 16.65 -1.80 0.66
CA ILE A 51 17.35 -1.06 1.69
C ILE A 51 18.49 -1.88 2.28
N LYS A 52 18.29 -3.19 2.34
CA LYS A 52 19.30 -4.10 2.89
C LYS A 52 20.21 -4.66 1.81
N SER A 53 20.01 -4.26 0.55
CA SER A 53 20.84 -4.76 -0.54
C SER A 53 21.12 -3.68 -1.58
N THR A 54 21.00 -2.43 -1.18
CA THR A 54 21.27 -1.29 -2.07
C THR A 54 21.53 -0.02 -1.27
N MET A 55 22.21 0.92 -1.89
CA MET A 55 22.52 2.19 -1.24
C MET A 55 21.55 3.28 -1.68
N MET A 56 20.29 2.88 -1.88
CA MET A 56 19.25 3.82 -2.31
C MET A 56 19.12 4.98 -1.33
N THR A 57 18.95 6.18 -1.87
CA THR A 57 18.81 7.37 -1.05
C THR A 57 17.43 7.42 -0.41
N ARG A 58 17.36 7.95 0.82
CA ARG A 58 16.10 8.06 1.53
C ARG A 58 15.07 8.82 0.71
N GLU A 59 15.56 9.76 -0.10
CA GLU A 59 14.69 10.56 -0.94
C GLU A 59 13.89 9.68 -1.89
N GLN A 60 14.58 8.71 -2.51
CA GLN A 60 13.92 7.78 -3.42
C GLN A 60 12.83 7.00 -2.70
N ILE A 61 13.06 6.73 -1.42
CA ILE A 61 12.09 5.99 -0.61
C ILE A 61 10.87 6.86 -0.34
N GLN A 62 11.10 8.16 -0.19
CA GLN A 62 10.02 9.11 0.08
C GLN A 62 9.04 9.15 -1.08
N LYS A 63 9.56 9.32 -2.29
CA LYS A 63 8.71 9.38 -3.47
C LYS A 63 7.96 8.06 -3.64
N GLU A 64 8.68 6.95 -3.51
CA GLU A 64 8.04 5.65 -3.63
C GLU A 64 6.90 5.56 -2.64
N TYR A 65 7.08 6.20 -1.49
CA TYR A 65 6.05 6.23 -0.47
C TYR A 65 4.84 6.97 -1.03
N ASP A 66 5.12 8.02 -1.80
CA ASP A 66 4.06 8.80 -2.43
C ASP A 66 3.39 7.98 -3.52
N ALA A 67 4.17 7.17 -4.24
CA ALA A 67 3.62 6.32 -5.28
C ALA A 67 2.56 5.39 -4.70
N LEU A 68 2.82 4.92 -3.48
CA LEU A 68 1.90 4.05 -2.79
C LEU A 68 0.72 4.85 -2.24
N VAL A 69 0.98 6.11 -1.90
CA VAL A 69 -0.06 6.97 -1.38
C VAL A 69 -1.05 7.35 -2.48
N LYS A 70 -0.54 7.49 -3.70
CA LYS A 70 -1.39 7.84 -4.84
C LYS A 70 -2.25 6.66 -5.23
N SER A 71 -1.63 5.49 -5.38
CA SER A 71 -2.34 4.28 -5.75
C SER A 71 -3.35 3.91 -4.67
N SER A 72 -2.94 4.07 -3.41
CA SER A 72 -3.81 3.76 -2.28
C SER A 72 -5.03 4.67 -2.28
N GLU A 73 -4.80 5.98 -2.42
CA GLU A 73 -5.87 6.95 -2.44
C GLU A 73 -6.92 6.58 -3.48
N ASP A 74 -6.45 6.13 -4.64
CA ASP A 74 -7.34 5.73 -5.73
C ASP A 74 -8.11 4.47 -5.35
N LEU A 75 -7.48 3.60 -4.56
CA LEU A 75 -8.10 2.37 -4.13
C LEU A 75 -9.30 2.64 -3.23
N LEU A 76 -9.11 3.52 -2.27
CA LEU A 76 -10.19 3.88 -1.34
C LEU A 76 -11.35 4.49 -2.11
N SER A 77 -11.03 5.44 -2.97
CA SER A 77 -12.05 6.11 -3.79
C SER A 77 -12.85 5.07 -4.58
N ALA A 78 -12.15 4.09 -5.14
CA ALA A 78 -12.80 3.04 -5.91
C ALA A 78 -13.68 2.19 -5.01
N LEU A 79 -13.22 1.97 -3.78
CA LEU A 79 -13.96 1.19 -2.81
C LEU A 79 -15.25 1.91 -2.42
N GLN A 80 -15.14 3.21 -2.20
CA GLN A 80 -16.29 4.03 -1.82
C GLN A 80 -17.40 3.89 -2.86
N LYS A 81 -17.06 4.14 -4.11
CA LYS A 81 -18.03 4.02 -5.20
C LYS A 81 -18.53 2.58 -5.30
N LYS A 82 -17.68 1.64 -4.90
CA LYS A 82 -18.02 0.22 -4.94
C LYS A 82 -19.15 -0.09 -3.95
N LYS A 83 -19.05 0.46 -2.75
CA LYS A 83 -20.06 0.22 -1.72
C LYS A 83 -21.40 0.82 -2.12
N GLN A 84 -21.39 2.10 -2.45
CA GLN A 84 -22.62 2.79 -2.85
C GLN A 84 -23.21 2.16 -4.11
N GLN A 85 -22.35 1.54 -4.90
CA GLN A 85 -22.78 0.90 -6.14
C GLN A 85 -23.56 -0.38 -5.84
N GLU A 86 -22.98 -1.27 -5.05
CA GLU A 86 -23.62 -2.52 -4.68
C GLU A 86 -23.27 -2.92 -3.26
N GLU A 87 -24.22 -3.54 -2.57
CA GLU A 87 -24.01 -3.97 -1.19
C GLU A 87 -24.60 -5.36 -0.96
N GLU A 88 -25.82 -5.57 -1.45
CA GLU A 88 -26.49 -6.86 -1.30
C GLU A 88 -27.33 -7.20 -2.52
N GLN A 1 24.37 4.18 7.02
CA GLN A 1 23.68 2.91 6.84
C GLN A 1 22.99 2.49 8.13
N GLY A 2 22.06 1.54 8.02
CA GLY A 2 21.35 1.06 9.20
C GLY A 2 19.88 1.46 9.19
N PRO A 3 19.30 1.76 10.37
CA PRO A 3 17.89 2.14 10.47
C PRO A 3 17.54 3.31 9.57
N GLY A 4 16.34 3.85 9.74
CA GLY A 4 15.90 4.97 8.93
C GLY A 4 15.33 4.53 7.59
N SER A 5 14.29 5.23 7.14
CA SER A 5 13.65 4.90 5.86
C SER A 5 12.78 3.65 5.99
N LEU A 6 13.40 2.54 6.40
CA LEU A 6 12.68 1.28 6.55
C LEU A 6 11.47 1.45 7.47
N VAL A 7 11.58 2.34 8.44
CA VAL A 7 10.50 2.60 9.38
C VAL A 7 9.22 3.04 8.65
N LYS A 8 9.36 3.99 7.74
CA LYS A 8 8.22 4.48 6.97
C LYS A 8 7.65 3.38 6.08
N VAL A 9 8.55 2.61 5.46
CA VAL A 9 8.15 1.51 4.60
C VAL A 9 7.27 0.51 5.36
N GLY A 10 7.73 0.12 6.54
CA GLY A 10 6.97 -0.81 7.36
C GLY A 10 5.60 -0.26 7.69
N THR A 11 5.54 1.02 8.01
CA THR A 11 4.27 1.66 8.36
C THR A 11 3.29 1.55 7.19
N LEU A 12 3.81 1.62 5.97
CA LEU A 12 2.98 1.50 4.78
C LEU A 12 2.38 0.11 4.71
N LYS A 13 3.21 -0.91 4.92
CA LYS A 13 2.73 -2.28 4.91
C LYS A 13 1.56 -2.41 5.88
N LYS A 14 1.66 -1.67 6.99
CA LYS A 14 0.61 -1.66 8.00
C LYS A 14 -0.62 -0.97 7.44
N ARG A 15 -0.41 0.05 6.60
CA ARG A 15 -1.50 0.77 5.99
C ARG A 15 -2.24 -0.14 5.01
N LEU A 16 -1.48 -1.02 4.35
CA LEU A 16 -2.05 -1.96 3.40
C LEU A 16 -3.01 -2.91 4.11
N ASP A 17 -2.54 -3.50 5.21
CA ASP A 17 -3.35 -4.42 5.99
C ASP A 17 -4.62 -3.73 6.46
N LYS A 18 -4.49 -2.44 6.79
CA LYS A 18 -5.62 -1.64 7.25
C LYS A 18 -6.71 -1.61 6.18
N PHE A 19 -6.30 -1.35 4.94
CA PHE A 19 -7.23 -1.28 3.82
C PHE A 19 -7.97 -2.62 3.67
N ASN A 20 -7.24 -3.71 3.79
CA ASN A 20 -7.82 -5.04 3.67
C ASN A 20 -8.93 -5.22 4.70
N GLU A 21 -8.69 -4.73 5.92
CA GLU A 21 -9.67 -4.83 6.99
C GLU A 21 -10.97 -4.15 6.60
N VAL A 22 -10.84 -2.91 6.13
CA VAL A 22 -12.00 -2.14 5.70
C VAL A 22 -12.69 -2.81 4.52
N VAL A 23 -11.89 -3.39 3.62
CA VAL A 23 -12.42 -4.07 2.46
C VAL A 23 -13.15 -5.35 2.85
N SER A 24 -12.61 -6.04 3.85
CA SER A 24 -13.22 -7.28 4.34
C SER A 24 -14.55 -7.00 5.01
N ALA A 25 -14.66 -5.82 5.62
CA ALA A 25 -15.88 -5.43 6.31
C ALA A 25 -17.03 -5.23 5.33
N LEU A 26 -16.70 -4.83 4.11
CA LEU A 26 -17.71 -4.59 3.07
C LEU A 26 -17.78 -5.77 2.10
N LYS A 27 -16.70 -6.54 2.03
CA LYS A 27 -16.65 -7.70 1.13
C LYS A 27 -16.77 -7.26 -0.33
N ASP A 28 -16.87 -8.24 -1.23
CA ASP A 28 -16.99 -7.96 -2.65
C ASP A 28 -15.76 -7.22 -3.17
N GLY A 29 -15.50 -7.35 -4.46
CA GLY A 29 -14.35 -6.69 -5.05
C GLY A 29 -13.03 -7.21 -4.49
N LYS A 30 -13.01 -8.49 -4.15
CA LYS A 30 -11.82 -9.11 -3.59
C LYS A 30 -10.66 -9.09 -4.59
N PRO A 31 -10.86 -9.63 -5.81
CA PRO A 31 -9.81 -9.68 -6.84
C PRO A 31 -9.21 -8.31 -7.12
N GLU A 32 -10.05 -7.29 -7.22
CA GLU A 32 -9.58 -5.93 -7.49
C GLU A 32 -8.75 -5.40 -6.33
N VAL A 33 -9.20 -5.67 -5.11
CA VAL A 33 -8.48 -5.20 -3.92
C VAL A 33 -7.17 -5.96 -3.73
N ASN A 34 -7.25 -7.28 -3.64
CA ASN A 34 -6.05 -8.09 -3.45
C ASN A 34 -5.06 -7.87 -4.59
N ARG A 35 -5.56 -7.47 -5.75
CA ARG A 35 -4.71 -7.22 -6.91
C ARG A 35 -3.91 -5.93 -6.74
N GLN A 36 -4.58 -4.86 -6.34
CA GLN A 36 -3.91 -3.58 -6.14
C GLN A 36 -3.13 -3.61 -4.83
N ILE A 37 -3.79 -4.11 -3.81
CA ILE A 37 -3.19 -4.23 -2.49
C ILE A 37 -1.91 -5.07 -2.56
N LYS A 38 -1.91 -6.07 -3.45
CA LYS A 38 -0.76 -6.93 -3.63
C LYS A 38 0.39 -6.17 -4.27
N ASN A 39 0.12 -5.51 -5.39
CA ASN A 39 1.14 -4.74 -6.09
C ASN A 39 1.83 -3.77 -5.13
N LEU A 40 1.07 -3.26 -4.17
CA LEU A 40 1.62 -2.33 -3.18
C LEU A 40 2.44 -3.09 -2.15
N GLU A 41 1.91 -4.22 -1.69
CA GLU A 41 2.61 -5.05 -0.72
C GLU A 41 3.98 -5.42 -1.28
N ILE A 42 4.00 -5.61 -2.60
CA ILE A 42 5.22 -5.95 -3.31
C ILE A 42 6.15 -4.75 -3.35
N SER A 43 5.58 -3.57 -3.63
CA SER A 43 6.36 -2.34 -3.68
C SER A 43 7.08 -2.09 -2.35
N ILE A 44 6.35 -2.26 -1.26
CA ILE A 44 6.91 -2.06 0.07
C ILE A 44 8.07 -3.01 0.32
N ASP A 45 7.82 -4.30 0.12
CA ASP A 45 8.84 -5.32 0.32
C ASP A 45 10.04 -5.06 -0.58
N ALA A 46 9.78 -4.50 -1.76
CA ALA A 46 10.84 -4.19 -2.71
C ALA A 46 11.83 -3.20 -2.09
N LEU A 47 11.29 -2.12 -1.52
CA LEU A 47 12.11 -1.10 -0.88
C LEU A 47 12.99 -1.73 0.19
N MET A 48 12.37 -2.43 1.13
CA MET A 48 13.09 -3.08 2.22
C MET A 48 14.33 -3.80 1.72
N ALA A 49 14.13 -4.71 0.76
CA ALA A 49 15.24 -5.46 0.19
C ALA A 49 16.22 -4.51 -0.50
N LYS A 50 15.73 -3.34 -0.90
CA LYS A 50 16.56 -2.35 -1.56
C LYS A 50 17.33 -1.53 -0.53
N ILE A 51 16.75 -1.39 0.66
CA ILE A 51 17.36 -0.63 1.72
C ILE A 51 18.57 -1.35 2.31
N LYS A 52 18.43 -2.66 2.48
CA LYS A 52 19.51 -3.47 3.03
C LYS A 52 20.41 -4.06 1.95
N SER A 53 19.85 -4.29 0.76
CA SER A 53 20.62 -4.85 -0.35
C SER A 53 21.00 -3.78 -1.37
N THR A 54 21.05 -2.53 -0.92
CA THR A 54 21.41 -1.42 -1.79
C THR A 54 21.33 -0.09 -1.05
N MET A 55 22.17 0.86 -1.46
CA MET A 55 22.20 2.18 -0.83
C MET A 55 21.00 3.01 -1.27
N MET A 56 19.81 2.56 -0.89
CA MET A 56 18.58 3.27 -1.23
C MET A 56 18.56 4.66 -0.60
N THR A 57 18.38 5.67 -1.43
CA THR A 57 18.34 7.04 -0.96
C THR A 57 16.99 7.36 -0.32
N ARG A 58 17.03 8.04 0.83
CA ARG A 58 15.81 8.39 1.54
C ARG A 58 14.83 9.12 0.62
N GLU A 59 15.36 9.92 -0.30
CA GLU A 59 14.54 10.66 -1.24
C GLU A 59 13.71 9.70 -2.09
N GLN A 60 14.33 8.62 -2.53
CA GLN A 60 13.66 7.61 -3.34
C GLN A 60 12.59 6.90 -2.52
N ILE A 61 12.85 6.74 -1.23
CA ILE A 61 11.91 6.09 -0.33
C ILE A 61 10.67 6.95 -0.11
N GLN A 62 10.88 8.26 -0.03
CA GLN A 62 9.79 9.20 0.18
C GLN A 62 8.84 9.19 -1.02
N LYS A 63 9.40 9.32 -2.22
CA LYS A 63 8.60 9.32 -3.43
C LYS A 63 7.90 7.98 -3.62
N GLU A 64 8.64 6.89 -3.46
CA GLU A 64 8.07 5.57 -3.58
C GLU A 64 6.90 5.44 -2.62
N TYR A 65 7.04 6.09 -1.47
CA TYR A 65 5.98 6.10 -0.48
C TYR A 65 4.77 6.80 -1.07
N ASP A 66 5.04 7.85 -1.85
CA ASP A 66 3.99 8.60 -2.50
C ASP A 66 3.35 7.76 -3.59
N ALA A 67 4.17 6.97 -4.29
CA ALA A 67 3.66 6.11 -5.35
C ALA A 67 2.60 5.18 -4.79
N LEU A 68 2.86 4.68 -3.58
CA LEU A 68 1.92 3.79 -2.90
C LEU A 68 0.73 4.59 -2.39
N VAL A 69 0.97 5.85 -2.05
CA VAL A 69 -0.09 6.72 -1.56
C VAL A 69 -1.07 7.05 -2.68
N LYS A 70 -0.55 7.22 -3.89
CA LYS A 70 -1.37 7.53 -5.04
C LYS A 70 -2.25 6.33 -5.40
N SER A 71 -1.62 5.17 -5.50
CA SER A 71 -2.34 3.94 -5.82
C SER A 71 -3.32 3.62 -4.71
N SER A 72 -2.87 3.77 -3.47
CA SER A 72 -3.71 3.50 -2.32
C SER A 72 -4.92 4.43 -2.32
N GLU A 73 -4.66 5.73 -2.48
CA GLU A 73 -5.73 6.72 -2.52
C GLU A 73 -6.82 6.31 -3.49
N ASP A 74 -6.41 5.83 -4.66
CA ASP A 74 -7.35 5.39 -5.68
C ASP A 74 -8.17 4.21 -5.17
N LEU A 75 -7.52 3.32 -4.41
CA LEU A 75 -8.19 2.16 -3.86
C LEU A 75 -9.30 2.56 -2.89
N LEU A 76 -9.02 3.53 -2.04
CA LEU A 76 -10.01 4.02 -1.08
C LEU A 76 -11.19 4.62 -1.82
N SER A 77 -10.89 5.49 -2.78
CA SER A 77 -11.92 6.13 -3.58
C SER A 77 -12.80 5.10 -4.27
N ALA A 78 -12.16 4.08 -4.82
CA ALA A 78 -12.89 3.02 -5.51
C ALA A 78 -13.76 2.24 -4.53
N LEU A 79 -13.19 1.88 -3.40
CA LEU A 79 -13.92 1.13 -2.38
C LEU A 79 -15.11 1.94 -1.87
N GLN A 80 -14.87 3.22 -1.60
CA GLN A 80 -15.93 4.11 -1.11
C GLN A 80 -17.12 4.10 -2.06
N LYS A 81 -16.84 4.20 -3.36
CA LYS A 81 -17.90 4.21 -4.37
C LYS A 81 -18.73 2.94 -4.27
N LYS A 82 -18.04 1.79 -4.21
CA LYS A 82 -18.70 0.51 -4.13
C LYS A 82 -19.66 0.45 -2.94
N LYS A 83 -19.24 1.04 -1.82
CA LYS A 83 -20.06 1.07 -0.62
C LYS A 83 -21.33 1.88 -0.84
N GLN A 84 -21.16 3.11 -1.28
CA GLN A 84 -22.29 4.00 -1.55
C GLN A 84 -23.17 3.41 -2.64
N GLN A 85 -22.58 2.58 -3.50
CA GLN A 85 -23.31 1.95 -4.59
C GLN A 85 -24.27 0.88 -4.07
N GLU A 86 -23.75 0.02 -3.20
CA GLU A 86 -24.55 -1.05 -2.61
C GLU A 86 -25.11 -1.96 -3.70
N GLU A 87 -25.71 -3.07 -3.30
CA GLU A 87 -26.30 -4.01 -4.24
C GLU A 87 -27.82 -4.03 -4.13
N GLU A 88 -28.33 -3.72 -2.95
CA GLU A 88 -29.77 -3.69 -2.71
C GLU A 88 -30.38 -2.38 -3.19
N GLN A 1 25.06 5.29 9.65
CA GLN A 1 23.95 5.21 8.72
C GLN A 1 22.74 4.53 9.36
N GLY A 2 22.02 5.27 10.19
CA GLY A 2 20.85 4.72 10.86
C GLY A 2 19.68 4.53 9.92
N PRO A 3 19.05 3.34 9.91
CA PRO A 3 17.92 3.06 9.04
C PRO A 3 16.78 4.07 9.22
N GLY A 4 16.85 5.18 8.49
CA GLY A 4 15.83 6.20 8.59
C GLY A 4 14.87 6.17 7.41
N SER A 5 14.25 5.03 7.18
CA SER A 5 13.31 4.87 6.08
C SER A 5 12.48 3.60 6.25
N LEU A 6 13.13 2.52 6.65
CA LEU A 6 12.46 1.24 6.85
C LEU A 6 11.26 1.39 7.78
N VAL A 7 11.37 2.31 8.74
CA VAL A 7 10.29 2.54 9.68
C VAL A 7 9.05 3.08 8.99
N LYS A 8 9.24 4.06 8.11
CA LYS A 8 8.13 4.65 7.38
C LYS A 8 7.51 3.64 6.42
N VAL A 9 8.37 2.94 5.69
CA VAL A 9 7.92 1.92 4.74
C VAL A 9 7.08 0.88 5.46
N GLY A 10 7.55 0.43 6.62
CA GLY A 10 6.82 -0.55 7.39
C GLY A 10 5.46 -0.04 7.80
N THR A 11 5.40 1.23 8.15
CA THR A 11 4.14 1.86 8.55
C THR A 11 3.11 1.72 7.44
N LEU A 12 3.54 1.95 6.21
CA LEU A 12 2.67 1.82 5.06
C LEU A 12 2.15 0.40 4.94
N LYS A 13 3.03 -0.57 5.12
CA LYS A 13 2.64 -1.98 5.07
C LYS A 13 1.47 -2.20 6.01
N LYS A 14 1.53 -1.55 7.17
CA LYS A 14 0.48 -1.64 8.16
C LYS A 14 -0.80 -1.02 7.61
N ARG A 15 -0.64 0.05 6.84
CA ARG A 15 -1.78 0.72 6.23
C ARG A 15 -2.45 -0.21 5.22
N LEU A 16 -1.63 -1.04 4.57
CA LEU A 16 -2.13 -1.99 3.59
C LEU A 16 -3.08 -2.99 4.26
N ASP A 17 -2.60 -3.61 5.34
CA ASP A 17 -3.41 -4.58 6.06
C ASP A 17 -4.70 -3.94 6.55
N LYS A 18 -4.61 -2.66 6.93
CA LYS A 18 -5.77 -1.93 7.40
C LYS A 18 -6.85 -1.87 6.32
N PHE A 19 -6.43 -1.61 5.08
CA PHE A 19 -7.36 -1.54 3.96
C PHE A 19 -8.06 -2.88 3.77
N ASN A 20 -7.28 -3.96 3.86
CA ASN A 20 -7.82 -5.30 3.69
C ASN A 20 -8.99 -5.54 4.65
N GLU A 21 -8.79 -5.16 5.92
CA GLU A 21 -9.83 -5.33 6.93
C GLU A 21 -11.10 -4.57 6.53
N VAL A 22 -10.94 -3.30 6.19
CA VAL A 22 -12.08 -2.47 5.80
C VAL A 22 -12.74 -3.02 4.54
N VAL A 23 -11.92 -3.49 3.60
CA VAL A 23 -12.44 -4.06 2.36
C VAL A 23 -13.18 -5.37 2.61
N SER A 24 -12.64 -6.18 3.51
CA SER A 24 -13.25 -7.46 3.84
C SER A 24 -14.56 -7.26 4.59
N ALA A 25 -14.69 -6.12 5.27
CA ALA A 25 -15.89 -5.80 6.02
C ALA A 25 -17.06 -5.46 5.10
N LEU A 26 -16.74 -4.86 3.95
CA LEU A 26 -17.77 -4.48 2.99
C LEU A 26 -17.93 -5.53 1.90
N LYS A 27 -16.90 -6.35 1.71
CA LYS A 27 -16.93 -7.40 0.69
C LYS A 27 -17.12 -6.80 -0.70
N ASP A 28 -17.27 -7.67 -1.69
CA ASP A 28 -17.46 -7.24 -3.07
C ASP A 28 -16.18 -6.64 -3.64
N GLY A 29 -15.89 -6.97 -4.90
CA GLY A 29 -14.68 -6.45 -5.54
C GLY A 29 -13.43 -6.89 -4.81
N LYS A 30 -13.22 -8.19 -4.73
CA LYS A 30 -12.04 -8.74 -4.06
C LYS A 30 -10.82 -8.77 -4.99
N PRO A 31 -11.00 -9.24 -6.24
CA PRO A 31 -9.90 -9.31 -7.21
C PRO A 31 -9.18 -7.97 -7.38
N GLU A 32 -9.95 -6.89 -7.42
CA GLU A 32 -9.38 -5.56 -7.58
C GLU A 32 -8.58 -5.16 -6.34
N VAL A 33 -9.10 -5.51 -5.17
CA VAL A 33 -8.45 -5.19 -3.91
C VAL A 33 -7.18 -6.01 -3.71
N ASN A 34 -7.32 -7.33 -3.75
CA ASN A 34 -6.17 -8.20 -3.59
C ASN A 34 -5.12 -7.95 -4.66
N ARG A 35 -5.56 -7.44 -5.82
CA ARG A 35 -4.66 -7.16 -6.93
C ARG A 35 -3.81 -5.92 -6.65
N GLN A 36 -4.43 -4.88 -6.12
CA GLN A 36 -3.70 -3.65 -5.81
C GLN A 36 -2.99 -3.79 -4.48
N ILE A 37 -3.71 -4.33 -3.51
CA ILE A 37 -3.16 -4.54 -2.18
C ILE A 37 -1.91 -5.43 -2.26
N LYS A 38 -1.96 -6.46 -3.09
CA LYS A 38 -0.83 -7.38 -3.24
C LYS A 38 0.34 -6.72 -3.96
N ASN A 39 0.10 -6.09 -5.11
CA ASN A 39 1.18 -5.45 -5.85
C ASN A 39 1.85 -4.35 -5.02
N LEU A 40 1.10 -3.81 -4.06
CA LEU A 40 1.64 -2.77 -3.19
C LEU A 40 2.47 -3.40 -2.09
N GLU A 41 1.96 -4.48 -1.50
CA GLU A 41 2.69 -5.19 -0.46
C GLU A 41 4.04 -5.62 -1.00
N ILE A 42 4.06 -5.95 -2.28
CA ILE A 42 5.28 -6.35 -2.97
C ILE A 42 6.20 -5.15 -3.16
N SER A 43 5.60 -4.03 -3.56
CA SER A 43 6.38 -2.81 -3.77
C SER A 43 7.08 -2.41 -2.47
N ILE A 44 6.35 -2.42 -1.38
CA ILE A 44 6.89 -2.07 -0.08
C ILE A 44 8.06 -2.99 0.29
N ASP A 45 7.81 -4.29 0.22
CA ASP A 45 8.85 -5.27 0.52
C ASP A 45 10.05 -5.11 -0.41
N ALA A 46 9.78 -4.71 -1.65
CA ALA A 46 10.85 -4.50 -2.62
C ALA A 46 11.84 -3.47 -2.10
N LEU A 47 11.34 -2.34 -1.65
CA LEU A 47 12.19 -1.29 -1.11
C LEU A 47 13.03 -1.84 0.04
N MET A 48 12.35 -2.42 1.03
CA MET A 48 13.03 -2.99 2.20
C MET A 48 14.25 -3.80 1.79
N ALA A 49 14.03 -4.81 0.96
CA ALA A 49 15.12 -5.66 0.48
C ALA A 49 16.16 -4.82 -0.25
N LYS A 50 15.74 -3.68 -0.79
CA LYS A 50 16.64 -2.79 -1.51
C LYS A 50 17.40 -1.91 -0.54
N ILE A 51 16.78 -1.61 0.60
CA ILE A 51 17.40 -0.76 1.61
C ILE A 51 18.51 -1.50 2.33
N LYS A 52 18.33 -2.80 2.53
CA LYS A 52 19.32 -3.61 3.23
C LYS A 52 20.30 -4.28 2.27
N SER A 53 20.16 -4.01 0.96
CA SER A 53 21.06 -4.61 -0.03
C SER A 53 21.51 -3.59 -1.07
N THR A 54 21.42 -2.32 -0.73
CA THR A 54 21.83 -1.24 -1.63
C THR A 54 22.09 0.05 -0.86
N MET A 55 22.24 1.15 -1.59
CA MET A 55 22.48 2.45 -0.98
C MET A 55 21.53 3.49 -1.55
N MET A 56 20.29 3.07 -1.81
CA MET A 56 19.28 3.97 -2.36
C MET A 56 19.09 5.19 -1.47
N THR A 57 18.93 6.35 -2.10
CA THR A 57 18.74 7.60 -1.38
C THR A 57 17.33 7.68 -0.80
N ARG A 58 17.20 8.26 0.39
CA ARG A 58 15.90 8.40 1.04
C ARG A 58 14.92 9.10 0.12
N GLU A 59 15.43 9.99 -0.74
CA GLU A 59 14.60 10.73 -1.67
C GLU A 59 13.83 9.76 -2.57
N GLN A 60 14.54 8.73 -3.05
CA GLN A 60 13.92 7.73 -3.91
C GLN A 60 12.81 7.01 -3.15
N ILE A 61 13.02 6.81 -1.86
CA ILE A 61 12.03 6.16 -1.01
C ILE A 61 10.84 7.07 -0.79
N GLN A 62 11.11 8.37 -0.71
CA GLN A 62 10.06 9.36 -0.51
C GLN A 62 9.03 9.30 -1.63
N LYS A 63 9.51 9.36 -2.87
CA LYS A 63 8.63 9.29 -4.02
C LYS A 63 7.89 7.97 -4.06
N GLU A 64 8.62 6.88 -3.84
CA GLU A 64 7.99 5.56 -3.82
C GLU A 64 6.89 5.55 -2.77
N TYR A 65 7.13 6.30 -1.70
CA TYR A 65 6.14 6.43 -0.64
C TYR A 65 4.90 7.10 -1.22
N ASP A 66 5.14 8.07 -2.10
CA ASP A 66 4.04 8.77 -2.76
C ASP A 66 3.32 7.83 -3.71
N ALA A 67 4.09 6.96 -4.37
CA ALA A 67 3.50 5.99 -5.30
C ALA A 67 2.50 5.11 -4.56
N LEU A 68 2.82 4.81 -3.31
CA LEU A 68 1.94 4.01 -2.47
C LEU A 68 0.77 4.85 -1.98
N VAL A 69 1.01 6.14 -1.77
CA VAL A 69 -0.02 7.04 -1.32
C VAL A 69 -1.05 7.30 -2.41
N LYS A 70 -0.57 7.34 -3.66
CA LYS A 70 -1.45 7.56 -4.80
C LYS A 70 -2.31 6.33 -5.06
N SER A 71 -1.67 5.16 -5.07
CA SER A 71 -2.38 3.91 -5.31
C SER A 71 -3.27 3.57 -4.12
N SER A 72 -2.80 3.87 -2.92
CA SER A 72 -3.55 3.60 -1.71
C SER A 72 -4.82 4.43 -1.67
N GLU A 73 -4.68 5.73 -1.89
CA GLU A 73 -5.82 6.65 -1.88
C GLU A 73 -6.83 6.24 -2.94
N ASP A 74 -6.33 5.81 -4.09
CA ASP A 74 -7.20 5.38 -5.19
C ASP A 74 -7.95 4.12 -4.80
N LEU A 75 -7.32 3.29 -3.97
CA LEU A 75 -7.94 2.05 -3.53
C LEU A 75 -9.15 2.33 -2.65
N LEU A 76 -8.98 3.22 -1.68
CA LEU A 76 -10.08 3.59 -0.79
C LEU A 76 -11.18 4.28 -1.57
N SER A 77 -10.77 5.23 -2.41
CA SER A 77 -11.71 5.98 -3.24
C SER A 77 -12.52 5.03 -4.13
N ALA A 78 -11.86 3.96 -4.58
CA ALA A 78 -12.52 2.98 -5.43
C ALA A 78 -13.56 2.19 -4.64
N LEU A 79 -13.23 1.89 -3.39
CA LEU A 79 -14.14 1.16 -2.52
C LEU A 79 -15.33 2.02 -2.12
N GLN A 80 -15.05 3.28 -1.78
CA GLN A 80 -16.10 4.20 -1.38
C GLN A 80 -17.16 4.32 -2.47
N LYS A 81 -16.73 4.63 -3.69
CA LYS A 81 -17.65 4.75 -4.81
C LYS A 81 -18.34 3.43 -5.07
N LYS A 82 -17.61 2.33 -4.85
CA LYS A 82 -18.15 1.00 -5.06
C LYS A 82 -19.32 0.75 -4.10
N LYS A 83 -19.20 1.27 -2.88
CA LYS A 83 -20.24 1.12 -1.89
C LYS A 83 -21.51 1.84 -2.31
N GLN A 84 -21.35 3.13 -2.62
CA GLN A 84 -22.47 3.95 -3.05
C GLN A 84 -23.14 3.36 -4.29
N GLN A 85 -22.35 2.59 -5.06
CA GLN A 85 -22.85 1.96 -6.27
C GLN A 85 -23.75 0.76 -5.93
N GLU A 86 -23.30 -0.05 -4.98
CA GLU A 86 -24.06 -1.22 -4.56
C GLU A 86 -24.24 -2.19 -5.71
N GLU A 87 -23.26 -2.23 -6.61
CA GLU A 87 -23.31 -3.12 -7.75
C GLU A 87 -21.94 -3.76 -8.00
N GLU A 88 -21.90 -4.70 -8.94
CA GLU A 88 -20.66 -5.39 -9.27
C GLU A 88 -19.60 -4.40 -9.76
N GLN A 1 23.76 5.44 8.28
CA GLN A 1 23.41 4.73 7.06
C GLN A 1 23.04 3.28 7.34
N GLY A 2 21.74 2.99 7.36
CA GLY A 2 21.28 1.65 7.64
C GLY A 2 19.81 1.60 8.00
N PRO A 3 19.47 1.39 9.29
CA PRO A 3 18.09 1.32 9.75
C PRO A 3 17.42 2.70 9.76
N GLY A 4 16.25 2.77 10.39
CA GLY A 4 15.54 4.03 10.47
C GLY A 4 14.46 4.16 9.42
N SER A 5 14.87 4.38 8.17
CA SER A 5 13.92 4.52 7.07
C SER A 5 13.09 3.25 6.90
N LEU A 6 13.66 2.11 7.28
CA LEU A 6 12.97 0.83 7.16
C LEU A 6 11.68 0.84 7.98
N VAL A 7 11.69 1.56 9.09
CA VAL A 7 10.51 1.65 9.95
C VAL A 7 9.33 2.27 9.20
N LYS A 8 9.56 3.44 8.61
CA LYS A 8 8.51 4.14 7.87
C LYS A 8 7.88 3.21 6.82
N VAL A 9 8.73 2.42 6.16
CA VAL A 9 8.26 1.50 5.15
C VAL A 9 7.31 0.47 5.77
N GLY A 10 7.74 -0.13 6.87
CA GLY A 10 6.90 -1.10 7.55
C GLY A 10 5.59 -0.50 8.01
N THR A 11 5.64 0.75 8.45
CA THR A 11 4.45 1.46 8.91
C THR A 11 3.40 1.48 7.81
N LEU A 12 3.82 1.83 6.60
CA LEU A 12 2.91 1.86 5.46
C LEU A 12 2.36 0.48 5.20
N LYS A 13 3.20 -0.54 5.38
CA LYS A 13 2.76 -1.91 5.19
C LYS A 13 1.55 -2.19 6.08
N LYS A 14 1.59 -1.64 7.28
CA LYS A 14 0.49 -1.78 8.22
C LYS A 14 -0.74 -1.07 7.69
N ARG A 15 -0.53 0.10 7.07
CA ARG A 15 -1.63 0.86 6.50
C ARG A 15 -2.34 0.04 5.43
N LEU A 16 -1.56 -0.71 4.66
CA LEU A 16 -2.13 -1.57 3.61
C LEU A 16 -3.04 -2.62 4.24
N ASP A 17 -2.54 -3.29 5.27
CA ASP A 17 -3.31 -4.32 5.96
C ASP A 17 -4.61 -3.71 6.49
N LYS A 18 -4.53 -2.48 6.97
CA LYS A 18 -5.69 -1.78 7.50
C LYS A 18 -6.76 -1.67 6.42
N PHE A 19 -6.33 -1.35 5.20
CA PHE A 19 -7.26 -1.22 4.09
C PHE A 19 -7.97 -2.55 3.84
N ASN A 20 -7.20 -3.64 3.87
CA ASN A 20 -7.76 -4.97 3.65
C ASN A 20 -8.91 -5.23 4.62
N GLU A 21 -8.72 -4.84 5.88
CA GLU A 21 -9.74 -5.02 6.90
C GLU A 21 -11.02 -4.29 6.50
N VAL A 22 -10.88 -3.01 6.19
CA VAL A 22 -12.02 -2.20 5.77
C VAL A 22 -12.68 -2.79 4.52
N VAL A 23 -11.85 -3.31 3.62
CA VAL A 23 -12.34 -3.92 2.39
C VAL A 23 -13.06 -5.23 2.68
N SER A 24 -12.62 -5.92 3.72
CA SER A 24 -13.22 -7.19 4.11
C SER A 24 -14.59 -6.96 4.75
N ALA A 25 -14.76 -5.80 5.36
CA ALA A 25 -16.01 -5.44 6.02
C ALA A 25 -17.13 -5.24 4.99
N LEU A 26 -16.77 -4.72 3.83
CA LEU A 26 -17.75 -4.48 2.77
C LEU A 26 -17.84 -5.67 1.82
N LYS A 27 -16.80 -6.51 1.82
CA LYS A 27 -16.78 -7.68 0.96
C LYS A 27 -16.91 -7.30 -0.51
N ASP A 28 -17.03 -8.30 -1.37
CA ASP A 28 -17.16 -8.05 -2.81
C ASP A 28 -15.89 -7.42 -3.36
N GLY A 29 -15.61 -7.67 -4.65
CA GLY A 29 -14.43 -7.11 -5.27
C GLY A 29 -13.15 -7.54 -4.57
N LYS A 30 -13.19 -8.74 -3.98
CA LYS A 30 -12.03 -9.28 -3.29
C LYS A 30 -10.80 -9.34 -4.20
N PRO A 31 -10.91 -10.05 -5.34
CA PRO A 31 -9.80 -10.18 -6.30
C PRO A 31 -9.27 -8.82 -6.74
N GLU A 32 -10.15 -7.84 -6.85
CA GLU A 32 -9.77 -6.50 -7.26
C GLU A 32 -8.88 -5.85 -6.21
N VAL A 33 -9.33 -5.90 -4.97
CA VAL A 33 -8.58 -5.32 -3.85
C VAL A 33 -7.32 -6.11 -3.57
N ASN A 34 -7.46 -7.41 -3.34
CA ASN A 34 -6.32 -8.26 -3.06
C ASN A 34 -5.24 -8.11 -4.14
N ARG A 35 -5.69 -7.86 -5.38
CA ARG A 35 -4.77 -7.71 -6.50
C ARG A 35 -4.01 -6.39 -6.44
N GLN A 36 -4.73 -5.31 -6.17
CA GLN A 36 -4.11 -3.99 -6.09
C GLN A 36 -3.31 -3.88 -4.80
N ILE A 37 -3.93 -4.34 -3.74
CA ILE A 37 -3.32 -4.34 -2.43
C ILE A 37 -2.02 -5.14 -2.45
N LYS A 38 -1.98 -6.17 -3.29
CA LYS A 38 -0.78 -7.00 -3.43
C LYS A 38 0.34 -6.21 -4.10
N ASN A 39 0.00 -5.58 -5.23
CA ASN A 39 0.99 -4.79 -5.97
C ASN A 39 1.69 -3.80 -5.04
N LEU A 40 0.92 -3.20 -4.14
CA LEU A 40 1.49 -2.25 -3.19
C LEU A 40 2.35 -2.98 -2.17
N GLU A 41 1.86 -4.11 -1.68
CA GLU A 41 2.61 -4.91 -0.72
C GLU A 41 3.96 -5.27 -1.32
N ILE A 42 3.94 -5.52 -2.63
CA ILE A 42 5.15 -5.85 -3.36
C ILE A 42 6.05 -4.63 -3.48
N SER A 43 5.44 -3.48 -3.75
CA SER A 43 6.19 -2.24 -3.87
C SER A 43 6.97 -1.96 -2.59
N ILE A 44 6.27 -2.01 -1.45
CA ILE A 44 6.89 -1.79 -0.15
C ILE A 44 8.02 -2.80 0.06
N ASP A 45 7.74 -4.06 -0.23
CA ASP A 45 8.74 -5.12 -0.07
C ASP A 45 9.94 -4.85 -0.97
N ALA A 46 9.68 -4.28 -2.14
CA ALA A 46 10.74 -3.95 -3.09
C ALA A 46 11.76 -3.02 -2.43
N LEU A 47 11.25 -1.95 -1.82
CA LEU A 47 12.12 -1.00 -1.15
C LEU A 47 12.98 -1.69 -0.11
N MET A 48 12.32 -2.43 0.79
CA MET A 48 13.02 -3.15 1.85
C MET A 48 14.24 -3.89 1.30
N ALA A 49 14.04 -4.70 0.29
CA ALA A 49 15.12 -5.45 -0.33
C ALA A 49 16.16 -4.50 -0.93
N LYS A 50 15.71 -3.29 -1.27
CA LYS A 50 16.59 -2.28 -1.85
C LYS A 50 17.35 -1.55 -0.74
N ILE A 51 16.74 -1.48 0.43
CA ILE A 51 17.36 -0.80 1.55
C ILE A 51 18.50 -1.61 2.13
N LYS A 52 18.33 -2.94 2.17
CA LYS A 52 19.35 -3.83 2.71
C LYS A 52 20.28 -4.35 1.62
N SER A 53 19.78 -4.44 0.39
CA SER A 53 20.58 -4.93 -0.72
C SER A 53 21.02 -3.80 -1.65
N THR A 54 21.10 -2.60 -1.11
CA THR A 54 21.51 -1.42 -1.88
C THR A 54 21.37 -0.15 -1.05
N MET A 55 22.16 0.87 -1.40
CA MET A 55 22.12 2.15 -0.70
C MET A 55 20.98 3.02 -1.21
N MET A 56 19.78 2.78 -0.72
CA MET A 56 18.61 3.55 -1.12
C MET A 56 18.50 4.85 -0.33
N THR A 57 18.55 5.98 -1.04
CA THR A 57 18.45 7.28 -0.40
C THR A 57 17.02 7.55 0.05
N ARG A 58 16.88 8.23 1.19
CA ARG A 58 15.55 8.55 1.72
C ARG A 58 14.70 9.24 0.67
N GLU A 59 15.34 10.04 -0.18
CA GLU A 59 14.63 10.76 -1.23
C GLU A 59 13.89 9.78 -2.15
N GLN A 60 14.62 8.75 -2.59
CA GLN A 60 14.03 7.73 -3.46
C GLN A 60 12.86 7.06 -2.76
N ILE A 61 12.97 6.92 -1.44
CA ILE A 61 11.91 6.29 -0.65
C ILE A 61 10.71 7.22 -0.53
N GLN A 62 10.99 8.53 -0.49
CA GLN A 62 9.93 9.52 -0.38
C GLN A 62 9.00 9.45 -1.59
N LYS A 63 9.59 9.40 -2.78
CA LYS A 63 8.80 9.33 -4.00
C LYS A 63 8.05 8.00 -4.05
N GLU A 64 8.75 6.90 -3.74
CA GLU A 64 8.11 5.60 -3.73
C GLU A 64 6.93 5.63 -2.78
N TYR A 65 7.07 6.37 -1.69
CA TYR A 65 5.99 6.52 -0.73
C TYR A 65 4.84 7.23 -1.43
N ASP A 66 5.18 8.16 -2.32
CA ASP A 66 4.17 8.89 -3.07
C ASP A 66 3.47 7.95 -4.05
N ALA A 67 4.24 7.03 -4.63
CA ALA A 67 3.66 6.06 -5.55
C ALA A 67 2.60 5.24 -4.84
N LEU A 68 2.86 4.96 -3.56
CA LEU A 68 1.93 4.20 -2.75
C LEU A 68 0.75 5.07 -2.33
N VAL A 69 1.02 6.37 -2.16
CA VAL A 69 -0.02 7.31 -1.77
C VAL A 69 -1.01 7.50 -2.92
N LYS A 70 -0.50 7.45 -4.14
CA LYS A 70 -1.34 7.61 -5.33
C LYS A 70 -2.22 6.38 -5.54
N SER A 71 -1.59 5.21 -5.48
CA SER A 71 -2.31 3.96 -5.65
C SER A 71 -3.23 3.70 -4.46
N SER A 72 -2.78 4.07 -3.28
CA SER A 72 -3.57 3.90 -2.06
C SER A 72 -4.79 4.80 -2.08
N GLU A 73 -4.58 6.08 -2.38
CA GLU A 73 -5.67 7.04 -2.43
C GLU A 73 -6.75 6.58 -3.40
N ASP A 74 -6.32 6.09 -4.57
CA ASP A 74 -7.25 5.62 -5.58
C ASP A 74 -7.96 4.36 -5.10
N LEU A 75 -7.28 3.57 -4.28
CA LEU A 75 -7.85 2.34 -3.75
C LEU A 75 -9.07 2.61 -2.89
N LEU A 76 -8.94 3.58 -1.98
CA LEU A 76 -10.05 3.94 -1.10
C LEU A 76 -11.19 4.50 -1.93
N SER A 77 -10.86 5.41 -2.84
CA SER A 77 -11.85 6.02 -3.72
C SER A 77 -12.58 4.96 -4.52
N ALA A 78 -11.83 3.99 -5.03
CA ALA A 78 -12.41 2.90 -5.81
C ALA A 78 -13.29 2.03 -4.94
N LEU A 79 -12.90 1.88 -3.68
CA LEU A 79 -13.65 1.07 -2.73
C LEU A 79 -15.00 1.71 -2.43
N GLN A 80 -14.98 3.01 -2.12
CA GLN A 80 -16.21 3.74 -1.82
C GLN A 80 -17.20 3.62 -2.96
N LYS A 81 -16.73 3.82 -4.18
CA LYS A 81 -17.59 3.71 -5.35
C LYS A 81 -18.05 2.27 -5.50
N LYS A 82 -17.23 1.33 -5.04
CA LYS A 82 -17.54 -0.09 -5.12
C LYS A 82 -18.68 -0.45 -4.17
N LYS A 83 -18.52 -0.11 -2.89
CA LYS A 83 -19.55 -0.41 -1.89
C LYS A 83 -20.84 0.34 -2.20
N GLN A 84 -20.71 1.60 -2.60
CA GLN A 84 -21.87 2.41 -2.92
C GLN A 84 -22.61 1.85 -4.14
N GLN A 85 -21.85 1.27 -5.07
CA GLN A 85 -22.43 0.69 -6.27
C GLN A 85 -23.05 -0.67 -5.98
N GLU A 86 -22.51 -1.36 -4.99
CA GLU A 86 -23.02 -2.69 -4.61
C GLU A 86 -24.53 -2.65 -4.36
N GLU A 87 -25.29 -3.13 -5.33
CA GLU A 87 -26.74 -3.15 -5.23
C GLU A 87 -27.28 -4.57 -5.32
N GLU A 88 -26.55 -5.44 -6.01
CA GLU A 88 -26.97 -6.83 -6.17
C GLU A 88 -26.51 -7.68 -4.99
N GLN A 1 23.24 0.62 13.73
CA GLN A 1 22.68 0.71 12.39
C GLN A 1 21.22 0.25 12.38
N GLY A 2 20.34 1.11 12.91
CA GLY A 2 18.94 0.78 12.95
C GLY A 2 18.28 0.84 11.58
N PRO A 3 16.94 0.76 11.53
CA PRO A 3 16.20 0.80 10.26
C PRO A 3 16.51 2.04 9.45
N GLY A 4 16.20 3.21 10.01
CA GLY A 4 16.46 4.46 9.33
C GLY A 4 15.32 4.88 8.42
N SER A 5 15.24 4.27 7.25
CA SER A 5 14.18 4.59 6.29
C SER A 5 13.13 3.47 6.25
N LEU A 6 13.56 2.26 6.59
CA LEU A 6 12.65 1.10 6.59
C LEU A 6 11.43 1.37 7.46
N VAL A 7 11.61 2.14 8.53
CA VAL A 7 10.53 2.47 9.44
C VAL A 7 9.31 3.01 8.68
N LYS A 8 9.55 3.95 7.77
CA LYS A 8 8.46 4.54 6.99
C LYS A 8 7.81 3.48 6.11
N VAL A 9 8.65 2.66 5.49
CA VAL A 9 8.16 1.59 4.62
C VAL A 9 7.23 0.66 5.40
N GLY A 10 7.64 0.30 6.62
CA GLY A 10 6.83 -0.57 7.44
C GLY A 10 5.50 0.06 7.78
N THR A 11 5.51 1.37 8.03
CA THR A 11 4.29 2.10 8.34
C THR A 11 3.27 1.92 7.23
N LEU A 12 3.72 2.07 5.99
CA LEU A 12 2.85 1.90 4.84
C LEU A 12 2.31 0.47 4.80
N LYS A 13 3.17 -0.48 5.18
CA LYS A 13 2.78 -1.88 5.21
C LYS A 13 1.54 -2.04 6.08
N LYS A 14 1.52 -1.28 7.18
CA LYS A 14 0.40 -1.30 8.10
C LYS A 14 -0.82 -0.70 7.43
N ARG A 15 -0.61 0.35 6.63
CA ARG A 15 -1.69 1.00 5.92
C ARG A 15 -2.37 0.01 4.97
N LEU A 16 -1.55 -0.85 4.36
CA LEU A 16 -2.07 -1.85 3.44
C LEU A 16 -2.99 -2.83 4.17
N ASP A 17 -2.48 -3.38 5.27
CA ASP A 17 -3.26 -4.32 6.07
C ASP A 17 -4.56 -3.66 6.55
N LYS A 18 -4.49 -2.36 6.79
CA LYS A 18 -5.65 -1.60 7.23
C LYS A 18 -6.74 -1.62 6.17
N PHE A 19 -6.34 -1.41 4.92
CA PHE A 19 -7.30 -1.42 3.81
C PHE A 19 -7.98 -2.78 3.70
N ASN A 20 -7.19 -3.85 3.84
CA ASN A 20 -7.72 -5.20 3.76
C ASN A 20 -8.81 -5.42 4.80
N GLU A 21 -8.58 -4.91 6.02
CA GLU A 21 -9.55 -5.04 7.10
C GLU A 21 -10.87 -4.40 6.72
N VAL A 22 -10.81 -3.14 6.28
CA VAL A 22 -12.00 -2.42 5.87
C VAL A 22 -12.69 -3.10 4.70
N VAL A 23 -11.89 -3.64 3.79
CA VAL A 23 -12.42 -4.33 2.62
C VAL A 23 -13.07 -5.66 3.02
N SER A 24 -12.52 -6.29 4.05
CA SER A 24 -13.05 -7.56 4.52
C SER A 24 -14.38 -7.37 5.24
N ALA A 25 -14.55 -6.20 5.85
CA ALA A 25 -15.78 -5.88 6.58
C ALA A 25 -16.94 -5.68 5.61
N LEU A 26 -16.64 -5.22 4.40
CA LEU A 26 -17.67 -4.99 3.39
C LEU A 26 -17.71 -6.12 2.37
N LYS A 27 -16.60 -6.82 2.23
CA LYS A 27 -16.53 -7.95 1.29
C LYS A 27 -16.79 -7.47 -0.14
N ASP A 28 -16.96 -8.42 -1.05
CA ASP A 28 -17.22 -8.09 -2.45
C ASP A 28 -16.02 -7.37 -3.07
N GLY A 29 -15.66 -7.77 -4.28
CA GLY A 29 -14.52 -7.16 -4.96
C GLY A 29 -13.20 -7.58 -4.35
N LYS A 30 -13.18 -8.75 -3.72
CA LYS A 30 -11.97 -9.27 -3.10
C LYS A 30 -10.81 -9.35 -4.09
N PRO A 31 -11.00 -10.06 -5.22
CA PRO A 31 -9.96 -10.21 -6.24
C PRO A 31 -9.40 -8.87 -6.69
N GLU A 32 -10.29 -7.91 -6.93
CA GLU A 32 -9.88 -6.58 -7.37
C GLU A 32 -8.99 -5.92 -6.32
N VAL A 33 -9.45 -5.95 -5.07
CA VAL A 33 -8.70 -5.37 -3.97
C VAL A 33 -7.36 -6.06 -3.82
N ASN A 34 -7.38 -7.37 -3.66
CA ASN A 34 -6.15 -8.14 -3.50
C ASN A 34 -5.18 -7.88 -4.65
N ARG A 35 -5.73 -7.48 -5.80
CA ARG A 35 -4.91 -7.21 -6.98
C ARG A 35 -4.11 -5.91 -6.82
N GLN A 36 -4.81 -4.84 -6.44
CA GLN A 36 -4.16 -3.55 -6.24
C GLN A 36 -3.38 -3.57 -4.94
N ILE A 37 -4.02 -4.10 -3.92
CA ILE A 37 -3.42 -4.22 -2.61
C ILE A 37 -2.13 -5.05 -2.70
N LYS A 38 -2.11 -6.00 -3.62
CA LYS A 38 -0.94 -6.86 -3.83
C LYS A 38 0.20 -6.05 -4.43
N ASN A 39 -0.07 -5.36 -5.53
CA ASN A 39 0.95 -4.54 -6.20
C ASN A 39 1.64 -3.62 -5.19
N LEU A 40 0.86 -3.07 -4.28
CA LEU A 40 1.40 -2.17 -3.27
C LEU A 40 2.24 -2.94 -2.27
N GLU A 41 1.74 -4.10 -1.84
CA GLU A 41 2.46 -4.94 -0.91
C GLU A 41 3.83 -5.27 -1.51
N ILE A 42 3.84 -5.44 -2.82
CA ILE A 42 5.06 -5.74 -3.55
C ILE A 42 5.96 -4.52 -3.60
N SER A 43 5.35 -3.36 -3.84
CA SER A 43 6.10 -2.10 -3.89
C SER A 43 6.83 -1.86 -2.57
N ILE A 44 6.09 -1.99 -1.47
CA ILE A 44 6.66 -1.79 -0.15
C ILE A 44 7.78 -2.79 0.11
N ASP A 45 7.46 -4.08 -0.06
CA ASP A 45 8.43 -5.14 0.14
C ASP A 45 9.64 -4.94 -0.77
N ALA A 46 9.39 -4.43 -1.98
CA ALA A 46 10.45 -4.18 -2.93
C ALA A 46 11.50 -3.26 -2.33
N LEU A 47 11.04 -2.15 -1.77
CA LEU A 47 11.94 -1.18 -1.15
C LEU A 47 12.78 -1.86 -0.08
N MET A 48 12.10 -2.52 0.87
CA MET A 48 12.77 -3.21 1.97
C MET A 48 13.96 -4.03 1.45
N ALA A 49 13.70 -4.95 0.53
CA ALA A 49 14.75 -5.77 -0.04
C ALA A 49 15.80 -4.90 -0.72
N LYS A 50 15.40 -3.70 -1.12
CA LYS A 50 16.29 -2.77 -1.78
C LYS A 50 17.11 -2.00 -0.75
N ILE A 51 16.53 -1.81 0.43
CA ILE A 51 17.19 -1.08 1.50
C ILE A 51 18.32 -1.91 2.11
N LYS A 52 18.11 -3.22 2.18
CA LYS A 52 19.10 -4.12 2.75
C LYS A 52 20.12 -4.59 1.72
N SER A 53 19.71 -4.65 0.46
CA SER A 53 20.61 -5.09 -0.60
C SER A 53 21.19 -3.93 -1.40
N THR A 54 21.11 -2.73 -0.82
CA THR A 54 21.65 -1.53 -1.46
C THR A 54 21.84 -0.42 -0.44
N MET A 55 22.07 0.80 -0.93
CA MET A 55 22.27 1.95 -0.06
C MET A 55 21.43 3.13 -0.56
N MET A 56 20.22 2.82 -1.02
CA MET A 56 19.31 3.85 -1.53
C MET A 56 19.15 4.99 -0.54
N THR A 57 18.85 6.18 -1.06
CA THR A 57 18.66 7.36 -0.24
C THR A 57 17.24 7.44 0.28
N ARG A 58 17.07 7.99 1.48
CA ARG A 58 15.74 8.12 2.08
C ARG A 58 14.82 8.94 1.17
N GLU A 59 15.41 9.86 0.42
CA GLU A 59 14.65 10.70 -0.50
C GLU A 59 13.92 9.84 -1.52
N GLN A 60 14.64 8.87 -2.09
CA GLN A 60 14.06 7.97 -3.07
C GLN A 60 12.90 7.19 -2.46
N ILE A 61 13.02 6.88 -1.18
CA ILE A 61 11.99 6.15 -0.45
C ILE A 61 10.76 7.04 -0.25
N GLN A 62 11.00 8.33 -0.03
CA GLN A 62 9.91 9.28 0.17
C GLN A 62 9.04 9.36 -1.07
N LYS A 63 9.67 9.45 -2.24
CA LYS A 63 8.93 9.52 -3.49
C LYS A 63 8.19 8.22 -3.75
N GLU A 64 8.90 7.10 -3.63
CA GLU A 64 8.27 5.80 -3.83
C GLU A 64 7.10 5.66 -2.89
N TYR A 65 7.24 6.25 -1.70
CA TYR A 65 6.17 6.24 -0.72
C TYR A 65 5.00 7.03 -1.29
N ASP A 66 5.32 8.09 -2.03
CA ASP A 66 4.29 8.91 -2.64
C ASP A 66 3.61 8.13 -3.77
N ALA A 67 4.39 7.33 -4.49
CA ALA A 67 3.83 6.53 -5.56
C ALA A 67 2.78 5.58 -5.01
N LEU A 68 3.04 5.08 -3.80
CA LEU A 68 2.12 4.19 -3.12
C LEU A 68 0.95 4.98 -2.57
N VAL A 69 1.21 6.24 -2.18
CA VAL A 69 0.17 7.09 -1.64
C VAL A 69 -0.84 7.44 -2.72
N LYS A 70 -0.37 7.56 -3.96
CA LYS A 70 -1.23 7.87 -5.09
C LYS A 70 -2.09 6.66 -5.44
N SER A 71 -1.44 5.50 -5.57
CA SER A 71 -2.14 4.27 -5.88
C SER A 71 -3.14 3.93 -4.79
N SER A 72 -2.72 4.13 -3.54
CA SER A 72 -3.58 3.85 -2.39
C SER A 72 -4.80 4.78 -2.41
N GLU A 73 -4.56 6.07 -2.59
CA GLU A 73 -5.64 7.05 -2.62
C GLU A 73 -6.73 6.61 -3.58
N ASP A 74 -6.31 6.13 -4.76
CA ASP A 74 -7.25 5.66 -5.76
C ASP A 74 -7.92 4.36 -5.31
N LEU A 75 -7.19 3.58 -4.52
CA LEU A 75 -7.71 2.31 -4.02
C LEU A 75 -8.90 2.53 -3.10
N LEU A 76 -8.72 3.44 -2.14
CA LEU A 76 -9.79 3.76 -1.19
C LEU A 76 -10.98 4.32 -1.94
N SER A 77 -10.70 5.25 -2.85
CA SER A 77 -11.74 5.88 -3.66
C SER A 77 -12.57 4.81 -4.38
N ALA A 78 -11.88 3.81 -4.92
CA ALA A 78 -12.55 2.73 -5.63
C ALA A 78 -13.47 1.97 -4.67
N LEU A 79 -12.96 1.67 -3.49
CA LEU A 79 -13.74 0.95 -2.48
C LEU A 79 -15.05 1.69 -2.22
N GLN A 80 -14.96 3.00 -1.99
CA GLN A 80 -16.13 3.81 -1.73
C GLN A 80 -17.12 3.69 -2.88
N LYS A 81 -16.60 3.63 -4.10
CA LYS A 81 -17.45 3.49 -5.27
C LYS A 81 -18.22 2.18 -5.22
N LYS A 82 -17.59 1.17 -4.62
CA LYS A 82 -18.19 -0.14 -4.49
C LYS A 82 -19.36 -0.13 -3.52
N LYS A 83 -19.08 0.28 -2.28
CA LYS A 83 -20.12 0.33 -1.26
C LYS A 83 -21.27 1.24 -1.67
N GLN A 84 -20.94 2.42 -2.18
CA GLN A 84 -21.95 3.38 -2.61
C GLN A 84 -22.78 2.82 -3.76
N GLN A 85 -22.13 2.06 -4.63
CA GLN A 85 -22.81 1.45 -5.77
C GLN A 85 -23.75 0.34 -5.32
N GLU A 86 -23.23 -0.60 -4.54
CA GLU A 86 -24.01 -1.71 -4.04
C GLU A 86 -25.17 -1.22 -3.16
N GLU A 87 -24.83 -0.75 -1.97
CA GLU A 87 -25.83 -0.25 -1.04
C GLU A 87 -25.98 1.26 -1.17
N GLU A 88 -26.83 1.85 -0.34
CA GLU A 88 -27.07 3.29 -0.36
C GLU A 88 -25.87 4.05 0.19
#